data_4YC6
#
_entry.id   4YC6
#
_cell.length_a   66.817
_cell.length_b   147.531
_cell.length_c   87.297
_cell.angle_alpha   90.000
_cell.angle_beta   92.060
_cell.angle_gamma   90.000
#
_symmetry.space_group_name_H-M   'P 1 21 1'
#
loop_
_entity.id
_entity.type
_entity.pdbx_description
1 polymer 'Cyclin-dependent kinase 1'
2 polymer 'Cyclin-dependent kinases regulatory subunit 1'
3 water water
#
loop_
_entity_poly.entity_id
_entity_poly.type
_entity_poly.pdbx_seq_one_letter_code
_entity_poly.pdbx_strand_id
1 'polypeptide(L)'
;MEDYTKIEKIGEGTYGVVYKGRHKTTGQVVAMKKIRLESEEEGVPSTAIREISLLKELRHPNIVSLQDVLMQDSRLYLIF
EFLSMDLKKYLDSIPPGQYMDSSLVKSYLYQILQGIVFCHSRRVLHRDLKPQNLLIDDKGTIKLADFGLARAFGIPIRVY
THEVVTLWYRSPEVLLGSARYSTPVDIWSIGTIFAELATKKPLFHGDSEIDQLFRIFRALGTPNNEVWPEVESLQDYKNT
FPKWKPGSLASHVKNLDENGLDLLSKMLIYDPAKRISGKMALNHPYFNDLDNQIKKM
;
A,C,E,G
2 'polypeptide(L)'
;MSHKQIYYSDKYDDEEFEYRHVMLPKDIAKLVPKTHLMSESEWRNLGVQQSQGWVHYMIHEPEPHILLFRRPLPKKPKKH
HHHHH
;
B,D,F,H
#
# COMPACT_ATOMS: atom_id res chain seq x y z
N MET A 1 32.89 4.21 17.36
CA MET A 1 32.20 3.63 18.56
C MET A 1 33.12 3.12 19.69
N GLU A 2 34.43 3.19 19.50
CA GLU A 2 35.37 2.96 20.59
C GLU A 2 35.10 3.91 21.73
N ASP A 3 35.06 5.20 21.41
CA ASP A 3 34.87 6.25 22.40
C ASP A 3 33.44 6.42 22.96
N TYR A 4 32.46 5.72 22.38
CA TYR A 4 31.03 5.92 22.69
C TYR A 4 30.22 4.65 22.94
N THR A 5 29.43 4.64 24.02
CA THR A 5 28.43 3.59 24.23
C THR A 5 27.09 4.05 23.70
N LYS A 6 26.42 3.20 22.92
CA LYS A 6 25.01 3.40 22.53
C LYS A 6 24.26 3.19 23.83
N ILE A 7 23.41 4.15 24.19
CA ILE A 7 22.47 4.03 25.31
C ILE A 7 21.11 3.62 24.74
N GLU A 8 20.56 4.42 23.80
CA GLU A 8 19.28 4.07 23.14
C GLU A 8 18.96 4.76 21.80
N LYS A 9 18.19 4.06 20.95
CA LYS A 9 17.49 4.62 19.77
C LYS A 9 16.57 5.78 20.11
N ILE A 10 16.57 6.82 19.26
CA ILE A 10 15.70 8.00 19.46
C ILE A 10 15.19 8.61 18.13
N GLY A 11 14.93 7.79 17.12
CA GLY A 11 14.22 8.27 15.93
C GLY A 11 14.93 8.03 14.62
N GLU A 12 14.41 8.69 13.56
CA GLU A 12 14.99 8.66 12.19
C GLU A 12 14.94 10.03 11.43
N GLY A 13 15.76 10.98 11.87
CA GLY A 13 15.76 12.34 11.36
C GLY A 13 16.28 12.44 9.94
N THR A 14 15.39 12.12 8.97
CA THR A 14 15.57 12.23 7.46
C THR A 14 16.86 11.63 6.85
N TYR A 15 17.98 11.83 7.53
CA TYR A 15 19.24 11.23 7.16
C TYR A 15 19.42 9.86 7.75
N GLY A 16 19.80 9.78 9.01
CA GLY A 16 20.12 8.50 9.60
C GLY A 16 19.04 7.86 10.48
N VAL A 17 19.50 6.88 11.24
CA VAL A 17 18.92 6.44 12.49
C VAL A 17 19.60 7.24 13.61
N VAL A 18 18.86 7.89 14.50
CA VAL A 18 19.47 8.71 15.56
C VAL A 18 19.52 7.96 16.88
N TYR A 19 20.67 7.96 17.53
CA TYR A 19 20.90 7.24 18.79
C TYR A 19 21.34 8.19 19.89
N LYS A 20 21.09 7.80 21.13
CA LYS A 20 21.67 8.45 22.30
C LYS A 20 22.93 7.69 22.69
N GLY A 21 23.95 8.42 23.10
CA GLY A 21 25.19 7.79 23.51
C GLY A 21 25.99 8.57 24.52
N ARG A 22 27.04 7.93 25.03
CA ARG A 22 27.94 8.57 25.97
C ARG A 22 29.43 8.39 25.63
N HIS A 23 30.19 9.48 25.75
CA HIS A 23 31.66 9.49 25.57
C HIS A 23 32.32 8.82 26.78
N LYS A 24 33.08 7.76 26.54
CA LYS A 24 33.70 6.97 27.63
C LYS A 24 34.84 7.66 28.38
N THR A 25 35.48 8.64 27.75
CA THR A 25 36.48 9.50 28.39
C THR A 25 35.76 10.58 29.19
N THR A 26 35.08 11.48 28.50
CA THR A 26 34.52 12.68 29.11
C THR A 26 33.13 12.50 29.77
N GLY A 27 32.50 11.32 29.68
CA GLY A 27 31.13 11.12 30.17
C GLY A 27 30.00 11.92 29.49
N GLN A 28 30.37 12.79 28.54
CA GLN A 28 29.44 13.62 27.75
C GLN A 28 28.33 12.76 27.14
N VAL A 29 27.11 13.29 27.21
CA VAL A 29 25.94 12.67 26.60
C VAL A 29 25.83 13.21 25.20
N VAL A 30 25.57 12.34 24.22
CA VAL A 30 25.52 12.74 22.81
C VAL A 30 24.38 12.18 21.98
N ALA A 31 24.12 12.88 20.88
CA ALA A 31 23.22 12.40 19.85
C ALA A 31 24.09 11.87 18.73
N MET A 32 23.82 10.65 18.26
CA MET A 32 24.61 10.04 17.22
C MET A 32 23.76 9.71 16.00
N LYS A 33 24.00 10.34 14.84
CA LYS A 33 23.34 9.95 13.59
C LYS A 33 24.16 8.87 12.91
N LYS A 34 23.62 7.71 12.63
CA LYS A 34 24.38 6.64 11.96
C LYS A 34 23.94 6.74 10.49
N ILE A 35 24.89 6.92 9.57
CA ILE A 35 24.59 7.07 8.12
C ILE A 35 25.39 6.13 7.23
N ARG A 36 24.70 5.37 6.39
CA ARG A 36 25.26 4.30 5.58
C ARG A 36 25.54 4.99 4.28
N LEU A 37 26.82 5.00 3.89
CA LEU A 37 27.15 5.64 2.66
C LEU A 37 27.12 4.74 1.43
N GLU A 38 26.61 5.37 0.36
CA GLU A 38 26.57 4.80 -0.97
C GLU A 38 28.03 4.50 -1.33
N SER A 39 28.29 3.25 -1.69
CA SER A 39 29.58 2.87 -2.27
C SER A 39 29.98 3.88 -3.35
N GLU A 40 31.26 4.20 -3.45
CA GLU A 40 31.69 5.19 -4.46
C GLU A 40 32.63 4.58 -5.46
N GLU A 41 32.75 5.26 -6.58
CA GLU A 41 33.59 4.81 -7.65
C GLU A 41 35.09 5.03 -7.32
N GLU A 42 35.94 4.31 -8.03
CA GLU A 42 37.41 4.34 -7.92
C GLU A 42 38.09 5.68 -7.70
N GLY A 43 38.14 6.51 -8.75
CA GLY A 43 38.77 7.82 -8.67
C GLY A 43 37.87 8.75 -7.88
N VAL A 44 36.64 8.88 -8.35
CA VAL A 44 35.65 9.83 -7.81
C VAL A 44 35.73 9.98 -6.29
N PRO A 45 36.32 11.10 -5.82
CA PRO A 45 36.40 11.30 -4.38
C PRO A 45 35.11 11.96 -3.93
N SER A 46 34.71 11.61 -2.71
CA SER A 46 33.39 11.96 -2.21
C SER A 46 33.34 13.38 -1.69
N THR A 47 32.57 14.20 -2.41
CA THR A 47 32.27 15.56 -2.00
C THR A 47 31.40 15.61 -0.76
N ALA A 48 30.59 14.58 -0.56
CA ALA A 48 29.77 14.47 0.65
C ALA A 48 30.61 14.60 1.91
N ILE A 49 31.68 13.83 2.01
CA ILE A 49 32.55 13.93 3.17
C ILE A 49 33.26 15.29 3.19
N ARG A 50 33.82 15.75 2.04
CA ARG A 50 34.45 17.08 1.97
C ARG A 50 33.62 18.14 2.69
N GLU A 51 32.33 18.17 2.36
CA GLU A 51 31.36 19.06 3.00
C GLU A 51 31.32 18.86 4.50
N ILE A 52 31.19 17.61 4.93
CA ILE A 52 31.01 17.31 6.36
C ILE A 52 32.23 17.73 7.16
N SER A 53 33.39 17.40 6.64
CA SER A 53 34.68 17.91 7.15
C SER A 53 34.59 19.39 7.50
N LEU A 54 34.16 20.18 6.52
CA LEU A 54 34.03 21.60 6.72
C LEU A 54 33.00 22.03 7.72
N LEU A 55 31.90 21.31 7.80
CA LEU A 55 30.85 21.62 8.76
C LEU A 55 31.22 21.31 10.20
N LYS A 56 32.14 20.40 10.39
CA LYS A 56 32.69 20.12 11.69
C LYS A 56 33.31 21.37 12.33
N GLU A 57 33.89 22.25 11.51
CA GLU A 57 34.52 23.47 12.02
C GLU A 57 33.54 24.30 12.82
N LEU A 58 32.33 24.40 12.33
CA LEU A 58 31.49 25.54 12.68
C LEU A 58 31.05 25.46 14.14
N ARG A 59 31.41 26.47 14.91
CA ARG A 59 30.91 26.66 16.24
C ARG A 59 30.20 28.00 16.34
N HIS A 60 29.09 28.04 17.07
CA HIS A 60 28.30 29.23 17.30
C HIS A 60 27.28 28.75 18.33
N PRO A 61 26.87 29.62 19.22
CA PRO A 61 26.02 29.15 20.34
C PRO A 61 24.63 28.74 19.90
N ASN A 62 24.07 29.50 18.98
CA ASN A 62 22.82 29.16 18.30
C ASN A 62 22.88 28.18 17.11
N ILE A 63 23.89 27.32 17.05
CA ILE A 63 23.84 26.14 16.15
C ILE A 63 24.34 24.90 16.86
N VAL A 64 23.85 23.75 16.42
CA VAL A 64 24.09 22.50 17.10
C VAL A 64 25.42 22.07 16.62
N SER A 65 26.40 22.20 17.50
CA SER A 65 27.74 21.91 17.10
C SER A 65 27.86 20.41 16.86
N LEU A 66 28.33 20.18 15.66
CA LEU A 66 28.75 18.91 15.17
C LEU A 66 30.15 18.60 15.72
N GLN A 67 30.17 17.88 16.84
CA GLN A 67 31.40 17.55 17.57
C GLN A 67 32.41 16.63 16.92
N ASP A 68 31.99 15.60 16.24
CA ASP A 68 32.94 14.61 15.71
C ASP A 68 32.30 13.90 14.53
N VAL A 69 33.13 13.20 13.76
CA VAL A 69 32.69 12.42 12.62
C VAL A 69 33.54 11.19 12.60
N LEU A 70 32.94 10.03 12.33
CA LEU A 70 33.70 8.80 12.42
C LEU A 70 33.37 7.89 11.27
N MET A 71 34.26 6.95 11.01
CA MET A 71 34.15 6.07 9.87
C MET A 71 34.34 4.63 10.29
N GLN A 72 33.29 3.84 10.09
CA GLN A 72 33.34 2.40 10.29
C GLN A 72 33.36 1.84 8.89
N ASP A 73 32.90 0.60 8.73
CA ASP A 73 32.94 -0.03 7.41
C ASP A 73 31.90 0.67 6.55
N SER A 74 32.36 1.62 5.73
CA SER A 74 31.51 2.41 4.82
C SER A 74 30.28 3.11 5.47
N ARG A 75 30.31 3.26 6.79
CA ARG A 75 29.28 4.04 7.46
C ARG A 75 29.87 5.13 8.33
N LEU A 76 29.04 6.14 8.54
CA LEU A 76 29.45 7.45 8.98
C LEU A 76 28.65 7.90 10.18
N TYR A 77 29.34 8.29 11.23
CA TYR A 77 28.66 8.61 12.47
C TYR A 77 28.80 10.06 12.72
N LEU A 78 27.69 10.76 12.80
CA LEU A 78 27.75 12.16 13.11
C LEU A 78 27.48 12.40 14.56
N ILE A 79 28.43 12.95 15.29
CA ILE A 79 28.26 13.13 16.73
C ILE A 79 27.91 14.55 17.07
N PHE A 80 26.74 14.76 17.67
CA PHE A 80 26.21 16.05 18.06
C PHE A 80 26.03 16.09 19.54
N GLU A 81 25.92 17.30 20.09
CA GLU A 81 25.48 17.45 21.48
C GLU A 81 24.04 16.97 21.64
N PHE A 82 23.73 16.37 22.80
CA PHE A 82 22.39 15.80 23.06
C PHE A 82 21.40 16.82 23.61
N LEU A 83 20.37 17.18 22.84
CA LEU A 83 19.29 18.04 23.31
C LEU A 83 18.00 17.24 23.28
N SER A 84 17.19 17.37 24.33
CA SER A 84 15.99 16.55 24.55
C SER A 84 14.67 17.22 24.12
N MET A 85 14.77 18.49 23.75
CA MET A 85 13.62 19.26 23.36
C MET A 85 13.85 19.85 22.00
N ASP A 86 12.78 19.96 21.24
CA ASP A 86 12.77 20.74 20.01
C ASP A 86 11.52 21.54 19.95
N LEU A 87 11.50 22.43 19.02
CA LEU A 87 10.50 23.44 19.04
C LEU A 87 9.13 22.91 18.64
N LYS A 88 9.11 21.96 17.71
CA LYS A 88 7.83 21.28 17.37
C LYS A 88 7.15 20.64 18.58
N LYS A 89 7.95 19.91 19.32
CA LYS A 89 7.61 19.32 20.55
C LYS A 89 7.12 20.40 21.49
N TYR A 90 7.90 21.45 21.67
CA TYR A 90 7.53 22.54 22.59
C TYR A 90 6.14 23.08 22.28
N LEU A 91 5.96 23.46 21.03
CA LEU A 91 4.74 24.12 20.62
C LEU A 91 3.56 23.24 20.88
N ASP A 92 3.71 21.95 20.61
CA ASP A 92 2.67 20.99 20.91
C ASP A 92 2.24 20.97 22.39
N SER A 93 3.22 21.16 23.29
CA SER A 93 3.02 21.10 24.72
C SER A 93 2.27 22.30 25.31
N ILE A 94 1.98 23.31 24.50
CA ILE A 94 1.29 24.49 25.00
C ILE A 94 -0.19 24.21 25.14
N PRO A 95 -0.75 24.50 26.33
CA PRO A 95 -2.13 24.16 26.51
C PRO A 95 -3.03 25.05 25.67
N PRO A 96 -4.25 24.57 25.37
CA PRO A 96 -5.07 25.30 24.40
C PRO A 96 -5.65 26.54 25.07
N GLY A 97 -5.74 27.61 24.31
CA GLY A 97 -6.13 28.92 24.85
C GLY A 97 -4.95 29.83 25.23
N GLN A 98 -3.81 29.24 25.64
CA GLN A 98 -2.55 29.97 25.92
C GLN A 98 -1.68 30.13 24.71
N TYR A 99 -0.78 31.11 24.75
CA TYR A 99 0.11 31.34 23.66
C TYR A 99 1.48 31.54 24.22
N MET A 100 2.46 31.47 23.33
CA MET A 100 3.85 31.62 23.68
C MET A 100 4.07 33.07 24.02
N ASP A 101 4.69 33.30 25.17
CA ASP A 101 4.89 34.64 25.70
C ASP A 101 5.63 35.49 24.67
N SER A 102 5.03 36.59 24.23
CA SER A 102 5.50 37.30 22.99
C SER A 102 6.93 37.81 23.04
N SER A 103 7.45 37.95 24.25
CA SER A 103 8.83 38.26 24.44
C SER A 103 9.73 37.05 24.31
N LEU A 104 9.21 35.86 24.60
CA LEU A 104 9.94 34.62 24.30
C LEU A 104 10.02 34.28 22.80
N VAL A 105 8.94 34.58 22.08
CA VAL A 105 8.90 34.53 20.61
C VAL A 105 10.05 35.33 20.07
N LYS A 106 10.07 36.59 20.52
CA LYS A 106 11.07 37.59 20.09
C LYS A 106 12.47 37.09 20.40
N SER A 107 12.68 36.66 21.64
CA SER A 107 13.92 35.98 22.00
C SER A 107 14.28 34.89 20.99
N TYR A 108 13.37 33.95 20.81
CA TYR A 108 13.64 32.78 19.97
C TYR A 108 13.99 33.16 18.54
N LEU A 109 13.22 34.07 17.96
CA LEU A 109 13.47 34.46 16.58
C LEU A 109 14.88 35.04 16.41
N TYR A 110 15.28 35.91 17.33
CA TYR A 110 16.56 36.53 17.28
C TYR A 110 17.67 35.50 17.28
N GLN A 111 17.51 34.55 18.18
CA GLN A 111 18.48 33.48 18.31
C GLN A 111 18.59 32.67 17.03
N ILE A 112 17.44 32.34 16.45
CA ILE A 112 17.34 31.66 15.17
C ILE A 112 18.03 32.48 14.07
N LEU A 113 17.72 33.77 14.00
CA LEU A 113 18.38 34.67 13.04
C LEU A 113 19.89 34.70 13.21
N GLN A 114 20.34 34.75 14.46
CA GLN A 114 21.76 34.74 14.69
C GLN A 114 22.47 33.51 14.15
N GLY A 115 21.87 32.34 14.38
CA GLY A 115 22.43 31.08 13.91
C GLY A 115 22.48 31.03 12.40
N ILE A 116 21.49 31.61 11.73
CA ILE A 116 21.43 31.52 10.27
C ILE A 116 22.35 32.50 9.61
N VAL A 117 22.36 33.72 10.17
CA VAL A 117 23.32 34.73 9.76
C VAL A 117 24.70 34.13 9.86
N PHE A 118 25.01 33.43 10.95
CA PHE A 118 26.31 32.79 11.08
C PHE A 118 26.60 31.84 9.94
N CYS A 119 25.62 31.02 9.65
CA CYS A 119 25.74 30.01 8.63
C CYS A 119 25.90 30.62 7.29
N HIS A 120 25.26 31.74 7.08
CA HIS A 120 25.14 32.30 5.76
C HIS A 120 26.34 33.03 5.07
N SER A 121 26.92 34.12 5.53
CA SER A 121 28.09 34.29 6.45
C SER A 121 29.21 33.33 6.21
N ARG A 122 29.00 32.03 6.49
CA ARG A 122 30.01 31.01 6.16
C ARG A 122 29.79 30.22 4.84
N ARG A 123 29.00 30.79 3.93
CA ARG A 123 28.62 30.22 2.63
C ARG A 123 27.69 29.01 2.74
N VAL A 124 27.04 28.82 3.89
CA VAL A 124 26.34 27.55 4.20
C VAL A 124 24.86 27.80 4.38
N LEU A 125 24.04 26.97 3.74
CA LEU A 125 22.55 27.03 3.93
C LEU A 125 21.99 25.91 4.77
N HIS A 126 20.76 26.10 5.21
CA HIS A 126 19.91 25.01 5.70
C HIS A 126 19.12 24.34 4.62
N ARG A 127 18.15 25.06 4.05
CA ARG A 127 17.25 24.58 2.96
C ARG A 127 16.01 23.92 3.48
N ASP A 128 16.22 22.91 4.30
CA ASP A 128 15.14 22.14 4.90
C ASP A 128 14.79 22.65 6.32
N LEU A 129 14.70 23.95 6.49
CA LEU A 129 14.51 24.47 7.81
C LEU A 129 13.06 24.31 8.30
N LYS A 130 12.88 24.01 9.60
CA LYS A 130 11.55 23.78 10.21
C LYS A 130 11.61 23.47 11.68
N PRO A 131 10.48 23.56 12.42
CA PRO A 131 10.55 23.56 13.89
C PRO A 131 11.21 22.36 14.55
N GLN A 132 11.03 21.17 14.01
N GLN A 132 11.03 21.17 14.01
CA GLN A 132 11.76 20.01 14.56
CA GLN A 132 11.74 20.03 14.56
C GLN A 132 13.28 20.09 14.37
C GLN A 132 13.27 20.08 14.36
N ASN A 133 13.78 21.01 13.53
CA ASN A 133 15.25 21.27 13.43
C ASN A 133 15.79 22.25 14.47
N LEU A 134 14.91 22.99 15.12
CA LEU A 134 15.28 24.00 16.10
C LEU A 134 15.21 23.39 17.48
N LEU A 135 16.36 22.96 17.97
CA LEU A 135 16.48 22.34 19.28
C LEU A 135 16.56 23.37 20.39
N ILE A 136 16.26 22.95 21.63
CA ILE A 136 16.34 23.79 22.84
C ILE A 136 17.00 23.07 24.01
N ASP A 137 17.86 23.78 24.76
CA ASP A 137 18.34 23.30 26.07
C ASP A 137 17.54 23.89 27.26
N ASP A 138 17.72 23.25 28.42
CA ASP A 138 17.22 23.72 29.73
C ASP A 138 17.55 25.19 30.04
N LYS A 139 18.70 25.65 29.51
CA LYS A 139 19.13 27.07 29.62
C LYS A 139 18.31 28.04 28.76
N GLY A 140 17.33 27.56 28.00
CA GLY A 140 16.48 28.42 27.18
C GLY A 140 17.15 28.96 25.92
N THR A 141 18.16 28.23 25.45
CA THR A 141 18.88 28.59 24.24
C THR A 141 18.33 27.71 23.16
N ILE A 142 18.23 28.27 21.95
CA ILE A 142 17.70 27.59 20.77
C ILE A 142 18.79 27.47 19.70
N LYS A 143 18.81 26.36 18.98
CA LYS A 143 19.92 26.01 18.13
C LYS A 143 19.47 25.32 16.84
N LEU A 144 20.04 25.71 15.71
CA LEU A 144 19.75 25.07 14.45
C LEU A 144 20.48 23.77 14.38
N ALA A 145 19.76 22.75 13.94
CA ALA A 145 20.36 21.47 13.67
C ALA A 145 20.25 21.20 12.20
N ASP A 146 21.17 20.36 11.72
CA ASP A 146 21.16 19.88 10.34
C ASP A 146 21.49 20.89 9.24
N PHE A 147 22.09 22.01 9.63
CA PHE A 147 22.59 23.00 8.68
C PHE A 147 23.58 22.33 7.77
N GLY A 148 23.49 22.67 6.48
CA GLY A 148 24.29 22.18 5.42
C GLY A 148 24.31 20.72 5.12
N LEU A 149 23.45 19.95 5.75
CA LEU A 149 23.49 18.49 5.50
C LEU A 149 22.88 18.17 4.15
N ALA A 150 21.83 18.91 3.80
CA ALA A 150 21.19 18.78 2.48
C ALA A 150 22.20 18.89 1.34
N ARG A 151 23.01 19.97 1.38
CA ARG A 151 24.04 20.19 0.39
C ARG A 151 24.92 18.97 0.29
N ALA A 152 25.45 18.48 1.41
CA ALA A 152 26.35 17.33 1.39
C ALA A 152 25.75 16.02 0.78
N PHE A 153 24.43 15.96 0.59
CA PHE A 153 23.76 14.81 0.05
C PHE A 153 22.79 15.22 -1.12
N GLY A 154 21.52 15.50 -0.87
CA GLY A 154 20.54 15.58 -1.96
C GLY A 154 19.05 15.61 -1.55
N VAL A 159 8.99 7.93 2.38
CA VAL A 159 9.61 8.54 1.20
C VAL A 159 9.00 9.92 0.95
N TYR A 160 7.72 9.95 0.56
CA TYR A 160 7.09 11.13 -0.03
C TYR A 160 6.27 12.08 0.87
N THR A 161 5.74 11.58 1.99
CA THR A 161 5.13 12.46 3.03
C THR A 161 6.16 12.84 4.09
N HIS A 162 7.22 12.04 4.18
CA HIS A 162 8.52 12.48 4.71
C HIS A 162 8.81 13.91 4.20
N GLU A 163 8.58 14.12 2.89
CA GLU A 163 8.56 15.44 2.26
C GLU A 163 7.30 16.24 2.69
N VAL A 164 6.11 15.84 2.23
CA VAL A 164 4.80 16.59 2.49
C VAL A 164 4.60 17.04 3.96
N VAL A 165 5.54 17.41 6.31
CA VAL A 165 5.85 18.60 7.02
C VAL A 165 6.59 19.46 6.10
N THR A 166 7.63 18.94 5.48
CA THR A 166 8.69 19.84 4.99
C THR A 166 8.12 20.93 4.09
N LEU A 167 7.02 20.55 3.42
CA LEU A 167 6.27 21.43 2.55
C LEU A 167 5.80 22.76 3.10
N TRP A 168 5.51 22.86 4.39
CA TRP A 168 4.89 24.10 4.90
C TRP A 168 5.84 25.25 5.06
N TYR A 169 7.14 24.95 5.05
CA TYR A 169 8.15 25.94 5.37
C TYR A 169 9.04 26.26 4.11
N ARG A 170 8.48 25.96 2.95
CA ARG A 170 9.19 25.87 1.75
C ARG A 170 8.89 27.11 0.92
N SER A 171 9.95 27.71 0.34
CA SER A 171 9.84 29.00 -0.39
C SER A 171 9.15 28.81 -1.72
N PRO A 172 8.45 29.82 -2.17
CA PRO A 172 7.81 29.74 -3.47
C PRO A 172 8.78 29.69 -4.66
N GLU A 173 10.02 30.22 -4.53
CA GLU A 173 11.08 29.95 -5.56
C GLU A 173 11.17 28.48 -5.85
N VAL A 174 11.35 27.71 -4.78
CA VAL A 174 11.59 26.27 -4.89
C VAL A 174 10.31 25.57 -5.44
N LEU A 175 9.17 25.96 -4.90
CA LEU A 175 7.91 25.41 -5.32
C LEU A 175 7.58 25.64 -6.79
N LEU A 176 7.85 26.84 -7.27
CA LEU A 176 7.64 27.15 -8.71
C LEU A 176 8.70 26.60 -9.71
N GLY A 177 9.69 25.87 -9.22
CA GLY A 177 10.68 25.22 -10.08
C GLY A 177 11.82 26.13 -10.55
N SER A 178 12.11 27.10 -9.71
CA SER A 178 13.18 28.06 -10.01
C SER A 178 14.55 27.43 -10.27
N ALA A 179 15.21 27.90 -11.31
CA ALA A 179 16.51 27.39 -11.76
C ALA A 179 17.60 27.35 -10.67
N ARG A 180 17.71 28.44 -9.91
CA ARG A 180 18.60 28.48 -8.77
C ARG A 180 17.99 29.08 -7.54
N TYR A 181 18.53 28.73 -6.37
CA TYR A 181 18.05 29.28 -5.10
C TYR A 181 19.28 29.64 -4.25
N SER A 182 19.08 30.42 -3.22
CA SER A 182 20.16 30.80 -2.31
C SER A 182 19.64 31.16 -0.93
N THR A 183 20.37 32.00 -0.18
CA THR A 183 20.02 32.29 1.19
C THR A 183 18.58 32.72 1.42
N PRO A 184 17.96 33.36 0.42
CA PRO A 184 16.53 33.68 0.71
C PRO A 184 15.58 32.54 1.10
N VAL A 185 15.88 31.31 0.71
CA VAL A 185 15.03 30.21 1.14
C VAL A 185 14.98 30.04 2.65
N ASP A 186 16.15 30.15 3.32
CA ASP A 186 16.19 30.04 4.75
C ASP A 186 15.41 31.15 5.46
N ILE A 187 15.39 32.34 4.89
CA ILE A 187 14.64 33.45 5.48
C ILE A 187 13.10 33.23 5.36
N TRP A 188 12.68 32.69 4.21
CA TRP A 188 11.32 32.36 3.99
C TRP A 188 10.88 31.38 5.06
N SER A 189 11.64 30.31 5.21
CA SER A 189 11.31 29.32 6.19
C SER A 189 11.21 29.97 7.53
N ILE A 190 12.15 30.85 7.84
CA ILE A 190 12.15 31.50 9.16
C ILE A 190 10.95 32.41 9.35
N GLY A 191 10.47 33.01 8.28
CA GLY A 191 9.26 33.80 8.36
C GLY A 191 8.07 32.94 8.72
N THR A 192 8.00 31.78 8.09
CA THR A 192 6.82 30.85 8.30
C THR A 192 6.87 30.33 9.72
N ILE A 193 8.09 30.11 10.20
CA ILE A 193 8.27 29.64 11.56
C ILE A 193 7.88 30.73 12.54
N PHE A 194 8.18 31.96 12.20
CA PHE A 194 7.93 33.09 13.08
C PHE A 194 6.44 33.16 13.32
N ALA A 195 5.69 33.05 12.25
CA ALA A 195 4.24 33.12 12.35
C ALA A 195 3.66 32.05 13.29
N GLU A 196 4.29 30.89 13.24
CA GLU A 196 3.86 29.73 14.02
C GLU A 196 4.17 29.91 15.47
N LEU A 197 5.31 30.49 15.75
CA LEU A 197 5.66 30.76 17.12
C LEU A 197 4.60 31.63 17.80
N ALA A 198 4.04 32.56 17.03
CA ALA A 198 3.05 33.46 17.58
C ALA A 198 1.73 32.72 17.79
N THR A 199 1.26 32.10 16.70
CA THR A 199 -0.08 31.53 16.62
C THR A 199 -0.24 30.10 17.13
N LYS A 200 0.87 29.38 17.25
CA LYS A 200 0.90 27.92 17.45
C LYS A 200 0.55 27.12 16.19
N LYS A 201 -0.06 27.75 15.18
CA LYS A 201 -0.43 27.07 13.94
C LYS A 201 0.59 27.31 12.81
N PRO A 202 0.84 26.29 12.00
CA PRO A 202 1.49 26.51 10.74
C PRO A 202 0.80 27.53 9.92
N LEU A 203 1.56 28.33 9.21
CA LEU A 203 0.94 29.47 8.54
C LEU A 203 0.31 29.06 7.24
N PHE A 204 1.09 28.31 6.49
CA PHE A 204 0.72 27.83 5.18
C PHE A 204 0.71 26.32 5.23
N HIS A 205 -0.50 25.75 5.47
CA HIS A 205 -0.64 24.38 5.95
C HIS A 205 -1.06 23.46 4.82
N GLY A 206 -0.27 23.36 3.76
CA GLY A 206 -0.75 22.76 2.51
C GLY A 206 -0.68 21.24 2.53
N ASP A 207 -1.53 20.59 1.72
CA ASP A 207 -1.56 19.14 1.57
C ASP A 207 -0.68 18.60 0.43
N SER A 208 -0.23 19.49 -0.43
CA SER A 208 0.58 19.15 -1.60
C SER A 208 1.33 20.39 -2.04
N GLU A 209 2.29 20.19 -2.93
CA GLU A 209 3.08 21.33 -3.46
C GLU A 209 2.17 22.39 -4.00
N ILE A 210 1.26 21.94 -4.84
CA ILE A 210 0.34 22.84 -5.47
C ILE A 210 -0.62 23.52 -4.52
N ASP A 211 -1.13 22.78 -3.53
CA ASP A 211 -1.98 23.39 -2.48
C ASP A 211 -1.17 24.31 -1.59
N GLN A 212 0.08 23.98 -1.33
CA GLN A 212 0.98 24.91 -0.68
C GLN A 212 1.14 26.25 -1.42
N LEU A 213 1.37 26.18 -2.73
CA LEU A 213 1.41 27.43 -3.48
C LEU A 213 0.10 28.21 -3.30
N PHE A 214 -1.03 27.52 -3.44
CA PHE A 214 -2.30 28.19 -3.41
C PHE A 214 -2.55 28.80 -2.08
N ARG A 215 -2.04 28.18 -1.04
CA ARG A 215 -2.25 28.73 0.30
C ARG A 215 -1.53 30.03 0.45
N ILE A 216 -0.27 30.00 0.05
CA ILE A 216 0.58 31.18 0.01
C ILE A 216 -0.09 32.27 -0.79
N PHE A 217 -0.53 31.96 -2.00
CA PHE A 217 -1.15 33.00 -2.86
C PHE A 217 -2.40 33.56 -2.19
N ARG A 218 -3.26 32.72 -1.58
CA ARG A 218 -4.56 33.22 -1.00
C ARG A 218 -4.26 34.33 0.01
N ALA A 219 -3.12 34.21 0.70
CA ALA A 219 -2.70 35.19 1.72
C ALA A 219 -1.86 36.38 1.23
N LEU A 220 -0.99 36.15 0.24
CA LEU A 220 -0.02 37.17 -0.25
C LEU A 220 -0.30 37.75 -1.63
N GLY A 221 -1.25 37.12 -2.31
CA GLY A 221 -1.71 37.51 -3.62
C GLY A 221 -1.01 36.60 -4.60
N THR A 222 -1.68 36.34 -5.69
CA THR A 222 -1.05 35.61 -6.76
C THR A 222 0.02 36.44 -7.43
N PRO A 223 1.23 35.89 -7.51
CA PRO A 223 2.31 36.71 -8.10
C PRO A 223 2.24 36.74 -9.61
N ASN A 224 2.74 37.86 -10.10
CA ASN A 224 2.96 38.18 -11.49
C ASN A 224 4.33 38.86 -11.58
N ASN A 225 4.66 39.35 -12.77
CA ASN A 225 5.93 40.01 -12.95
C ASN A 225 6.06 41.40 -12.28
N GLU A 226 4.95 42.13 -12.11
CA GLU A 226 4.95 43.38 -11.33
C GLU A 226 5.58 43.19 -9.96
N VAL A 227 5.13 42.17 -9.26
CA VAL A 227 5.50 41.98 -7.85
C VAL A 227 6.70 41.09 -7.70
N TRP A 228 6.95 40.24 -8.69
CA TRP A 228 8.09 39.32 -8.67
C TRP A 228 8.67 39.24 -10.06
N PRO A 229 9.72 40.02 -10.29
CA PRO A 229 10.19 39.99 -11.65
C PRO A 229 10.68 38.61 -12.14
N GLU A 230 10.38 38.37 -13.42
CA GLU A 230 10.63 37.12 -14.14
C GLU A 230 9.84 35.90 -13.69
N VAL A 231 8.86 36.11 -12.81
CA VAL A 231 8.16 34.98 -12.19
C VAL A 231 7.42 34.12 -13.20
N GLU A 232 6.87 34.76 -14.21
CA GLU A 232 6.02 34.08 -15.18
C GLU A 232 6.82 33.17 -16.12
N SER A 233 8.16 33.26 -16.03
CA SER A 233 9.11 32.42 -16.76
C SER A 233 9.47 31.12 -16.08
N LEU A 234 9.08 30.95 -14.82
CA LEU A 234 9.44 29.78 -14.08
C LEU A 234 8.72 28.58 -14.66
N GLN A 235 9.34 27.41 -14.54
CA GLN A 235 8.93 26.20 -15.27
C GLN A 235 7.50 25.76 -14.92
N ASP A 236 7.16 25.95 -13.65
CA ASP A 236 5.84 25.62 -13.12
C ASP A 236 4.94 26.85 -12.84
N TYR A 237 5.28 28.03 -13.35
CA TYR A 237 4.36 29.14 -13.26
C TYR A 237 3.28 28.77 -14.25
N LYS A 238 2.05 29.25 -13.99
CA LYS A 238 0.98 29.21 -15.01
C LYS A 238 0.09 30.42 -14.89
N ASN A 239 -0.40 30.84 -16.03
CA ASN A 239 -1.28 31.98 -16.08
C ASN A 239 -2.69 31.59 -15.68
N THR A 240 -2.89 30.31 -15.42
CA THR A 240 -4.22 29.79 -15.08
C THR A 240 -4.48 29.76 -13.57
N PHE A 241 -3.43 30.01 -12.78
CA PHE A 241 -3.55 30.07 -11.32
C PHE A 241 -4.73 30.92 -10.89
N PRO A 242 -5.36 30.59 -9.75
CA PRO A 242 -6.34 31.54 -9.22
C PRO A 242 -5.69 32.89 -8.89
N LYS A 243 -6.49 33.94 -9.03
CA LYS A 243 -6.08 35.35 -8.95
C LYS A 243 -6.62 36.04 -7.68
N TRP A 244 -5.81 35.94 -6.62
CA TRP A 244 -6.05 36.58 -5.36
C TRP A 244 -5.21 37.88 -5.28
N LYS A 245 -5.83 38.93 -4.78
CA LYS A 245 -5.17 40.13 -4.43
C LYS A 245 -4.37 39.91 -3.15
N PRO A 246 -3.39 40.81 -2.87
CA PRO A 246 -2.85 40.82 -1.51
C PRO A 246 -3.89 41.45 -0.57
N GLY A 247 -4.27 40.82 0.55
CA GLY A 247 -3.45 39.91 1.33
C GLY A 247 -2.55 40.79 2.21
N SER A 248 -3.02 41.37 3.32
CA SER A 248 -4.02 40.86 4.27
C SER A 248 -3.38 39.73 5.05
N LEU A 249 -2.39 40.13 5.85
CA LEU A 249 -1.51 39.23 6.56
C LEU A 249 -1.71 39.23 8.06
N ALA A 250 -1.90 40.40 8.64
CA ALA A 250 -2.37 40.49 10.04
C ALA A 250 -3.63 39.65 10.24
N SER A 251 -4.46 39.68 9.21
CA SER A 251 -5.58 38.80 9.05
C SER A 251 -5.23 37.37 9.47
N HIS A 252 -4.14 36.86 8.89
CA HIS A 252 -3.72 35.46 9.10
C HIS A 252 -2.92 35.17 10.38
N VAL A 253 -2.74 36.17 11.26
CA VAL A 253 -1.83 35.97 12.42
C VAL A 253 -2.00 36.98 13.50
N LYS A 254 -2.16 36.48 14.72
CA LYS A 254 -2.31 37.31 15.91
C LYS A 254 -1.13 37.16 16.87
N ASN A 255 -1.02 38.13 17.78
CA ASN A 255 0.07 38.26 18.79
C ASN A 255 1.37 38.81 18.25
N LEU A 256 1.28 39.80 17.36
CA LEU A 256 2.45 40.56 16.93
C LEU A 256 2.12 42.01 16.83
N ASP A 257 2.91 42.85 17.47
CA ASP A 257 2.82 44.31 17.24
C ASP A 257 3.11 44.63 15.76
N GLU A 258 2.87 45.87 15.35
CA GLU A 258 3.10 46.25 13.96
C GLU A 258 4.50 45.92 13.45
N ASN A 259 5.48 45.97 14.35
CA ASN A 259 6.84 45.60 14.05
C ASN A 259 6.98 44.15 13.63
N GLY A 260 6.43 43.26 14.44
CA GLY A 260 6.40 41.85 14.10
C GLY A 260 5.81 41.61 12.72
N LEU A 261 4.66 42.22 12.47
CA LEU A 261 3.96 41.99 11.22
C LEU A 261 4.75 42.45 10.03
N ASP A 262 5.44 43.56 10.25
CA ASP A 262 6.25 44.21 9.24
C ASP A 262 7.48 43.36 8.94
N LEU A 263 8.21 43.00 9.98
CA LEU A 263 9.36 42.12 9.83
C LEU A 263 8.98 40.86 9.06
N LEU A 264 7.90 40.23 9.54
CA LEU A 264 7.30 39.06 8.92
C LEU A 264 7.00 39.28 7.45
N SER A 265 6.35 40.41 7.14
CA SER A 265 5.99 40.70 5.76
C SER A 265 7.24 40.74 4.91
N LYS A 266 8.32 41.27 5.48
CA LYS A 266 9.58 41.38 4.74
C LYS A 266 10.28 40.03 4.56
N MET A 267 10.06 39.10 5.50
CA MET A 267 10.56 37.75 5.35
C MET A 267 9.80 36.93 4.31
N LEU A 268 8.61 37.37 3.93
CA LEU A 268 7.80 36.66 2.95
C LEU A 268 7.58 37.43 1.64
N ILE A 269 8.52 38.30 1.30
CA ILE A 269 8.50 38.90 -0.01
C ILE A 269 8.76 37.80 -1.05
N TYR A 270 8.02 37.84 -2.16
CA TYR A 270 8.12 36.84 -3.20
C TYR A 270 9.50 36.86 -3.84
N ASP A 271 9.83 37.99 -4.48
CA ASP A 271 11.12 38.23 -5.13
C ASP A 271 12.27 38.02 -4.15
N PRO A 272 13.11 36.99 -4.37
CA PRO A 272 14.19 36.62 -3.41
C PRO A 272 15.32 37.66 -3.32
N ALA A 273 15.58 38.30 -4.44
CA ALA A 273 16.55 39.45 -4.50
C ALA A 273 16.10 40.59 -3.59
N LYS A 274 14.78 40.75 -3.42
CA LYS A 274 14.18 41.83 -2.64
C LYS A 274 13.83 41.40 -1.18
N ARG A 275 13.92 40.10 -0.89
CA ARG A 275 13.45 39.61 0.43
C ARG A 275 14.55 40.00 1.38
N ILE A 276 14.15 40.29 2.61
CA ILE A 276 15.09 40.67 3.69
C ILE A 276 16.17 39.62 3.89
N SER A 277 17.32 40.09 4.36
CA SER A 277 18.45 39.23 4.63
C SER A 277 18.40 38.93 6.11
N GLY A 278 19.17 37.93 6.53
CA GLY A 278 19.31 37.63 7.94
C GLY A 278 19.81 38.82 8.75
N LYS A 279 20.85 39.52 8.24
CA LYS A 279 21.48 40.64 8.94
C LYS A 279 20.54 41.79 9.16
N MET A 280 19.85 42.20 8.10
CA MET A 280 18.88 43.29 8.19
C MET A 280 17.81 42.98 9.22
N ALA A 281 17.28 41.77 9.14
CA ALA A 281 16.26 41.33 10.04
C ALA A 281 16.70 41.52 11.49
N LEU A 282 17.95 41.23 11.80
CA LEU A 282 18.45 41.50 13.16
C LEU A 282 18.45 43.00 13.61
N ASN A 283 18.29 43.95 12.68
CA ASN A 283 18.14 45.37 13.03
C ASN A 283 16.68 45.88 13.05
N HIS A 284 15.68 45.01 12.81
CA HIS A 284 14.29 45.47 12.78
C HIS A 284 13.80 45.98 14.15
N PRO A 285 13.02 47.06 14.17
CA PRO A 285 12.53 47.63 15.42
C PRO A 285 11.98 46.63 16.45
N TYR A 286 11.32 45.61 15.90
CA TYR A 286 10.83 44.41 16.63
C TYR A 286 11.77 43.96 17.74
N PHE A 287 13.06 43.84 17.42
CA PHE A 287 14.04 43.54 18.44
C PHE A 287 14.52 44.82 19.11
N ASN A 288 13.78 45.28 20.09
CA ASN A 288 14.31 46.26 21.02
C ASN A 288 14.17 45.86 22.48
N ASP A 289 13.95 44.57 22.76
CA ASP A 289 13.66 44.10 24.12
C ASP A 289 13.85 42.58 24.29
N GLN B 5 -8.09 5.15 -2.19
CA GLN B 5 -9.26 5.99 -2.63
C GLN B 5 -8.98 7.49 -2.78
N ILE B 6 -9.83 8.14 -3.53
CA ILE B 6 -9.63 9.50 -4.02
C ILE B 6 -9.91 10.58 -2.99
N TYR B 7 -9.00 11.54 -2.80
CA TYR B 7 -9.21 12.68 -1.85
C TYR B 7 -9.69 13.93 -2.59
N TYR B 8 -10.63 14.65 -2.01
CA TYR B 8 -11.26 15.79 -2.64
C TYR B 8 -10.98 16.93 -1.69
N SER B 9 -10.46 18.06 -2.21
CA SER B 9 -10.13 19.22 -1.35
C SER B 9 -11.44 19.92 -1.02
N ASP B 10 -11.40 20.72 0.03
CA ASP B 10 -12.37 21.77 0.17
C ASP B 10 -12.34 22.66 -1.07
N LYS B 11 -13.34 23.51 -1.17
CA LYS B 11 -13.43 24.43 -2.30
C LYS B 11 -12.82 25.76 -1.94
N TYR B 12 -12.43 26.51 -2.95
CA TYR B 12 -11.87 27.85 -2.76
C TYR B 12 -12.25 28.67 -3.99
N ASP B 13 -12.13 30.00 -3.87
CA ASP B 13 -12.50 30.88 -4.98
C ASP B 13 -11.83 32.30 -5.09
N ASP B 14 -11.78 32.74 -6.36
CA ASP B 14 -11.56 34.13 -6.81
C ASP B 14 -12.81 34.94 -6.68
N GLU B 15 -12.76 36.15 -7.24
CA GLU B 15 -13.96 36.80 -7.71
C GLU B 15 -14.50 36.16 -8.99
N GLU B 16 -13.64 35.60 -9.86
CA GLU B 16 -14.05 35.00 -11.15
C GLU B 16 -14.51 33.54 -11.16
N PHE B 17 -13.68 32.61 -10.69
CA PHE B 17 -14.11 31.17 -10.62
C PHE B 17 -14.24 30.63 -9.20
N GLU B 18 -14.79 29.42 -9.11
CA GLU B 18 -14.57 28.59 -7.94
C GLU B 18 -13.74 27.42 -8.38
N TYR B 19 -13.12 26.83 -7.37
CA TYR B 19 -12.08 25.86 -7.60
C TYR B 19 -12.13 24.73 -6.58
N ARG B 20 -11.63 23.57 -7.01
CA ARG B 20 -11.14 22.56 -6.11
C ARG B 20 -10.15 21.66 -6.80
N HIS B 21 -9.41 20.90 -5.99
CA HIS B 21 -8.54 19.87 -6.52
C HIS B 21 -8.84 18.47 -5.90
N VAL B 22 -8.47 17.44 -6.67
CA VAL B 22 -8.71 16.10 -6.33
C VAL B 22 -7.41 15.33 -6.46
N MET B 23 -7.07 14.60 -5.41
CA MET B 23 -5.87 13.78 -5.38
C MET B 23 -6.20 12.33 -5.69
N LEU B 24 -5.69 11.85 -6.82
CA LEU B 24 -5.80 10.44 -7.23
C LEU B 24 -4.74 9.55 -6.62
N PRO B 25 -5.05 8.24 -6.41
CA PRO B 25 -4.03 7.25 -6.05
C PRO B 25 -3.01 7.08 -7.15
N LYS B 26 -1.76 6.81 -6.77
CA LYS B 26 -0.59 7.16 -7.58
C LYS B 26 -0.55 6.51 -8.95
N ASP B 27 -0.35 5.18 -8.91
N ASP B 27 -0.01 5.32 -9.13
CA ASP B 27 -0.92 4.08 -9.78
CA ASP B 27 0.11 4.88 -10.58
C ASP B 27 -1.68 4.39 -11.04
C ASP B 27 -1.41 4.60 -11.26
N ILE B 28 -2.48 5.41 -10.90
CA ILE B 28 -3.53 5.76 -11.88
C ILE B 28 -3.04 6.93 -12.73
N ALA B 29 -2.33 7.85 -12.09
CA ALA B 29 -1.60 8.95 -12.78
C ALA B 29 -0.64 8.55 -13.91
N LYS B 30 -0.20 7.29 -13.99
CA LYS B 30 0.41 6.73 -15.24
C LYS B 30 -0.45 7.06 -16.46
N LEU B 31 -1.76 7.10 -16.22
CA LEU B 31 -2.77 7.09 -17.26
C LEU B 31 -3.56 8.40 -17.32
N VAL B 32 -3.06 9.45 -16.66
CA VAL B 32 -3.59 10.79 -16.83
C VAL B 32 -2.83 11.39 -17.97
N PRO B 33 -3.55 11.86 -18.99
CA PRO B 33 -2.86 12.41 -20.15
C PRO B 33 -1.97 13.55 -19.73
N LYS B 34 -0.73 13.53 -20.24
CA LYS B 34 0.28 14.52 -19.85
C LYS B 34 0.29 15.76 -20.73
N THR B 35 0.00 15.58 -22.01
CA THR B 35 0.01 16.68 -22.94
C THR B 35 -1.37 17.27 -23.29
N HIS B 36 -2.42 16.94 -22.53
CA HIS B 36 -3.72 17.62 -22.66
C HIS B 36 -4.60 17.48 -21.44
N LEU B 37 -5.53 18.41 -21.31
CA LEU B 37 -6.53 18.39 -20.25
C LEU B 37 -7.75 17.55 -20.67
N MET B 38 -8.54 17.12 -19.67
CA MET B 38 -9.49 16.04 -19.81
C MET B 38 -10.88 16.60 -19.94
N SER B 39 -11.67 15.99 -20.82
CA SER B 39 -13.12 16.21 -20.87
C SER B 39 -13.77 15.68 -19.62
N GLU B 40 -15.04 16.04 -19.47
CA GLU B 40 -15.85 15.57 -18.37
C GLU B 40 -15.93 14.04 -18.37
N SER B 41 -16.31 13.48 -19.51
CA SER B 41 -16.22 12.03 -19.71
C SER B 41 -14.86 11.46 -19.27
N GLU B 42 -13.78 12.07 -19.73
CA GLU B 42 -12.43 11.56 -19.47
C GLU B 42 -12.13 11.41 -17.98
N TRP B 43 -12.43 12.45 -17.19
CA TRP B 43 -12.14 12.36 -15.75
C TRP B 43 -13.17 11.52 -14.98
N ARG B 44 -14.43 11.57 -15.37
CA ARG B 44 -15.40 10.68 -14.73
C ARG B 44 -14.94 9.24 -14.80
N ASN B 45 -14.45 8.82 -15.96
CA ASN B 45 -13.87 7.47 -16.14
C ASN B 45 -12.80 7.08 -15.17
N LEU B 46 -12.05 8.05 -14.67
CA LEU B 46 -11.05 7.76 -13.63
C LEU B 46 -11.69 7.54 -12.28
N GLY B 47 -12.98 7.85 -12.19
CA GLY B 47 -13.75 7.65 -10.98
C GLY B 47 -13.91 8.92 -10.20
N VAL B 48 -13.92 10.06 -10.87
CA VAL B 48 -14.04 11.30 -10.14
C VAL B 48 -15.51 11.60 -10.10
N GLN B 49 -15.99 11.98 -8.91
CA GLN B 49 -17.39 12.23 -8.68
C GLN B 49 -17.59 13.63 -8.16
N GLN B 50 -18.39 14.39 -8.90
CA GLN B 50 -18.54 15.83 -8.78
C GLN B 50 -19.75 16.26 -9.62
N SER B 51 -20.33 17.42 -9.35
CA SER B 51 -21.39 17.98 -10.23
C SER B 51 -20.89 18.40 -11.63
N GLN B 52 -21.82 18.77 -12.49
CA GLN B 52 -21.51 19.23 -13.83
C GLN B 52 -20.69 20.48 -13.91
N GLY B 53 -20.05 20.65 -15.07
CA GLY B 53 -19.38 21.91 -15.44
C GLY B 53 -18.11 22.28 -14.70
N TRP B 54 -17.57 21.39 -13.85
CA TRP B 54 -16.23 21.54 -13.34
C TRP B 54 -15.31 21.27 -14.52
N VAL B 55 -14.29 22.13 -14.71
CA VAL B 55 -13.37 22.00 -15.83
C VAL B 55 -11.95 21.71 -15.38
N HIS B 56 -11.37 20.65 -15.93
CA HIS B 56 -9.95 20.35 -15.73
C HIS B 56 -9.19 21.47 -16.44
N TYR B 57 -8.51 22.31 -15.68
CA TYR B 57 -8.02 23.60 -16.18
C TYR B 57 -6.49 23.80 -16.17
N MET B 58 -5.74 22.98 -15.43
CA MET B 58 -4.31 23.00 -15.48
C MET B 58 -3.70 21.74 -14.89
N ILE B 59 -2.42 21.59 -15.11
CA ILE B 59 -1.61 20.51 -14.57
C ILE B 59 -0.40 21.10 -13.82
N HIS B 60 -0.18 20.62 -12.59
CA HIS B 60 1.08 20.86 -11.91
C HIS B 60 2.00 19.70 -12.28
N GLU B 61 2.96 19.91 -13.17
CA GLU B 61 3.73 18.78 -13.73
C GLU B 61 4.37 17.86 -12.69
N PRO B 62 4.92 18.42 -11.58
CA PRO B 62 5.51 17.52 -10.61
C PRO B 62 4.50 16.76 -9.71
N GLU B 63 3.21 17.05 -9.81
CA GLU B 63 2.18 16.33 -9.10
C GLU B 63 1.04 16.00 -10.04
N PRO B 64 1.28 15.05 -10.93
CA PRO B 64 0.38 14.81 -12.05
C PRO B 64 -0.87 14.05 -11.63
N HIS B 65 -0.81 13.41 -10.48
CA HIS B 65 -1.98 12.80 -9.88
C HIS B 65 -2.97 13.77 -9.25
N ILE B 66 -2.72 15.09 -9.29
CA ILE B 66 -3.61 16.04 -8.65
C ILE B 66 -4.39 16.75 -9.72
N LEU B 67 -5.66 16.47 -9.82
CA LEU B 67 -6.46 17.08 -10.84
C LEU B 67 -7.01 18.40 -10.34
N LEU B 68 -6.89 19.45 -11.17
CA LEU B 68 -7.27 20.81 -10.75
C LEU B 68 -8.43 21.27 -11.51
N PHE B 69 -9.42 21.71 -10.74
CA PHE B 69 -10.75 21.95 -11.27
C PHE B 69 -11.26 23.29 -10.89
N ARG B 70 -12.08 23.80 -11.78
CA ARG B 70 -12.44 25.20 -11.78
C ARG B 70 -13.73 25.30 -12.49
N ARG B 71 -14.58 26.17 -11.96
CA ARG B 71 -15.88 26.42 -12.56
C ARG B 71 -16.30 27.90 -12.35
N PRO B 72 -16.81 28.59 -13.40
CA PRO B 72 -17.20 29.98 -13.29
C PRO B 72 -18.30 30.23 -12.32
N LEU B 73 -18.38 31.46 -11.84
CA LEU B 73 -19.44 31.88 -10.94
C LEU B 73 -20.51 32.61 -11.75
N PRO B 74 -21.61 33.02 -11.10
CA PRO B 74 -22.49 34.09 -11.57
C PRO B 74 -21.83 35.25 -12.34
N MET C 1 -30.70 -9.98 -20.33
CA MET C 1 -30.19 -9.04 -21.39
C MET C 1 -30.82 -9.21 -22.78
N GLU C 2 -31.73 -10.18 -22.94
CA GLU C 2 -32.55 -10.27 -24.15
C GLU C 2 -33.30 -8.99 -24.37
N ASP C 3 -34.03 -8.58 -23.35
CA ASP C 3 -34.88 -7.38 -23.41
C ASP C 3 -34.15 -6.02 -23.34
N TYR C 4 -32.82 -6.02 -23.08
CA TYR C 4 -32.04 -4.81 -22.82
C TYR C 4 -30.72 -4.72 -23.58
N THR C 5 -30.47 -3.57 -24.19
CA THR C 5 -29.14 -3.23 -24.70
C THR C 5 -28.36 -2.42 -23.66
N LYS C 6 -27.10 -2.83 -23.41
CA LYS C 6 -26.15 -2.01 -22.62
C LYS C 6 -25.85 -0.84 -23.51
N ILE C 7 -25.99 0.37 -22.97
CA ILE C 7 -25.55 1.60 -23.62
C ILE C 7 -24.17 1.96 -23.06
N GLU C 8 -24.06 2.16 -21.75
CA GLU C 8 -22.77 2.51 -21.11
C GLU C 8 -22.64 2.28 -19.60
N LYS C 9 -21.41 1.98 -19.16
CA LYS C 9 -20.98 1.97 -17.72
C LYS C 9 -21.23 3.31 -17.03
N ILE C 10 -21.67 3.27 -15.77
CA ILE C 10 -21.90 4.50 -14.98
C ILE C 10 -21.59 4.34 -13.50
N GLY C 11 -20.59 3.56 -13.14
CA GLY C 11 -20.10 3.54 -11.75
C GLY C 11 -20.08 2.18 -11.08
N GLU C 12 -19.87 2.20 -9.76
CA GLU C 12 -19.89 0.99 -8.89
C GLU C 12 -20.57 1.20 -7.50
N GLY C 13 -21.90 1.35 -7.50
CA GLY C 13 -22.69 1.69 -6.32
C GLY C 13 -22.74 0.56 -5.30
N THR C 14 -21.66 0.46 -4.49
CA THR C 14 -21.45 -0.50 -3.32
C THR C 14 -21.75 -2.00 -3.56
N TYR C 15 -22.84 -2.27 -4.28
CA TYR C 15 -23.21 -3.60 -4.70
C TYR C 15 -22.55 -3.98 -6.00
N GLY C 16 -23.09 -3.55 -7.12
CA GLY C 16 -22.60 -4.02 -8.40
C GLY C 16 -21.72 -3.05 -9.16
N VAL C 17 -21.60 -3.36 -10.45
CA VAL C 17 -21.18 -2.44 -11.50
C VAL C 17 -22.48 -1.89 -12.08
N VAL C 18 -22.65 -0.58 -12.18
CA VAL C 18 -23.93 -0.02 -12.66
C VAL C 18 -23.82 0.37 -14.11
N TYR C 19 -24.79 -0.03 -14.92
CA TYR C 19 -24.82 0.24 -16.36
C TYR C 19 -26.07 1.03 -16.76
N LYS C 20 -25.96 1.76 -17.87
CA LYS C 20 -27.12 2.37 -18.50
C LYS C 20 -27.59 1.43 -19.59
N GLY C 21 -28.90 1.31 -19.75
CA GLY C 21 -29.46 0.44 -20.77
C GLY C 21 -30.82 0.86 -21.27
N ARG C 22 -31.27 0.18 -22.32
CA ARG C 22 -32.59 0.42 -22.88
C ARG C 22 -33.40 -0.89 -23.10
N HIS C 23 -34.69 -0.84 -22.75
CA HIS C 23 -35.68 -1.89 -23.01
C HIS C 23 -36.06 -1.92 -24.49
N LYS C 24 -35.83 -3.03 -25.15
CA LYS C 24 -36.02 -3.16 -26.62
C LYS C 24 -37.47 -3.15 -27.10
N THR C 25 -38.38 -3.52 -26.20
CA THR C 25 -39.82 -3.42 -26.42
C THR C 25 -40.27 -1.97 -26.19
N THR C 26 -40.18 -1.50 -24.94
CA THR C 26 -40.76 -0.20 -24.54
C THR C 26 -39.87 1.03 -24.76
N GLY C 27 -38.62 0.85 -25.22
CA GLY C 27 -37.67 1.97 -25.36
C GLY C 27 -37.23 2.69 -24.09
N GLN C 28 -37.79 2.27 -22.95
CA GLN C 28 -37.46 2.78 -21.62
C GLN C 28 -35.96 2.76 -21.36
N VAL C 29 -35.47 3.83 -20.78
CA VAL C 29 -34.07 3.97 -20.42
C VAL C 29 -33.96 3.46 -18.99
N VAL C 30 -32.92 2.67 -18.70
CA VAL C 30 -32.75 2.04 -17.38
C VAL C 30 -31.35 2.09 -16.79
N ALA C 31 -31.32 1.93 -15.46
CA ALA C 31 -30.11 1.69 -14.69
C ALA C 31 -30.06 0.20 -14.34
N MET C 32 -28.95 -0.46 -14.65
CA MET C 32 -28.80 -1.90 -14.47
C MET C 32 -27.65 -2.23 -13.54
N LYS C 33 -27.91 -2.78 -12.37
CA LYS C 33 -26.85 -3.24 -11.47
C LYS C 33 -26.53 -4.66 -11.80
N LYS C 34 -25.30 -4.98 -12.12
CA LYS C 34 -24.93 -6.35 -12.46
C LYS C 34 -24.26 -6.89 -11.21
N ILE C 35 -24.76 -8.01 -10.69
CA ILE C 35 -24.26 -8.58 -9.42
C ILE C 35 -23.92 -10.06 -9.58
N ARG C 36 -22.69 -10.43 -9.23
CA ARG C 36 -22.15 -11.79 -9.36
C ARG C 36 -22.42 -12.47 -8.05
N LEU C 37 -23.18 -13.56 -8.09
CA LEU C 37 -23.55 -14.22 -6.85
C LEU C 37 -22.63 -15.32 -6.45
N GLU C 38 -22.37 -15.31 -5.14
CA GLU C 38 -21.51 -16.28 -4.46
C GLU C 38 -22.21 -17.63 -4.73
N SER C 39 -21.46 -18.59 -5.26
CA SER C 39 -21.88 -19.96 -5.35
C SER C 39 -22.48 -20.40 -4.02
N GLU C 40 -23.53 -21.20 -4.04
CA GLU C 40 -24.20 -21.59 -2.79
C GLU C 40 -24.12 -23.11 -2.59
N GLU C 41 -24.36 -23.52 -1.36
CA GLU C 41 -24.32 -24.91 -1.00
C GLU C 41 -25.58 -25.62 -1.51
N GLU C 42 -25.48 -26.95 -1.59
CA GLU C 42 -26.51 -27.90 -2.04
C GLU C 42 -27.98 -27.61 -1.64
N GLY C 43 -28.29 -27.85 -0.37
CA GLY C 43 -29.62 -27.61 0.15
C GLY C 43 -29.85 -26.13 0.32
N VAL C 44 -28.98 -25.49 1.09
CA VAL C 44 -29.08 -24.07 1.45
C VAL C 44 -29.65 -23.18 0.33
N PRO C 45 -30.94 -22.80 0.47
CA PRO C 45 -31.52 -21.92 -0.52
C PRO C 45 -31.21 -20.49 -0.15
N SER C 46 -31.05 -19.65 -1.17
CA SER C 46 -30.60 -18.29 -0.98
C SER C 46 -31.73 -17.35 -0.52
N THR C 47 -31.59 -16.89 0.72
CA THR C 47 -32.44 -15.83 1.29
C THR C 47 -32.22 -14.50 0.59
N ALA C 48 -31.01 -14.27 0.06
CA ALA C 48 -30.69 -13.05 -0.70
C ALA C 48 -31.70 -12.83 -1.85
N ILE C 49 -31.96 -13.84 -2.65
CA ILE C 49 -32.95 -13.70 -3.71
C ILE C 49 -34.35 -13.58 -3.13
N ARG C 50 -34.71 -14.41 -2.15
CA ARG C 50 -36.03 -14.30 -1.49
C ARG C 50 -36.38 -12.84 -1.20
N GLU C 51 -35.45 -12.16 -0.55
CA GLU C 51 -35.59 -10.74 -0.24
C GLU C 51 -35.84 -9.91 -1.46
N ILE C 52 -35.01 -10.08 -2.48
CA ILE C 52 -35.09 -9.27 -3.69
C ILE C 52 -36.43 -9.44 -4.42
N SER C 53 -36.86 -10.68 -4.53
CA SER C 53 -38.21 -11.02 -4.96
C SER C 53 -39.23 -10.06 -4.34
N LEU C 54 -39.21 -10.00 -3.02
CA LEU C 54 -40.17 -9.20 -2.27
C LEU C 54 -40.05 -7.69 -2.51
N LEU C 55 -38.83 -7.21 -2.71
CA LEU C 55 -38.59 -5.76 -2.96
C LEU C 55 -39.06 -5.32 -4.33
N LYS C 56 -39.14 -6.28 -5.23
CA LYS C 56 -39.67 -6.02 -6.57
C LYS C 56 -41.09 -5.49 -6.50
N GLU C 57 -41.84 -5.92 -5.48
CA GLU C 57 -43.24 -5.49 -5.32
C GLU C 57 -43.38 -4.02 -5.15
N LEU C 58 -42.48 -3.43 -4.39
CA LEU C 58 -42.73 -2.14 -3.78
C LEU C 58 -42.75 -1.00 -4.79
N ARG C 59 -43.91 -0.36 -4.89
CA ARG C 59 -44.06 0.84 -5.70
C ARG C 59 -44.46 1.96 -4.79
N HIS C 60 -43.90 3.14 -5.05
CA HIS C 60 -44.31 4.35 -4.36
C HIS C 60 -43.61 5.42 -5.15
N PRO C 61 -44.21 6.60 -5.24
CA PRO C 61 -43.61 7.63 -6.08
C PRO C 61 -42.26 8.17 -5.60
N ASN C 62 -42.14 8.35 -4.29
CA ASN C 62 -40.88 8.63 -3.64
C ASN C 62 -39.95 7.45 -3.32
N ILE C 63 -40.03 6.35 -4.06
CA ILE C 63 -38.94 5.36 -4.04
C ILE C 63 -38.60 4.93 -5.46
N VAL C 64 -37.34 4.51 -5.66
CA VAL C 64 -36.88 4.11 -6.95
C VAL C 64 -37.34 2.71 -7.24
N SER C 65 -38.31 2.61 -8.12
CA SER C 65 -38.94 1.33 -8.35
C SER C 65 -37.94 0.39 -9.05
N LEU C 66 -37.76 -0.74 -8.38
CA LEU C 66 -37.03 -1.88 -8.87
C LEU C 66 -37.89 -2.66 -9.86
N GLN C 67 -37.71 -2.37 -11.14
CA GLN C 67 -38.59 -2.89 -12.22
C GLN C 67 -38.51 -4.33 -12.50
N ASP C 68 -37.31 -4.89 -12.51
CA ASP C 68 -37.16 -6.30 -12.92
C ASP C 68 -35.95 -6.92 -12.25
N VAL C 69 -35.86 -8.24 -12.26
CA VAL C 69 -34.73 -8.99 -11.74
C VAL C 69 -34.46 -10.18 -12.67
N LEU C 70 -33.20 -10.45 -13.00
CA LEU C 70 -32.91 -11.44 -14.04
C LEU C 70 -31.76 -12.27 -13.63
N MET C 71 -31.63 -13.43 -14.26
CA MET C 71 -30.63 -14.42 -13.91
C MET C 71 -29.92 -14.92 -15.15
N GLN C 72 -28.61 -14.68 -15.21
CA GLN C 72 -27.73 -15.23 -16.23
C GLN C 72 -26.94 -16.34 -15.53
N ASP C 73 -25.74 -16.66 -16.01
CA ASP C 73 -24.91 -17.72 -15.40
C ASP C 73 -24.41 -17.24 -14.05
N SER C 74 -25.14 -17.65 -13.00
CA SER C 74 -24.86 -17.26 -11.61
C SER C 74 -24.71 -15.72 -11.34
N ARG C 75 -25.20 -14.88 -12.28
CA ARG C 75 -25.25 -13.44 -12.04
C ARG C 75 -26.62 -12.81 -12.24
N LEU C 76 -26.77 -11.68 -11.56
CA LEU C 76 -28.04 -11.14 -11.18
C LEU C 76 -28.12 -9.72 -11.64
N TYR C 77 -29.17 -9.39 -12.38
CA TYR C 77 -29.31 -8.06 -12.89
C TYR C 77 -30.46 -7.36 -12.22
N LEU C 78 -30.19 -6.26 -11.56
CA LEU C 78 -31.25 -5.48 -10.99
C LEU C 78 -31.60 -4.33 -11.90
N ILE C 79 -32.82 -4.28 -12.40
CA ILE C 79 -33.21 -3.23 -13.32
C ILE C 79 -33.98 -2.17 -12.60
N PHE C 80 -33.47 -0.94 -12.61
CA PHE C 80 -34.14 0.22 -12.03
C PHE C 80 -34.45 1.26 -13.08
N GLU C 81 -35.36 2.19 -12.76
CA GLU C 81 -35.55 3.40 -13.61
C GLU C 81 -34.30 4.25 -13.61
N PHE C 82 -33.98 4.86 -14.76
CA PHE C 82 -32.75 5.66 -14.93
C PHE C 82 -32.94 7.12 -14.52
N LEU C 83 -32.28 7.51 -13.46
CA LEU C 83 -32.26 8.91 -13.02
C LEU C 83 -30.85 9.40 -13.09
N SER C 84 -30.67 10.61 -13.62
CA SER C 84 -29.37 11.15 -13.94
C SER C 84 -28.81 12.07 -12.85
N MET C 85 -29.63 12.38 -11.86
CA MET C 85 -29.26 13.30 -10.82
C MET C 85 -29.45 12.64 -9.48
N ASP C 86 -28.58 12.97 -8.56
CA ASP C 86 -28.79 12.62 -7.16
C ASP C 86 -28.51 13.81 -6.32
N LEU C 87 -28.82 13.71 -5.06
CA LEU C 87 -28.76 14.87 -4.22
C LEU C 87 -27.34 15.30 -3.85
N LYS C 88 -26.42 14.35 -3.71
CA LYS C 88 -25.01 14.67 -3.48
C LYS C 88 -24.45 15.56 -4.60
N LYS C 89 -24.70 15.10 -5.81
CA LYS C 89 -24.37 15.81 -7.03
C LYS C 89 -25.04 17.17 -7.01
N TYR C 90 -26.32 17.22 -6.73
CA TYR C 90 -27.06 18.48 -6.70
C TYR C 90 -26.40 19.46 -5.76
N LEU C 91 -26.21 19.05 -4.53
CA LEU C 91 -25.66 19.95 -3.51
C LEU C 91 -24.32 20.50 -3.94
N ASP C 92 -23.48 19.66 -4.54
CA ASP C 92 -22.21 20.10 -5.08
C ASP C 92 -22.31 21.19 -6.11
N SER C 93 -23.35 21.11 -6.93
CA SER C 93 -23.58 22.09 -7.99
C SER C 93 -24.03 23.49 -7.51
N ILE C 94 -24.28 23.69 -6.22
CA ILE C 94 -24.75 24.99 -5.72
C ILE C 94 -23.59 25.95 -5.57
N PRO C 95 -23.74 27.17 -6.15
CA PRO C 95 -22.56 28.06 -6.15
C PRO C 95 -22.33 28.59 -4.77
N PRO C 96 -21.08 28.97 -4.48
CA PRO C 96 -20.78 29.34 -3.11
C PRO C 96 -21.44 30.67 -2.75
N GLY C 97 -21.93 30.77 -1.52
CA GLY C 97 -22.67 31.95 -1.08
C GLY C 97 -24.17 31.80 -1.15
N GLN C 98 -24.64 31.01 -2.11
CA GLN C 98 -26.06 30.63 -2.20
C GLN C 98 -26.42 29.39 -1.39
N TYR C 99 -27.71 29.25 -1.11
CA TYR C 99 -28.20 28.10 -0.40
C TYR C 99 -29.38 27.60 -1.09
N MET C 100 -29.76 26.40 -0.67
CA MET C 100 -30.94 25.73 -1.21
C MET C 100 -32.16 26.45 -0.67
N ASP C 101 -33.05 26.81 -1.58
CA ASP C 101 -34.23 27.60 -1.23
C ASP C 101 -35.02 26.86 -0.14
N SER C 102 -35.22 27.50 1.02
CA SER C 102 -35.67 26.79 2.23
C SER C 102 -37.01 26.05 2.08
N SER C 103 -37.82 26.48 1.12
CA SER C 103 -39.07 25.83 0.80
C SER C 103 -38.81 24.59 -0.05
N LEU C 104 -37.71 24.58 -0.80
CA LEU C 104 -37.29 23.35 -1.52
C LEU C 104 -36.70 22.26 -0.62
N VAL C 105 -35.96 22.71 0.40
CA VAL C 105 -35.53 21.88 1.48
C VAL C 105 -36.71 21.15 2.08
N LYS C 106 -37.71 21.94 2.50
CA LYS C 106 -38.95 21.46 3.11
C LYS C 106 -39.68 20.49 2.19
N SER C 107 -39.90 20.87 0.94
CA SER C 107 -40.38 19.93 -0.07
C SER C 107 -39.63 18.60 -0.06
N TYR C 108 -38.30 18.68 -0.21
CA TYR C 108 -37.48 17.50 -0.32
C TYR C 108 -37.58 16.62 0.89
N LEU C 109 -37.52 17.22 2.06
CA LEU C 109 -37.58 16.42 3.29
C LEU C 109 -38.90 15.58 3.39
N TYR C 110 -40.00 16.23 3.06
CA TYR C 110 -41.30 15.62 3.12
C TYR C 110 -41.37 14.43 2.20
N GLN C 111 -40.83 14.62 1.00
CA GLN C 111 -40.81 13.55 0.00
C GLN C 111 -39.96 12.39 0.46
N ILE C 112 -38.80 12.70 1.03
CA ILE C 112 -37.94 11.68 1.66
C ILE C 112 -38.64 10.94 2.83
N LEU C 113 -39.29 11.70 3.72
CA LEU C 113 -40.08 11.10 4.78
C LEU C 113 -41.20 10.19 4.25
N GLN C 114 -41.87 10.62 3.19
CA GLN C 114 -42.91 9.79 2.64
C GLN C 114 -42.43 8.43 2.16
N GLY C 115 -41.29 8.44 1.48
CA GLY C 115 -40.72 7.21 0.94
C GLY C 115 -40.31 6.27 2.04
N ILE C 116 -39.84 6.84 3.16
CA ILE C 116 -39.34 6.01 4.24
C ILE C 116 -40.48 5.43 5.07
N VAL C 117 -41.47 6.28 5.33
CA VAL C 117 -42.69 5.85 5.98
C VAL C 117 -43.33 4.70 5.18
N PHE C 118 -43.37 4.80 3.86
CA PHE C 118 -43.83 3.70 3.04
C PHE C 118 -43.04 2.42 3.24
N CYS C 119 -41.72 2.56 3.24
CA CYS C 119 -40.83 1.43 3.41
C CYS C 119 -41.01 0.80 4.75
N HIS C 120 -41.28 1.61 5.76
CA HIS C 120 -41.20 1.19 7.15
C HIS C 120 -42.31 0.29 7.80
N SER C 121 -43.57 0.67 7.92
CA SER C 121 -44.72 0.47 6.97
C SER C 121 -44.77 -0.88 6.28
N ARG C 122 -43.83 -1.18 5.39
CA ARG C 122 -43.74 -2.49 4.80
C ARG C 122 -42.72 -3.44 5.41
N ARG C 123 -42.34 -3.16 6.65
CA ARG C 123 -41.32 -3.92 7.39
C ARG C 123 -39.87 -3.77 6.83
N VAL C 124 -39.62 -2.76 5.99
CA VAL C 124 -38.36 -2.66 5.26
C VAL C 124 -37.55 -1.46 5.71
N LEU C 125 -36.26 -1.66 5.91
CA LEU C 125 -35.32 -0.50 6.19
C LEU C 125 -34.36 -0.15 5.03
N HIS C 126 -33.78 1.04 5.15
CA HIS C 126 -32.61 1.40 4.35
C HIS C 126 -31.32 0.99 5.00
N ARG C 127 -31.01 1.61 6.13
CA ARG C 127 -29.79 1.39 6.91
C ARG C 127 -28.61 2.25 6.44
N ASP C 128 -28.30 2.14 5.14
CA ASP C 128 -27.22 2.85 4.55
C ASP C 128 -27.73 4.13 3.86
N LEU C 129 -28.62 4.85 4.52
CA LEU C 129 -29.17 6.02 3.88
C LEU C 129 -28.18 7.18 3.80
N LYS C 130 -28.20 7.91 2.68
CA LYS C 130 -27.31 9.09 2.44
C LYS C 130 -27.59 9.81 1.12
N PRO C 131 -27.08 11.08 0.93
CA PRO C 131 -27.47 11.90 -0.26
C PRO C 131 -27.30 11.28 -1.61
N GLN C 132 -26.23 10.51 -1.82
N GLN C 132 -26.23 10.51 -1.82
CA GLN C 132 -26.11 9.81 -3.11
CA GLN C 132 -26.10 9.83 -3.10
C GLN C 132 -27.16 8.72 -3.35
C GLN C 132 -27.15 8.72 -3.34
N ASN C 133 -27.90 8.36 -2.32
CA ASN C 133 -29.07 7.42 -2.45
C ASN C 133 -30.40 8.08 -2.76
N LEU C 134 -30.46 9.40 -2.61
CA LEU C 134 -31.64 10.17 -2.90
C LEU C 134 -31.60 10.74 -4.31
N LEU C 135 -32.24 10.06 -5.26
CA LEU C 135 -32.23 10.43 -6.65
C LEU C 135 -33.28 11.46 -6.95
N ILE C 136 -33.11 12.21 -8.06
CA ILE C 136 -34.05 13.23 -8.52
C ILE C 136 -34.31 13.16 -10.04
N ASP C 137 -35.58 13.34 -10.43
CA ASP C 137 -35.94 13.52 -11.84
C ASP C 137 -36.09 15.00 -12.21
N ASP C 138 -36.09 15.22 -13.52
CA ASP C 138 -36.42 16.54 -14.14
C ASP C 138 -37.74 17.16 -13.60
N LYS C 139 -38.69 16.31 -13.21
CA LYS C 139 -39.97 16.72 -12.62
C LYS C 139 -39.84 17.25 -11.18
N GLY C 140 -38.64 17.26 -10.62
CA GLY C 140 -38.42 17.74 -9.25
C GLY C 140 -38.91 16.78 -8.15
N THR C 141 -38.99 15.49 -8.48
CA THR C 141 -39.39 14.48 -7.52
C THR C 141 -38.11 13.85 -7.03
N ILE C 142 -38.08 13.49 -5.74
CA ILE C 142 -36.93 12.87 -5.09
C ILE C 142 -37.30 11.43 -4.62
N LYS C 143 -36.37 10.48 -4.71
CA LYS C 143 -36.71 9.06 -4.56
C LYS C 143 -35.61 8.30 -3.88
N LEU C 144 -35.94 7.42 -2.94
CA LEU C 144 -34.96 6.60 -2.26
C LEU C 144 -34.54 5.49 -3.13
N ALA C 145 -33.24 5.28 -3.19
CA ALA C 145 -32.68 4.15 -3.93
C ALA C 145 -31.98 3.24 -2.97
N ASP C 146 -31.87 1.97 -3.37
CA ASP C 146 -31.20 0.92 -2.57
C ASP C 146 -31.84 0.53 -1.18
N PHE C 147 -33.10 0.87 -0.97
CA PHE C 147 -33.87 0.41 0.19
C PHE C 147 -33.88 -1.12 0.22
N GLY C 148 -33.71 -1.64 1.44
CA GLY C 148 -33.62 -3.06 1.73
C GLY C 148 -32.54 -3.92 1.07
N LEU C 149 -31.59 -3.32 0.36
CA LEU C 149 -30.58 -4.12 -0.30
C LEU C 149 -29.58 -4.61 0.70
N ALA C 150 -29.25 -3.77 1.68
CA ALA C 150 -28.38 -4.15 2.79
C ALA C 150 -28.78 -5.47 3.46
N ARG C 151 -30.05 -5.53 3.84
CA ARG C 151 -30.64 -6.74 4.43
C ARG C 151 -30.39 -7.96 3.56
N ALA C 152 -30.73 -7.88 2.29
CA ALA C 152 -30.55 -8.99 1.39
C ALA C 152 -29.10 -9.51 1.25
N PHE C 153 -28.12 -8.76 1.74
CA PHE C 153 -26.72 -9.12 1.65
C PHE C 153 -25.96 -8.95 3.01
N GLY C 154 -25.37 -7.79 3.29
CA GLY C 154 -24.52 -7.66 4.45
C GLY C 154 -23.91 -6.25 4.50
N VAL C 159 -12.69 -0.88 -0.24
CA VAL C 159 -13.19 -1.73 0.83
C VAL C 159 -13.64 -0.87 2.04
N TYR C 160 -12.67 -0.24 2.73
CA TYR C 160 -12.87 0.35 4.08
C TYR C 160 -13.17 1.88 4.19
N THR C 161 -12.80 2.68 3.19
CA THR C 161 -13.29 4.08 3.08
C THR C 161 -14.56 4.18 2.23
N HIS C 162 -14.77 3.16 1.39
CA HIS C 162 -16.09 2.79 0.85
C HIS C 162 -17.13 2.95 1.99
N GLU C 163 -16.75 2.44 3.18
CA GLU C 163 -17.46 2.68 4.44
C GLU C 163 -17.27 4.14 4.94
N VAL C 164 -16.05 4.49 5.39
CA VAL C 164 -15.73 5.84 5.97
C VAL C 164 -16.27 7.03 5.18
N VAL C 165 -17.76 7.90 3.17
CA VAL C 165 -18.98 8.70 3.35
C VAL C 165 -19.84 8.05 4.39
N THR C 166 -20.03 6.75 4.29
CA THR C 166 -21.25 6.17 4.88
C THR C 166 -21.33 6.54 6.35
N LEU C 167 -20.14 6.72 6.91
CA LEU C 167 -20.00 7.12 8.30
C LEU C 167 -20.71 8.40 8.82
N TRP C 168 -20.95 9.39 7.96
CA TRP C 168 -21.50 10.65 8.46
C TRP C 168 -22.99 10.61 8.76
N TYR C 169 -23.69 9.60 8.24
CA TYR C 169 -25.14 9.54 8.31
C TYR C 169 -25.61 8.39 9.21
N ARG C 170 -24.71 7.96 10.09
CA ARG C 170 -24.83 6.71 10.75
C ARG C 170 -25.23 6.98 12.18
N SER C 171 -26.22 6.22 12.69
CA SER C 171 -26.79 6.45 14.04
C SER C 171 -25.82 6.05 15.12
N PRO C 172 -25.92 6.68 16.24
CA PRO C 172 -25.03 6.33 17.33
C PRO C 172 -25.35 4.97 17.98
N GLU C 173 -26.60 4.47 17.87
CA GLU C 173 -26.82 3.05 18.19
C GLU C 173 -25.79 2.16 17.54
N VAL C 174 -25.69 2.31 16.22
CA VAL C 174 -24.91 1.42 15.40
C VAL C 174 -23.43 1.62 15.74
N LEU C 175 -23.05 2.87 15.84
CA LEU C 175 -21.70 3.20 16.17
C LEU C 175 -21.33 2.59 17.52
N LEU C 176 -22.20 2.69 18.52
CA LEU C 176 -21.82 2.20 19.86
C LEU C 176 -21.91 0.68 20.04
N GLY C 177 -22.21 -0.02 18.97
CA GLY C 177 -22.17 -1.49 18.95
C GLY C 177 -23.45 -2.13 19.47
N SER C 178 -24.55 -1.40 19.32
CA SER C 178 -25.83 -1.81 19.88
C SER C 178 -26.27 -3.12 19.29
N ALA C 179 -26.75 -4.01 20.15
CA ALA C 179 -27.09 -5.38 19.77
C ALA C 179 -28.05 -5.50 18.62
N ARG C 180 -29.12 -4.71 18.68
CA ARG C 180 -30.12 -4.70 17.61
C ARG C 180 -30.41 -3.27 17.20
N TYR C 181 -30.89 -3.07 15.99
CA TYR C 181 -31.30 -1.74 15.53
C TYR C 181 -32.62 -1.88 14.80
N SER C 182 -33.32 -0.77 14.57
CA SER C 182 -34.55 -0.81 13.82
C SER C 182 -34.77 0.51 13.07
N THR C 183 -36.02 0.81 12.76
CA THR C 183 -36.34 2.02 11.98
C THR C 183 -35.67 3.32 12.45
N PRO C 184 -35.37 3.45 13.74
CA PRO C 184 -34.80 4.74 14.09
C PRO C 184 -33.51 5.09 13.38
N VAL C 185 -32.76 4.11 12.90
CA VAL C 185 -31.57 4.41 12.19
C VAL C 185 -31.84 5.23 10.95
N ASP C 186 -32.90 4.89 10.21
CA ASP C 186 -33.21 5.62 9.00
C ASP C 186 -33.64 7.07 9.33
N ILE C 187 -34.30 7.29 10.48
CA ILE C 187 -34.69 8.64 10.88
C ILE C 187 -33.47 9.50 11.30
N TRP C 188 -32.53 8.88 11.98
CA TRP C 188 -31.29 9.51 12.28
C TRP C 188 -30.59 10.00 10.99
N SER C 189 -30.40 9.09 10.06
CA SER C 189 -29.76 9.44 8.81
C SER C 189 -30.51 10.62 8.18
N ILE C 190 -31.83 10.57 8.19
CA ILE C 190 -32.60 11.63 7.55
C ILE C 190 -32.37 12.95 8.26
N GLY C 191 -32.16 12.91 9.55
CA GLY C 191 -31.97 14.16 10.30
C GLY C 191 -30.69 14.80 9.84
N THR C 192 -29.67 13.95 9.66
CA THR C 192 -28.31 14.38 9.31
C THR C 192 -28.35 14.94 7.89
N ILE C 193 -29.16 14.28 7.05
CA ILE C 193 -29.37 14.76 5.67
C ILE C 193 -30.11 16.09 5.64
N PHE C 194 -31.08 16.26 6.54
CA PHE C 194 -31.87 17.44 6.61
C PHE C 194 -30.91 18.61 6.87
N ALA C 195 -30.03 18.46 7.83
CA ALA C 195 -29.15 19.55 8.20
C ALA C 195 -28.26 20.01 7.03
N GLU C 196 -27.87 19.05 6.21
CA GLU C 196 -27.02 19.26 5.08
C GLU C 196 -27.75 19.96 3.99
N LEU C 197 -29.01 19.61 3.78
CA LEU C 197 -29.82 20.29 2.79
C LEU C 197 -29.86 21.80 3.09
N ALA C 198 -29.88 22.16 4.36
CA ALA C 198 -29.96 23.54 4.74
C ALA C 198 -28.60 24.22 4.51
N THR C 199 -27.56 23.62 5.12
CA THR C 199 -26.27 24.23 5.21
C THR C 199 -25.32 23.99 4.02
N LYS C 200 -25.62 22.97 3.20
CA LYS C 200 -24.71 22.41 2.19
C LYS C 200 -23.61 21.57 2.79
N LYS C 201 -23.32 21.69 4.07
CA LYS C 201 -22.27 20.89 4.75
C LYS C 201 -22.80 19.67 5.52
N PRO C 202 -22.04 18.57 5.52
CA PRO C 202 -22.37 17.45 6.37
C PRO C 202 -22.34 17.88 7.79
N LEU C 203 -23.24 17.34 8.60
CA LEU C 203 -23.44 17.83 9.98
C LEU C 203 -22.42 17.26 10.95
N PHE C 204 -22.19 15.96 10.81
CA PHE C 204 -21.25 15.25 11.56
C PHE C 204 -20.24 14.65 10.64
N HIS C 205 -19.09 15.33 10.45
CA HIS C 205 -18.18 15.08 9.36
C HIS C 205 -16.95 14.29 9.82
N GLY C 206 -17.13 13.09 10.31
CA GLY C 206 -16.05 12.41 11.04
C GLY C 206 -15.12 11.64 10.15
N ASP C 207 -13.90 11.44 10.63
CA ASP C 207 -12.84 10.73 9.87
C ASP C 207 -12.82 9.22 10.15
N SER C 208 -13.50 8.83 11.22
CA SER C 208 -13.49 7.47 11.70
C SER C 208 -14.74 7.25 12.53
N GLU C 209 -15.03 5.99 12.85
CA GLU C 209 -16.14 5.66 13.70
C GLU C 209 -16.06 6.40 14.99
N ILE C 210 -14.89 6.34 15.60
CA ILE C 210 -14.69 7.02 16.89
C ILE C 210 -14.75 8.55 16.82
N ASP C 211 -14.19 9.12 15.77
CA ASP C 211 -14.31 10.55 15.52
C ASP C 211 -15.72 10.96 15.21
N GLN C 212 -16.43 10.13 14.47
CA GLN C 212 -17.86 10.36 14.25
C GLN C 212 -18.59 10.49 15.57
N LEU C 213 -18.32 9.55 16.50
CA LEU C 213 -19.04 9.60 17.76
C LEU C 213 -18.74 10.88 18.48
N PHE C 214 -17.46 11.23 18.49
CA PHE C 214 -17.07 12.45 19.15
C PHE C 214 -17.70 13.67 18.53
N ARG C 215 -17.90 13.64 17.23
CA ARG C 215 -18.48 14.82 16.59
C ARG C 215 -19.88 15.03 17.03
N ILE C 216 -20.62 13.94 16.98
CA ILE C 216 -21.97 13.88 17.51
C ILE C 216 -22.06 14.33 18.94
N PHE C 217 -21.23 13.78 19.82
CA PHE C 217 -21.23 14.20 21.21
C PHE C 217 -20.93 15.68 21.36
N ARG C 218 -19.95 16.23 20.62
CA ARG C 218 -19.59 17.65 20.82
C ARG C 218 -20.84 18.52 20.65
N ALA C 219 -21.74 18.11 19.76
CA ALA C 219 -22.94 18.89 19.42
C ALA C 219 -24.17 18.60 20.26
N LEU C 220 -24.33 17.35 20.68
CA LEU C 220 -25.53 16.87 21.37
C LEU C 220 -25.32 16.55 22.83
N GLY C 221 -24.06 16.52 23.21
CA GLY C 221 -23.66 16.21 24.57
C GLY C 221 -23.27 14.76 24.61
N THR C 222 -22.33 14.45 25.50
CA THR C 222 -21.98 13.08 25.72
C THR C 222 -23.12 12.37 26.43
N PRO C 223 -23.60 11.28 25.82
CA PRO C 223 -24.68 10.54 26.46
C PRO C 223 -24.24 9.74 27.68
N ASN C 224 -25.19 9.63 28.58
CA ASN C 224 -25.16 8.80 29.75
C ASN C 224 -26.55 8.09 29.85
N ASN C 225 -26.78 7.40 30.95
CA ASN C 225 -28.06 6.74 31.14
C ASN C 225 -29.25 7.62 31.44
N GLU C 226 -29.04 8.80 32.02
CA GLU C 226 -30.10 9.81 32.15
C GLU C 226 -30.77 10.10 30.83
N VAL C 227 -29.97 10.36 29.80
CA VAL C 227 -30.50 10.85 28.53
C VAL C 227 -30.80 9.72 27.60
N TRP C 228 -30.10 8.62 27.79
CA TRP C 228 -30.23 7.43 26.89
C TRP C 228 -30.19 6.17 27.75
N PRO C 229 -31.36 5.63 28.06
CA PRO C 229 -31.29 4.54 29.00
C PRO C 229 -30.62 3.31 28.43
N GLU C 230 -29.93 2.63 29.35
CA GLU C 230 -29.03 1.50 29.09
C GLU C 230 -27.76 1.81 28.20
N VAL C 231 -27.47 3.08 27.93
CA VAL C 231 -26.38 3.40 26.98
C VAL C 231 -24.99 2.96 27.44
N GLU C 232 -24.73 3.07 28.74
CA GLU C 232 -23.44 2.75 29.31
C GLU C 232 -23.13 1.25 29.25
N SER C 233 -24.15 0.44 28.87
CA SER C 233 -24.02 -1.02 28.73
C SER C 233 -23.65 -1.49 27.34
N LEU C 234 -23.67 -0.58 26.40
CA LEU C 234 -23.28 -0.93 25.05
C LEU C 234 -21.80 -1.29 24.98
N GLN C 235 -21.49 -2.17 24.03
CA GLN C 235 -20.17 -2.87 23.96
C GLN C 235 -18.98 -1.91 23.81
N ASP C 236 -19.23 -0.84 23.04
CA ASP C 236 -18.26 0.21 22.81
C ASP C 236 -18.57 1.53 23.55
N TYR C 237 -19.43 1.55 24.54
CA TYR C 237 -19.53 2.71 25.39
C TYR C 237 -18.28 2.70 26.21
N LYS C 238 -17.82 3.90 26.62
CA LYS C 238 -16.77 4.02 27.67
C LYS C 238 -16.98 5.25 28.52
N ASN C 239 -16.67 5.07 29.81
CA ASN C 239 -16.84 6.14 30.76
C ASN C 239 -15.71 7.15 30.58
N THR C 240 -14.78 6.87 29.68
CA THR C 240 -13.60 7.70 29.48
C THR C 240 -13.82 8.73 28.35
N PHE C 241 -14.94 8.60 27.64
CA PHE C 241 -15.31 9.56 26.61
C PHE C 241 -15.22 11.00 27.08
N PRO C 242 -14.94 11.93 26.16
CA PRO C 242 -14.96 13.34 26.58
C PRO C 242 -16.38 13.74 26.94
N LYS C 243 -16.48 14.68 27.87
CA LYS C 243 -17.72 15.09 28.54
C LYS C 243 -18.17 16.48 28.09
N TRP C 244 -18.94 16.48 27.02
CA TRP C 244 -19.57 17.65 26.50
C TRP C 244 -20.99 17.73 26.98
N LYS C 245 -21.39 18.92 27.37
CA LYS C 245 -22.79 19.24 27.67
C LYS C 245 -23.56 19.35 26.35
N PRO C 246 -24.88 19.27 26.40
CA PRO C 246 -25.64 19.70 25.23
C PRO C 246 -25.60 21.23 25.17
N GLY C 247 -25.25 21.86 24.06
CA GLY C 247 -25.43 21.36 22.69
C GLY C 247 -26.87 21.68 22.31
N SER C 248 -27.23 22.91 21.94
CA SER C 248 -26.46 23.90 21.20
C SER C 248 -26.36 23.40 19.76
N LEU C 249 -27.53 23.40 19.11
CA LEU C 249 -27.71 22.82 17.79
C LEU C 249 -27.97 23.85 16.71
N ALA C 250 -28.78 24.85 16.99
CA ALA C 250 -28.92 26.02 16.08
C ALA C 250 -27.56 26.61 15.79
N SER C 251 -26.71 26.58 16.82
CA SER C 251 -25.27 26.81 16.71
C SER C 251 -24.68 26.16 15.47
N HIS C 252 -24.94 24.87 15.32
CA HIS C 252 -24.36 24.05 14.25
C HIS C 252 -25.08 24.11 12.90
N VAL C 253 -26.10 24.96 12.74
CA VAL C 253 -26.88 24.95 11.50
C VAL C 253 -27.72 26.19 11.31
N LYS C 254 -27.62 26.77 10.12
CA LYS C 254 -28.41 27.92 9.73
C LYS C 254 -29.35 27.62 8.59
N ASN C 255 -30.33 28.50 8.44
CA ASN C 255 -31.46 28.41 7.45
C ASN C 255 -32.59 27.45 7.83
N LEU C 256 -32.94 27.43 9.11
CA LEU C 256 -34.15 26.78 9.55
C LEU C 256 -34.88 27.61 10.58
N ASP C 257 -36.17 27.85 10.35
CA ASP C 257 -37.01 28.42 11.40
C ASP C 257 -37.02 27.52 12.64
N GLU C 258 -37.59 28.00 13.73
CA GLU C 258 -37.64 27.20 14.96
C GLU C 258 -38.29 25.82 14.84
N ASN C 259 -39.22 25.70 13.90
CA ASN C 259 -39.81 24.43 13.52
C ASN C 259 -38.83 23.41 12.94
N GLY C 260 -38.08 23.85 11.95
CA GLY C 260 -37.00 23.06 11.41
C GLY C 260 -36.05 22.56 12.47
N LEU C 261 -35.62 23.46 13.34
CA LEU C 261 -34.63 23.10 14.35
C LEU C 261 -35.16 22.10 15.35
N ASP C 262 -36.44 22.27 15.65
CA ASP C 262 -37.16 21.41 16.55
C ASP C 262 -37.33 20.00 15.93
N LEU C 263 -37.89 19.94 14.73
CA LEU C 263 -38.06 18.67 14.01
C LEU C 263 -36.76 17.91 13.99
N LEU C 264 -35.74 18.64 13.54
CA LEU C 264 -34.33 18.15 13.50
C LEU C 264 -33.86 17.58 14.84
N SER C 265 -34.08 18.36 15.91
CA SER C 265 -33.69 17.92 17.23
C SER C 265 -34.35 16.59 17.57
N LYS C 266 -35.59 16.42 17.14
CA LYS C 266 -36.33 15.20 17.42
C LYS C 266 -35.92 14.02 16.57
N MET C 267 -35.41 14.31 15.37
CA MET C 267 -34.73 13.28 14.57
C MET C 267 -33.39 12.82 15.14
N LEU C 268 -32.77 13.59 16.00
CA LEU C 268 -31.46 13.24 16.54
C LEU C 268 -31.45 13.00 18.04
N ILE C 269 -32.59 12.54 18.55
CA ILE C 269 -32.63 12.04 19.91
C ILE C 269 -31.79 10.75 19.97
N TYR C 270 -31.00 10.62 21.03
CA TYR C 270 -30.08 9.50 21.20
C TYR C 270 -30.87 8.22 21.31
N ASP C 271 -31.68 8.12 22.40
CA ASP C 271 -32.51 7.00 22.67
C ASP C 271 -33.39 6.73 21.45
N PRO C 272 -33.17 5.60 20.75
CA PRO C 272 -34.00 5.18 19.59
C PRO C 272 -35.50 4.96 19.86
N ALA C 273 -35.81 4.41 21.05
CA ALA C 273 -37.21 4.25 21.47
C ALA C 273 -37.91 5.59 21.51
N LYS C 274 -37.15 6.63 21.84
CA LYS C 274 -37.69 8.00 22.07
C LYS C 274 -37.58 8.89 20.82
N ARG C 275 -36.90 8.42 19.81
CA ARG C 275 -36.66 9.27 18.66
C ARG C 275 -37.95 9.29 17.88
N ILE C 276 -38.21 10.40 17.22
CA ILE C 276 -39.33 10.57 16.35
C ILE C 276 -39.44 9.47 15.31
N SER C 277 -40.68 9.20 14.93
CA SER C 277 -40.96 8.22 13.89
C SER C 277 -41.12 8.98 12.57
N GLY C 278 -41.08 8.26 11.46
CA GLY C 278 -41.38 8.83 10.16
C GLY C 278 -42.72 9.50 10.11
N LYS C 279 -43.76 8.83 10.63
CA LYS C 279 -45.16 9.32 10.57
C LYS C 279 -45.36 10.59 11.33
N MET C 280 -44.89 10.63 12.57
CA MET C 280 -44.98 11.84 13.37
C MET C 280 -44.31 13.03 12.68
N ALA C 281 -43.09 12.77 12.18
CA ALA C 281 -42.31 13.80 11.53
C ALA C 281 -43.13 14.42 10.40
N LEU C 282 -43.91 13.62 9.66
CA LEU C 282 -44.78 14.22 8.64
C LEU C 282 -45.85 15.21 9.18
N ASN C 283 -46.10 15.23 10.49
CA ASN C 283 -47.09 16.15 11.11
C ASN C 283 -46.48 17.34 11.81
N HIS C 284 -45.16 17.48 11.74
CA HIS C 284 -44.51 18.62 12.39
C HIS C 284 -44.90 19.98 11.77
N PRO C 285 -45.11 20.99 12.61
CA PRO C 285 -45.48 22.35 12.14
C PRO C 285 -44.67 22.90 10.94
N TYR C 286 -43.37 22.57 10.93
CA TYR C 286 -42.45 22.76 9.79
C TYR C 286 -43.14 22.57 8.43
N PHE C 287 -43.86 21.47 8.26
CA PHE C 287 -44.58 21.25 7.01
C PHE C 287 -45.93 21.91 7.14
N ASN C 288 -45.99 23.19 6.86
CA ASN C 288 -47.30 23.85 6.62
C ASN C 288 -47.31 24.63 5.31
N ASP C 289 -46.36 24.38 4.39
CA ASP C 289 -46.27 25.18 3.17
C ASP C 289 -45.51 24.49 2.03
N GLN D 5 2.10 6.39 6.33
CA GLN D 5 2.47 7.31 7.48
C GLN D 5 1.33 7.73 8.38
N ILE D 6 1.69 8.14 9.58
CA ILE D 6 0.76 8.33 10.69
C ILE D 6 -0.05 9.63 10.61
N TYR D 7 -1.38 9.58 10.76
CA TYR D 7 -2.25 10.79 10.74
C TYR D 7 -2.55 11.25 12.18
N TYR D 8 -2.52 12.55 12.43
CA TYR D 8 -2.66 13.13 13.74
C TYR D 8 -3.88 14.03 13.61
N SER D 9 -4.87 13.92 14.51
CA SER D 9 -6.10 14.71 14.39
C SER D 9 -5.78 16.07 14.89
N ASP D 10 -6.64 17.01 14.56
CA ASP D 10 -6.68 18.20 15.32
C ASP D 10 -6.96 17.90 16.77
N LYS D 11 -6.79 18.90 17.61
CA LYS D 11 -7.04 18.75 19.01
C LYS D 11 -8.46 19.20 19.37
N TYR D 12 -8.96 18.70 20.48
CA TYR D 12 -10.31 19.03 20.95
C TYR D 12 -10.32 18.91 22.46
N ASP D 13 -11.34 19.50 23.11
CA ASP D 13 -11.36 19.53 24.59
C ASP D 13 -12.73 19.68 25.28
N ASP D 14 -12.74 19.13 26.49
CA ASP D 14 -13.70 19.36 27.55
C ASP D 14 -13.43 20.64 28.28
N GLU D 15 -14.13 20.84 29.38
CA GLU D 15 -13.63 21.70 30.42
C GLU D 15 -12.50 21.02 31.22
N GLU D 16 -12.49 19.69 31.32
CA GLU D 16 -11.45 18.94 32.09
C GLU D 16 -10.14 18.55 31.38
N PHE D 17 -10.20 17.84 30.26
CA PHE D 17 -8.98 17.48 29.50
C PHE D 17 -8.89 18.12 28.12
N GLU D 18 -7.71 17.99 27.50
CA GLU D 18 -7.59 18.16 26.07
C GLU D 18 -7.27 16.83 25.52
N TYR D 19 -7.59 16.71 24.26
CA TYR D 19 -7.59 15.41 23.58
C TYR D 19 -7.04 15.53 22.14
N ARG D 20 -6.55 14.39 21.67
CA ARG D 20 -6.47 14.13 20.26
C ARG D 20 -6.39 12.68 20.00
N HIS D 21 -6.58 12.32 18.75
CA HIS D 21 -6.32 10.94 18.34
C HIS D 21 -5.33 10.84 17.13
N VAL D 22 -4.72 9.67 17.01
CA VAL D 22 -3.74 9.39 16.04
C VAL D 22 -4.04 8.09 15.32
N MET D 23 -4.04 8.15 14.00
CA MET D 23 -4.36 7.01 13.20
C MET D 23 -3.08 6.38 12.68
N LEU D 24 -2.83 5.13 13.13
CA LEU D 24 -1.71 4.30 12.67
C LEU D 24 -2.02 3.55 11.39
N PRO D 25 -0.96 3.28 10.57
CA PRO D 25 -1.12 2.39 9.42
C PRO D 25 -1.45 1.00 9.89
N LYS D 26 -2.24 0.28 9.09
CA LYS D 26 -3.08 -0.83 9.59
C LYS D 26 -2.29 -1.98 10.24
N ASP D 27 -1.54 -2.69 9.37
N ASP D 27 -1.81 -2.98 9.53
CA ASP D 27 -0.18 -3.33 9.55
CA ASP D 27 -1.22 -4.12 10.33
C ASP D 27 0.46 -3.43 10.90
C ASP D 27 0.20 -3.64 11.11
N ILE D 28 0.32 -2.36 11.61
CA ILE D 28 1.05 -2.08 12.87
C ILE D 28 0.13 -2.38 14.06
N ALA D 29 -1.15 -2.05 13.91
CA ALA D 29 -2.17 -2.40 14.89
C ALA D 29 -2.25 -3.87 15.29
N LYS D 30 -1.69 -4.78 14.47
CA LYS D 30 -1.45 -6.17 14.92
C LYS D 30 -0.81 -6.15 16.29
N LEU D 31 -0.02 -5.11 16.54
CA LEU D 31 0.97 -5.09 17.57
C LEU D 31 0.67 -4.01 18.58
N VAL D 32 -0.53 -3.47 18.53
CA VAL D 32 -1.02 -2.60 19.60
C VAL D 32 -1.65 -3.51 20.64
N PRO D 33 -1.17 -3.44 21.91
CA PRO D 33 -1.74 -4.30 22.96
C PRO D 33 -3.24 -4.11 23.08
N LYS D 34 -3.97 -5.22 23.11
CA LYS D 34 -5.43 -5.21 23.08
C LYS D 34 -6.03 -5.14 24.47
N THR D 35 -5.39 -5.78 25.43
CA THR D 35 -5.88 -5.84 26.78
C THR D 35 -5.22 -4.86 27.77
N HIS D 36 -4.50 -3.87 27.30
CA HIS D 36 -4.03 -2.77 28.15
C HIS D 36 -3.63 -1.53 27.37
N LEU D 37 -3.63 -0.40 28.07
CA LEU D 37 -3.18 0.88 27.50
C LEU D 37 -1.68 1.08 27.68
N MET D 38 -1.11 1.98 26.89
CA MET D 38 0.34 2.00 26.61
C MET D 38 0.95 3.10 27.38
N SER D 39 2.14 2.79 27.92
CA SER D 39 3.01 3.84 28.47
C SER D 39 3.50 4.77 27.38
N GLU D 40 4.09 5.88 27.81
CA GLU D 40 4.67 6.83 26.91
C GLU D 40 5.72 6.13 26.06
N SER D 41 6.64 5.43 26.73
CA SER D 41 7.63 4.60 26.01
C SER D 41 6.95 3.71 24.96
N GLU D 42 5.90 3.00 25.38
CA GLU D 42 5.23 2.02 24.52
C GLU D 42 4.70 2.62 23.22
N TRP D 43 4.02 3.75 23.28
CA TRP D 43 3.53 4.40 22.05
C TRP D 43 4.62 5.17 21.25
N ARG D 44 5.58 5.80 21.91
CA ARG D 44 6.70 6.37 21.17
C ARG D 44 7.33 5.32 20.27
N ASN D 45 7.53 4.12 20.80
CA ASN D 45 8.08 2.99 20.03
C ASN D 45 7.36 2.66 18.77
N LEU D 46 6.08 2.94 18.71
CA LEU D 46 5.32 2.79 17.47
C LEU D 46 5.55 3.90 16.48
N GLY D 47 6.21 4.96 16.94
CA GLY D 47 6.56 6.06 16.10
C GLY D 47 5.59 7.19 16.26
N VAL D 48 5.04 7.35 17.42
CA VAL D 48 4.15 8.46 17.63
C VAL D 48 4.97 9.60 18.19
N GLN D 49 4.71 10.81 17.66
CA GLN D 49 5.47 12.00 17.97
C GLN D 49 4.53 13.03 18.48
N GLN D 50 4.80 13.49 19.68
CA GLN D 50 3.95 14.35 20.43
C GLN D 50 4.74 14.88 21.66
N SER D 51 4.30 15.96 22.27
CA SER D 51 4.88 16.36 23.55
C SER D 51 4.62 15.40 24.72
N GLN D 52 5.22 15.71 25.85
CA GLN D 52 5.03 14.94 27.07
C GLN D 52 3.64 14.95 27.66
N GLY D 53 3.37 13.92 28.46
CA GLY D 53 2.15 13.88 29.28
C GLY D 53 0.81 13.65 28.59
N TRP D 54 0.82 13.36 27.29
CA TRP D 54 -0.35 12.82 26.64
C TRP D 54 -0.47 11.41 27.17
N VAL D 55 -1.70 11.00 27.50
CA VAL D 55 -2.01 9.65 28.05
C VAL D 55 -2.92 8.85 27.15
N HIS D 56 -2.46 7.64 26.78
CA HIS D 56 -3.32 6.69 26.04
C HIS D 56 -4.41 6.28 27.03
N TYR D 57 -5.64 6.66 26.76
CA TYR D 57 -6.68 6.66 27.76
C TYR D 57 -7.89 5.72 27.44
N MET D 58 -8.04 5.27 26.22
CA MET D 58 -9.07 4.32 25.87
C MET D 58 -8.82 3.69 24.50
N ILE D 59 -9.56 2.62 24.20
CA ILE D 59 -9.48 1.90 22.95
C ILE D 59 -10.87 1.81 22.38
N HIS D 60 -11.03 2.17 21.12
CA HIS D 60 -12.17 1.79 20.41
C HIS D 60 -11.88 0.42 19.78
N GLU D 61 -12.48 -0.65 20.32
CA GLU D 61 -12.15 -2.00 19.84
C GLU D 61 -12.25 -2.22 18.32
N PRO D 62 -13.30 -1.69 17.67
CA PRO D 62 -13.38 -1.97 16.25
C PRO D 62 -12.41 -1.15 15.39
N GLU D 63 -11.71 -0.19 15.98
CA GLU D 63 -10.72 0.62 15.27
C GLU D 63 -9.41 0.68 16.09
N PRO D 64 -8.75 -0.47 16.20
CA PRO D 64 -7.70 -0.63 17.16
C PRO D 64 -6.41 0.12 16.77
N HIS D 65 -6.34 0.52 15.50
CA HIS D 65 -5.26 1.38 14.99
C HIS D 65 -5.36 2.85 15.36
N ILE D 66 -6.39 3.26 16.10
CA ILE D 66 -6.63 4.67 16.36
C ILE D 66 -6.31 4.89 17.82
N LEU D 67 -5.22 5.58 18.09
CA LEU D 67 -4.78 5.75 19.45
C LEU D 67 -5.40 7.01 19.99
N LEU D 68 -5.98 6.93 21.20
CA LEU D 68 -6.73 8.03 21.75
C LEU D 68 -6.01 8.58 22.93
N PHE D 69 -5.85 9.89 22.88
CA PHE D 69 -4.94 10.56 23.78
C PHE D 69 -5.60 11.75 24.41
N ARG D 70 -5.14 12.05 25.61
CA ARG D 70 -5.84 12.93 26.48
C ARG D 70 -4.81 13.45 27.43
N ARG D 71 -4.94 14.73 27.76
CA ARG D 71 -4.04 15.34 28.73
C ARG D 71 -4.75 16.45 29.51
N PRO D 72 -4.53 16.52 30.85
CA PRO D 72 -5.30 17.45 31.67
C PRO D 72 -4.99 18.87 31.32
N LEU D 73 -5.88 19.76 31.69
CA LEU D 73 -5.65 21.18 31.58
C LEU D 73 -5.18 21.72 32.93
N PRO D 74 -4.83 23.01 33.00
CA PRO D 74 -4.74 23.77 34.25
C PRO D 74 -5.65 23.36 35.44
N MET E 1 -16.39 -15.07 29.96
CA MET E 1 -15.03 -14.88 30.59
C MET E 1 -14.98 -14.92 32.12
N GLU E 2 -16.12 -15.05 32.77
CA GLU E 2 -16.16 -15.32 34.19
C GLU E 2 -15.37 -16.56 34.47
N ASP E 3 -15.74 -17.63 33.77
CA ASP E 3 -15.15 -18.93 33.99
C ASP E 3 -13.70 -19.12 33.45
N TYR E 4 -13.16 -18.15 32.69
CA TYR E 4 -11.91 -18.29 31.95
C TYR E 4 -10.94 -17.11 32.08
N THR E 5 -9.67 -17.40 32.35
CA THR E 5 -8.59 -16.42 32.25
C THR E 5 -7.92 -16.52 30.88
N LYS E 6 -7.70 -15.38 30.26
CA LYS E 6 -6.84 -15.26 29.05
C LYS E 6 -5.41 -15.44 29.53
N ILE E 7 -4.69 -16.36 28.90
CA ILE E 7 -3.27 -16.62 29.20
C ILE E 7 -2.47 -15.94 28.15
N GLU E 8 -2.71 -16.29 26.87
CA GLU E 8 -2.06 -15.60 25.75
C GLU E 8 -2.70 -15.67 24.35
N LYS E 9 -2.50 -14.61 23.56
CA LYS E 9 -2.80 -14.54 22.10
C LYS E 9 -2.06 -15.62 21.31
N ILE E 10 -2.77 -16.24 20.36
CA ILE E 10 -2.20 -17.30 19.50
C ILE E 10 -2.76 -17.29 18.07
N GLY E 11 -3.05 -16.11 17.53
CA GLY E 11 -3.30 -15.98 16.11
C GLY E 11 -4.60 -15.31 15.76
N GLU E 12 -4.91 -15.36 14.46
CA GLU E 12 -6.17 -14.84 13.91
C GLU E 12 -6.72 -15.78 12.83
N GLY E 13 -7.23 -16.92 13.26
CA GLY E 13 -7.72 -17.96 12.38
C GLY E 13 -9.00 -17.52 11.69
N THR E 14 -8.82 -16.69 10.63
CA THR E 14 -9.87 -16.18 9.67
C THR E 14 -11.14 -15.56 10.27
N TYR E 15 -11.64 -16.19 11.32
CA TYR E 15 -12.80 -15.70 12.04
C TYR E 15 -12.37 -14.70 13.09
N GLY E 16 -11.89 -15.19 14.23
CA GLY E 16 -11.68 -14.29 15.33
C GLY E 16 -10.23 -13.97 15.50
N VAL E 17 -9.99 -13.44 16.69
CA VAL E 17 -8.72 -13.45 17.35
C VAL E 17 -8.70 -14.72 18.21
N VAL E 18 -7.67 -15.57 18.13
CA VAL E 18 -7.63 -16.82 18.92
C VAL E 18 -6.73 -16.69 20.14
N TYR E 19 -7.24 -17.10 21.30
CA TYR E 19 -6.53 -16.94 22.57
C TYR E 19 -6.33 -18.29 23.24
N LYS E 20 -5.31 -18.39 24.07
CA LYS E 20 -5.16 -19.49 24.99
C LYS E 20 -5.79 -19.08 26.31
N GLY E 21 -6.49 -20.00 26.98
CA GLY E 21 -7.11 -19.71 28.27
C GLY E 21 -7.22 -20.89 29.20
N ARG E 22 -7.62 -20.61 30.44
CA ARG E 22 -7.86 -21.64 31.43
C ARG E 22 -9.21 -21.49 32.16
N HIS E 23 -9.91 -22.62 32.30
CA HIS E 23 -11.18 -22.74 33.08
C HIS E 23 -10.84 -22.63 34.58
N LYS E 24 -11.41 -21.65 35.27
CA LYS E 24 -11.10 -21.38 36.68
C LYS E 24 -11.63 -22.42 37.67
N THR E 25 -12.68 -23.15 37.28
CA THR E 25 -13.17 -24.30 38.04
C THR E 25 -12.26 -25.52 37.76
N THR E 26 -12.28 -26.01 36.52
CA THR E 26 -11.67 -27.30 36.17
C THR E 26 -10.19 -27.26 35.85
N GLY E 27 -9.59 -26.07 35.82
CA GLY E 27 -8.19 -25.91 35.40
C GLY E 27 -7.86 -26.27 33.94
N GLN E 28 -8.87 -26.75 33.20
CA GLN E 28 -8.76 -27.11 31.79
C GLN E 28 -8.13 -25.97 30.97
N VAL E 29 -7.21 -26.35 30.08
CA VAL E 29 -6.58 -25.43 29.17
C VAL E 29 -7.44 -25.40 27.90
N VAL E 30 -7.69 -24.19 27.36
CA VAL E 30 -8.54 -24.01 26.18
C VAL E 30 -8.05 -23.05 25.11
N ALA E 31 -8.61 -23.24 23.92
CA ALA E 31 -8.48 -22.31 22.83
C ALA E 31 -9.79 -21.51 22.76
N MET E 32 -9.70 -20.18 22.75
CA MET E 32 -10.86 -19.33 22.71
C MET E 32 -10.88 -18.45 21.49
N LYS E 33 -11.86 -18.60 20.60
CA LYS E 33 -12.05 -17.65 19.50
C LYS E 33 -12.96 -16.52 19.95
N LYS E 34 -12.54 -15.29 19.87
CA LYS E 34 -13.38 -14.18 20.27
C LYS E 34 -13.93 -13.65 18.98
N ILE E 35 -15.25 -13.56 18.88
CA ILE E 35 -15.93 -13.05 17.65
C ILE E 35 -16.93 -11.91 17.93
N ARG E 36 -16.78 -10.78 17.24
CA ARG E 36 -17.62 -9.61 17.35
C ARG E 36 -18.73 -9.79 16.35
N LEU E 37 -19.97 -9.81 16.83
CA LEU E 37 -21.08 -9.96 15.93
C LEU E 37 -21.69 -8.66 15.41
N GLU E 38 -22.00 -8.73 14.12
CA GLU E 38 -22.68 -7.67 13.37
C GLU E 38 -24.01 -7.46 14.08
N SER E 39 -24.28 -6.22 14.44
CA SER E 39 -25.58 -5.82 14.94
C SER E 39 -26.68 -6.34 14.03
N GLU E 40 -27.79 -6.77 14.59
CA GLU E 40 -28.85 -7.35 13.76
C GLU E 40 -30.11 -6.54 13.87
N GLU E 41 -31.00 -6.76 12.91
CA GLU E 41 -32.27 -6.07 12.89
C GLU E 41 -33.21 -6.63 13.95
N GLU E 42 -34.20 -5.83 14.30
CA GLU E 42 -35.22 -6.15 15.29
C GLU E 42 -35.80 -7.58 15.31
N GLY E 43 -36.64 -7.91 14.33
CA GLY E 43 -37.27 -9.22 14.26
C GLY E 43 -36.25 -10.22 13.84
N VAL E 44 -35.62 -9.97 12.70
CA VAL E 44 -34.63 -10.88 12.10
C VAL E 44 -33.78 -11.60 13.13
N PRO E 45 -34.06 -12.88 13.35
CA PRO E 45 -33.25 -13.64 14.27
C PRO E 45 -32.07 -14.22 13.54
N SER E 46 -30.96 -14.32 14.27
CA SER E 46 -29.67 -14.66 13.65
C SER E 46 -29.52 -16.14 13.40
N THR E 47 -29.46 -16.47 12.11
CA THR E 47 -29.14 -17.84 11.66
C THR E 47 -27.70 -18.25 11.99
N ALA E 48 -26.79 -17.28 12.04
CA ALA E 48 -25.40 -17.52 12.45
C ALA E 48 -25.29 -18.25 13.82
N ILE E 49 -26.00 -17.77 14.84
CA ILE E 49 -26.03 -18.47 16.12
C ILE E 49 -26.74 -19.79 16.01
N ARG E 50 -27.90 -19.85 15.31
CA ARG E 50 -28.64 -21.13 15.11
C ARG E 50 -27.71 -22.24 14.70
N GLU E 51 -26.93 -21.96 13.68
CA GLU E 51 -25.89 -22.86 13.20
C GLU E 51 -24.87 -23.26 14.29
N ILE E 52 -24.30 -22.28 15.01
CA ILE E 52 -23.33 -22.56 16.07
C ILE E 52 -23.89 -23.44 17.20
N SER E 53 -25.08 -23.11 17.66
CA SER E 53 -25.86 -23.96 18.56
C SER E 53 -25.73 -25.42 18.16
N LEU E 54 -26.06 -25.69 16.91
CA LEU E 54 -26.09 -27.05 16.39
C LEU E 54 -24.72 -27.70 16.32
N LEU E 55 -23.68 -26.91 16.02
CA LEU E 55 -22.29 -27.42 15.93
C LEU E 55 -21.70 -27.76 17.30
N LYS E 56 -22.24 -27.15 18.34
CA LYS E 56 -21.88 -27.50 19.71
C LYS E 56 -22.15 -28.97 20.00
N GLU E 57 -23.19 -29.53 19.39
CA GLU E 57 -23.54 -30.92 19.61
C GLU E 57 -22.42 -31.86 19.26
N LEU E 58 -21.74 -31.59 18.14
CA LEU E 58 -21.00 -32.63 17.42
C LEU E 58 -19.78 -33.10 18.18
N ARG E 59 -19.76 -34.37 18.54
CA ARG E 59 -18.61 -34.96 19.16
C ARG E 59 -18.18 -36.07 18.29
N HIS E 60 -16.89 -36.27 18.20
CA HIS E 60 -16.29 -37.34 17.45
C HIS E 60 -14.82 -37.20 17.79
N PRO E 61 -14.09 -38.31 17.86
CA PRO E 61 -12.67 -38.19 18.28
C PRO E 61 -11.72 -37.43 17.32
N ASN E 62 -11.92 -37.65 16.03
CA ASN E 62 -11.27 -36.87 14.97
C ASN E 62 -11.89 -35.51 14.55
N ILE E 63 -12.60 -34.83 15.45
CA ILE E 63 -12.97 -33.45 15.25
C ILE E 63 -12.79 -32.69 16.54
N VAL E 64 -12.48 -31.40 16.40
CA VAL E 64 -12.12 -30.56 17.54
C VAL E 64 -13.41 -30.14 18.19
N SER E 65 -13.67 -30.72 19.34
CA SER E 65 -14.96 -30.50 19.94
C SER E 65 -15.02 -29.05 20.43
N LEU E 66 -16.08 -28.43 19.93
CA LEU E 66 -16.54 -27.13 20.35
C LEU E 66 -17.28 -27.26 21.69
N GLN E 67 -16.54 -27.07 22.78
CA GLN E 67 -17.03 -27.23 24.16
C GLN E 67 -18.11 -26.29 24.64
N ASP E 68 -18.03 -25.00 24.36
CA ASP E 68 -18.96 -24.00 24.95
C ASP E 68 -19.10 -22.82 24.00
N VAL E 69 -20.14 -22.05 24.22
CA VAL E 69 -20.38 -20.84 23.46
C VAL E 69 -20.90 -19.81 24.43
N LEU E 70 -20.41 -18.56 24.34
CA LEU E 70 -20.74 -17.56 25.36
C LEU E 70 -21.04 -16.25 24.73
N MET E 71 -21.75 -15.40 25.47
CA MET E 71 -22.24 -14.13 24.95
C MET E 71 -21.94 -13.03 25.91
N GLN E 72 -21.13 -12.08 25.47
CA GLN E 72 -20.83 -10.84 26.19
C GLN E 72 -21.62 -9.76 25.46
N ASP E 73 -21.17 -8.50 25.54
CA ASP E 73 -21.88 -7.41 24.87
C ASP E 73 -21.69 -7.60 23.38
N SER E 74 -22.69 -8.21 22.74
CA SER E 74 -22.69 -8.47 21.28
C SER E 74 -21.42 -9.18 20.72
N ARG E 75 -20.64 -9.81 21.61
CA ARG E 75 -19.54 -10.66 21.17
C ARG E 75 -19.59 -12.09 21.72
N LEU E 76 -18.96 -12.98 20.97
CA LEU E 76 -19.24 -14.39 20.98
C LEU E 76 -17.96 -15.15 21.16
N TYR E 77 -17.90 -16.00 22.15
CA TYR E 77 -16.70 -16.69 22.47
C TYR E 77 -16.85 -18.15 22.14
N LEU E 78 -16.06 -18.66 21.26
CA LEU E 78 -16.10 -20.05 20.98
C LEU E 78 -15.02 -20.74 21.75
N ILE E 79 -15.39 -21.64 22.62
CA ILE E 79 -14.41 -22.36 23.43
C ILE E 79 -14.14 -23.76 22.90
N PHE E 80 -12.87 -24.01 22.54
CA PHE E 80 -12.44 -25.31 22.01
C PHE E 80 -11.39 -25.89 22.92
N GLU E 81 -11.16 -27.20 22.78
CA GLU E 81 -10.01 -27.86 23.45
C GLU E 81 -8.72 -27.31 22.88
N PHE E 82 -7.72 -27.17 23.74
CA PHE E 82 -6.42 -26.59 23.35
C PHE E 82 -5.44 -27.63 22.82
N LEU E 83 -5.10 -27.49 21.55
CA LEU E 83 -4.07 -28.31 20.93
C LEU E 83 -2.98 -27.35 20.51
N SER E 84 -1.74 -27.75 20.74
CA SER E 84 -0.54 -26.92 20.50
C SER E 84 0.07 -27.09 19.10
N MET E 85 -0.36 -28.11 18.39
CA MET E 85 0.23 -28.49 17.16
C MET E 85 -0.83 -28.53 16.09
N ASP E 86 -0.44 -28.14 14.90
CA ASP E 86 -1.23 -28.40 13.74
C ASP E 86 -0.34 -28.95 12.66
N LEU E 87 -0.98 -29.42 11.61
CA LEU E 87 -0.27 -30.14 10.62
C LEU E 87 0.65 -29.26 9.74
N LYS E 88 0.24 -28.04 9.45
CA LYS E 88 1.11 -27.11 8.73
C LYS E 88 2.45 -26.87 9.43
N LYS E 89 2.32 -26.57 10.71
CA LYS E 89 3.38 -26.48 11.64
C LYS E 89 4.19 -27.79 11.61
N TYR E 90 3.54 -28.94 11.78
CA TYR E 90 4.23 -30.24 11.81
C TYR E 90 5.09 -30.43 10.55
N LEU E 91 4.47 -30.28 9.39
CA LEU E 91 5.15 -30.51 8.14
C LEU E 91 6.39 -29.62 8.06
N ASP E 92 6.28 -28.37 8.49
CA ASP E 92 7.42 -27.45 8.49
C ASP E 92 8.58 -27.93 9.31
N SER E 93 8.28 -28.57 10.43
CA SER E 93 9.28 -29.07 11.37
C SER E 93 10.05 -30.31 10.87
N ILE E 94 9.70 -30.87 9.71
CA ILE E 94 10.43 -32.01 9.17
C ILE E 94 11.75 -31.57 8.52
N PRO E 95 12.87 -32.20 8.92
CA PRO E 95 14.13 -31.73 8.36
C PRO E 95 14.26 -32.09 6.88
N PRO E 96 15.06 -31.31 6.13
CA PRO E 96 15.10 -31.51 4.68
C PRO E 96 15.83 -32.81 4.33
N GLY E 97 15.32 -33.52 3.32
CA GLY E 97 15.82 -34.85 2.97
C GLY E 97 15.02 -36.00 3.57
N GLN E 98 14.42 -35.80 4.74
CA GLN E 98 13.47 -36.76 5.37
C GLN E 98 12.03 -36.57 4.93
N TYR E 99 11.24 -37.61 5.09
CA TYR E 99 9.83 -37.56 4.77
C TYR E 99 9.04 -38.14 5.89
N MET E 100 7.74 -37.89 5.85
CA MET E 100 6.80 -38.37 6.84
C MET E 100 6.68 -39.85 6.63
N ASP E 101 6.84 -40.59 7.72
CA ASP E 101 6.82 -42.03 7.65
C ASP E 101 5.51 -42.50 6.99
N SER E 102 5.60 -43.23 5.90
CA SER E 102 4.43 -43.48 5.03
C SER E 102 3.22 -44.16 5.71
N SER E 103 3.48 -44.87 6.80
CA SER E 103 2.45 -45.47 7.59
C SER E 103 1.80 -44.45 8.50
N LEU E 104 2.53 -43.39 8.86
CA LEU E 104 1.92 -42.24 9.59
C LEU E 104 1.03 -41.35 8.71
N VAL E 105 1.46 -41.18 7.47
CA VAL E 105 0.63 -40.59 6.44
C VAL E 105 -0.71 -41.30 6.39
N LYS E 106 -0.63 -42.63 6.18
CA LYS E 106 -1.80 -43.50 6.06
C LYS E 106 -2.68 -43.39 7.31
N SER E 107 -2.09 -43.51 8.48
CA SER E 107 -2.80 -43.21 9.72
C SER E 107 -3.54 -41.89 9.65
N TYR E 108 -2.80 -40.81 9.38
CA TYR E 108 -3.37 -39.50 9.40
C TYR E 108 -4.51 -39.33 8.43
N LEU E 109 -4.33 -39.80 7.21
CA LEU E 109 -5.40 -39.68 6.22
C LEU E 109 -6.72 -40.35 6.66
N TYR E 110 -6.59 -41.53 7.23
CA TYR E 110 -7.74 -42.29 7.68
C TYR E 110 -8.51 -41.53 8.77
N GLN E 111 -7.73 -40.96 9.69
CA GLN E 111 -8.31 -40.16 10.78
C GLN E 111 -9.03 -38.95 10.23
N ILE E 112 -8.43 -38.30 9.26
CA ILE E 112 -9.02 -37.15 8.56
C ILE E 112 -10.29 -37.51 7.81
N LEU E 113 -10.23 -38.60 7.08
CA LEU E 113 -11.46 -39.17 6.44
C LEU E 113 -12.58 -39.46 7.44
N GLN E 114 -12.23 -40.05 8.57
CA GLN E 114 -13.25 -40.36 9.55
C GLN E 114 -13.99 -39.17 10.09
N GLY E 115 -13.23 -38.12 10.36
CA GLY E 115 -13.79 -36.88 10.86
C GLY E 115 -14.69 -36.24 9.85
N ILE E 116 -14.34 -36.34 8.55
CA ILE E 116 -15.13 -35.70 7.50
C ILE E 116 -16.40 -36.48 7.21
N VAL E 117 -16.24 -37.80 7.15
CA VAL E 117 -17.36 -38.67 7.00
C VAL E 117 -18.36 -38.42 8.12
N PHE E 118 -17.90 -38.25 9.36
CA PHE E 118 -18.78 -37.93 10.45
C PHE E 118 -19.51 -36.62 10.18
N CYS E 119 -18.76 -35.62 9.72
CA CYS E 119 -19.32 -34.30 9.46
C CYS E 119 -20.31 -34.31 8.35
N HIS E 120 -20.06 -35.17 7.38
CA HIS E 120 -20.85 -35.16 6.16
C HIS E 120 -22.33 -35.70 6.05
N SER E 121 -22.66 -36.95 6.27
CA SER E 121 -23.07 -37.62 7.55
C SER E 121 -23.99 -36.80 8.41
N ARG E 122 -23.50 -35.72 8.99
CA ARG E 122 -24.37 -34.81 9.74
C ARG E 122 -24.85 -33.56 8.99
N ARG E 123 -24.81 -33.63 7.66
CA ARG E 123 -25.19 -32.54 6.74
C ARG E 123 -24.21 -31.36 6.72
N VAL E 124 -23.01 -31.53 7.27
CA VAL E 124 -22.12 -30.40 7.61
C VAL E 124 -20.86 -30.49 6.77
N LEU E 125 -20.47 -29.37 6.19
CA LEU E 125 -19.19 -29.30 5.44
C LEU E 125 -18.13 -28.52 6.18
N HIS E 126 -16.91 -28.68 5.69
CA HIS E 126 -15.83 -27.73 5.98
C HIS E 126 -15.78 -26.57 5.01
N ARG E 127 -15.44 -26.85 3.75
CA ARG E 127 -15.28 -25.87 2.64
C ARG E 127 -13.92 -25.29 2.55
N ASP E 128 -13.46 -24.73 3.66
CA ASP E 128 -12.14 -24.13 3.73
C ASP E 128 -11.10 -25.08 4.35
N LEU E 129 -11.09 -26.31 3.91
CA LEU E 129 -10.21 -27.28 4.55
C LEU E 129 -8.77 -27.07 4.13
N LYS E 130 -7.84 -27.29 5.07
CA LYS E 130 -6.38 -27.17 4.82
C LYS E 130 -5.53 -27.55 6.03
N PRO E 131 -4.22 -27.86 5.84
CA PRO E 131 -3.37 -28.29 6.95
C PRO E 131 -3.38 -27.52 8.27
N GLN E 132 -3.42 -26.18 8.26
N GLN E 132 -3.42 -26.19 8.26
CA GLN E 132 -3.52 -25.47 9.55
CA GLN E 132 -3.52 -25.48 9.52
C GLN E 132 -4.85 -25.70 10.26
C GLN E 132 -4.86 -25.70 10.25
N ASN E 133 -5.84 -26.30 9.59
CA ASN E 133 -7.09 -26.72 10.24
C ASN E 133 -7.08 -28.14 10.85
N LEU E 134 -6.10 -28.95 10.50
CA LEU E 134 -5.91 -30.26 11.06
C LEU E 134 -4.97 -30.25 12.25
N LEU E 135 -5.52 -30.18 13.44
CA LEU E 135 -4.75 -30.14 14.68
C LEU E 135 -4.30 -31.54 15.12
N ILE E 136 -3.28 -31.60 16.01
CA ILE E 136 -2.76 -32.85 16.56
C ILE E 136 -2.48 -32.76 18.07
N ASP E 137 -2.82 -33.83 18.80
CA ASP E 137 -2.38 -33.96 20.21
C ASP E 137 -1.09 -34.80 20.34
N ASP E 138 -0.45 -34.68 21.50
CA ASP E 138 0.65 -35.58 21.96
C ASP E 138 0.38 -37.09 21.79
N LYS E 139 -0.90 -37.47 21.91
CA LYS E 139 -1.36 -38.85 21.67
C LYS E 139 -1.31 -39.31 20.20
N GLY E 140 -0.92 -38.42 19.28
CA GLY E 140 -0.87 -38.76 17.86
C GLY E 140 -2.21 -38.85 17.18
N THR E 141 -3.22 -38.17 17.73
CA THR E 141 -4.54 -38.12 17.14
C THR E 141 -4.63 -36.80 16.39
N ILE E 142 -5.31 -36.81 15.25
CA ILE E 142 -5.51 -35.67 14.39
C ILE E 142 -6.99 -35.29 14.30
N LYS E 143 -7.31 -34.01 14.25
CA LYS E 143 -8.68 -33.54 14.41
C LYS E 143 -8.98 -32.36 13.54
N LEU E 144 -10.14 -32.38 12.90
CA LEU E 144 -10.58 -31.26 12.10
C LEU E 144 -11.03 -30.12 12.97
N ALA E 145 -10.58 -28.90 12.63
CA ALA E 145 -11.04 -27.69 13.30
C ALA E 145 -11.76 -26.82 12.32
N ASP E 146 -12.67 -25.99 12.84
CA ASP E 146 -13.47 -25.05 12.05
C ASP E 146 -14.52 -25.62 11.05
N PHE E 147 -14.87 -26.88 11.21
CA PHE E 147 -15.95 -27.46 10.44
C PHE E 147 -17.23 -26.62 10.63
N GLY E 148 -17.97 -26.46 9.53
CA GLY E 148 -19.21 -25.68 9.45
C GLY E 148 -19.24 -24.23 9.83
N LEU E 149 -18.07 -23.65 10.10
CA LEU E 149 -18.08 -22.25 10.54
C LEU E 149 -18.32 -21.33 9.36
N ALA E 150 -17.77 -21.70 8.20
CA ALA E 150 -18.01 -20.99 6.95
C ALA E 150 -19.49 -20.76 6.67
N ARG E 151 -20.26 -21.86 6.73
CA ARG E 151 -21.70 -21.82 6.56
C ARG E 151 -22.31 -20.81 7.49
N ALA E 152 -22.01 -20.89 8.79
CA ALA E 152 -22.63 -19.97 9.77
C ALA E 152 -22.35 -18.47 9.52
N PHE E 153 -21.40 -18.16 8.64
CA PHE E 153 -21.03 -16.81 8.30
C PHE E 153 -20.96 -16.56 6.75
N GLY E 154 -19.81 -16.75 6.08
CA GLY E 154 -19.63 -16.25 4.71
C GLY E 154 -18.21 -16.23 4.15
N VAL E 159 -7.05 -9.31 3.97
CA VAL E 159 -8.29 -9.49 3.22
C VAL E 159 -8.13 -10.55 2.11
N TYR E 160 -7.36 -10.24 1.06
CA TYR E 160 -7.34 -11.00 -0.22
C TYR E 160 -6.22 -12.06 -0.42
N THR E 161 -5.08 -11.98 0.29
CA THR E 161 -4.10 -13.11 0.36
C THR E 161 -4.35 -14.02 1.58
N HIS E 162 -5.07 -13.48 2.57
CA HIS E 162 -5.86 -14.27 3.53
C HIS E 162 -6.55 -15.44 2.78
N GLU E 163 -7.15 -15.10 1.63
CA GLU E 163 -7.65 -16.06 0.64
C GLU E 163 -6.47 -16.77 -0.09
N VAL E 164 -5.73 -16.06 -0.95
CA VAL E 164 -4.62 -16.62 -1.81
C VAL E 164 -3.64 -17.54 -1.07
N VAL E 165 -2.98 -18.94 0.99
CA VAL E 165 -3.04 -20.34 1.25
C VAL E 165 -4.27 -20.91 0.69
N THR E 166 -5.42 -20.35 1.07
CA THR E 166 -6.65 -21.14 0.97
C THR E 166 -6.82 -21.69 -0.44
N LEU E 167 -6.31 -20.92 -1.39
CA LEU E 167 -6.33 -21.28 -2.81
C LEU E 167 -5.76 -22.63 -3.24
N TRP E 168 -4.81 -23.18 -2.51
CA TRP E 168 -4.16 -24.39 -2.99
C TRP E 168 -5.00 -25.66 -2.79
N TYR E 169 -6.00 -25.56 -1.90
CA TYR E 169 -6.74 -26.73 -1.47
C TYR E 169 -8.18 -26.65 -1.95
N ARG E 170 -8.34 -25.85 -2.98
CA ARG E 170 -9.62 -25.45 -3.43
C ARG E 170 -10.03 -26.24 -4.68
N SER E 171 -11.28 -26.73 -4.72
CA SER E 171 -11.79 -27.58 -5.80
C SER E 171 -12.01 -26.81 -7.07
N PRO E 172 -11.90 -27.48 -8.19
CA PRO E 172 -12.07 -26.78 -9.44
C PRO E 172 -13.51 -26.41 -9.74
N GLU E 173 -14.49 -27.12 -9.14
CA GLU E 173 -15.88 -26.65 -9.15
C GLU E 173 -15.95 -25.19 -8.75
N VAL E 174 -15.39 -24.92 -7.58
CA VAL E 174 -15.52 -23.63 -6.98
C VAL E 174 -14.77 -22.63 -7.85
N LEU E 175 -13.55 -23.01 -8.22
CA LEU E 175 -12.69 -22.15 -9.04
C LEU E 175 -13.36 -21.76 -10.36
N LEU E 176 -14.03 -22.72 -11.02
CA LEU E 176 -14.70 -22.42 -12.30
C LEU E 176 -16.04 -21.69 -12.19
N GLY E 177 -16.44 -21.33 -10.99
CA GLY E 177 -17.68 -20.54 -10.78
C GLY E 177 -18.95 -21.36 -10.80
N SER E 178 -18.82 -22.61 -10.39
CA SER E 178 -19.92 -23.54 -10.39
C SER E 178 -21.08 -23.03 -9.51
N ALA E 179 -22.30 -23.16 -10.03
CA ALA E 179 -23.52 -22.65 -9.38
C ALA E 179 -23.73 -23.15 -7.95
N ARG E 180 -23.53 -24.45 -7.75
CA ARG E 180 -23.59 -25.03 -6.41
C ARG E 180 -22.47 -26.02 -6.15
N TYR E 181 -22.16 -26.23 -4.88
CA TYR E 181 -21.08 -27.15 -4.48
C TYR E 181 -21.60 -27.99 -3.33
N SER E 182 -20.96 -29.11 -3.05
CA SER E 182 -21.39 -29.98 -1.93
C SER E 182 -20.21 -30.73 -1.36
N THR E 183 -20.47 -31.86 -0.71
CA THR E 183 -19.39 -32.60 -0.07
C THR E 183 -18.14 -32.88 -0.93
N PRO E 184 -18.28 -33.00 -2.28
CA PRO E 184 -17.05 -33.26 -3.02
C PRO E 184 -15.94 -32.23 -2.81
N VAL E 185 -16.26 -31.01 -2.41
CA VAL E 185 -15.20 -30.04 -2.18
C VAL E 185 -14.28 -30.45 -1.07
N ASP E 186 -14.82 -30.98 0.02
CA ASP E 186 -13.99 -31.43 1.13
C ASP E 186 -13.12 -32.64 0.79
N ILE E 187 -13.59 -33.50 -0.10
CA ILE E 187 -12.77 -34.61 -0.58
C ILE E 187 -11.60 -34.14 -1.49
N TRP E 188 -11.86 -33.13 -2.31
CA TRP E 188 -10.80 -32.54 -3.13
C TRP E 188 -9.70 -32.02 -2.25
N SER E 189 -10.09 -31.22 -1.29
CA SER E 189 -9.16 -30.62 -0.39
C SER E 189 -8.37 -31.72 0.26
N ILE E 190 -9.04 -32.76 0.67
CA ILE E 190 -8.32 -33.84 1.33
C ILE E 190 -7.30 -34.51 0.40
N GLY E 191 -7.64 -34.58 -0.87
CA GLY E 191 -6.73 -35.23 -1.82
C GLY E 191 -5.44 -34.43 -1.92
N THR E 192 -5.62 -33.10 -1.95
CA THR E 192 -4.48 -32.18 -2.08
C THR E 192 -3.61 -32.26 -0.83
N ILE E 193 -4.27 -32.40 0.32
CA ILE E 193 -3.55 -32.51 1.57
C ILE E 193 -2.79 -33.82 1.61
N PHE E 194 -3.40 -34.86 1.05
CA PHE E 194 -2.82 -36.19 1.07
C PHE E 194 -1.49 -36.11 0.36
N ALA E 195 -1.49 -35.51 -0.80
CA ALA E 195 -0.30 -35.41 -1.59
C ALA E 195 0.84 -34.71 -0.83
N GLU E 196 0.46 -33.70 -0.05
CA GLU E 196 1.38 -32.87 0.71
C GLU E 196 1.95 -33.67 1.86
N LEU E 197 1.13 -34.52 2.48
CA LEU E 197 1.60 -35.37 3.58
C LEU E 197 2.74 -36.26 3.11
N ALA E 198 2.65 -36.72 1.87
CA ALA E 198 3.68 -37.59 1.31
C ALA E 198 4.94 -36.75 1.00
N THR E 199 4.75 -35.69 0.20
CA THR E 199 5.84 -34.94 -0.41
C THR E 199 6.41 -33.80 0.41
N LYS E 200 5.68 -33.38 1.43
CA LYS E 200 5.95 -32.15 2.18
C LYS E 200 5.55 -30.88 1.41
N LYS E 201 5.38 -30.96 0.10
CA LYS E 201 5.05 -29.78 -0.72
C LYS E 201 3.56 -29.72 -1.04
N PRO E 202 3.00 -28.53 -1.08
CA PRO E 202 1.72 -28.35 -1.69
C PRO E 202 1.66 -28.88 -3.09
N LEU E 203 0.56 -29.50 -3.48
CA LEU E 203 0.50 -30.17 -4.76
C LEU E 203 0.26 -29.20 -5.90
N PHE E 204 -0.68 -28.31 -5.67
CA PHE E 204 -1.07 -27.29 -6.63
C PHE E 204 -0.85 -25.94 -6.00
N HIS E 205 0.30 -25.35 -6.31
CA HIS E 205 0.85 -24.25 -5.54
C HIS E 205 0.63 -22.93 -6.24
N GLY E 206 -0.60 -22.56 -6.51
CA GLY E 206 -0.90 -21.45 -7.43
C GLY E 206 -0.83 -20.10 -6.79
N ASP E 207 -0.54 -19.08 -7.60
CA ASP E 207 -0.37 -17.68 -7.13
C ASP E 207 -1.67 -16.89 -7.23
N SER E 208 -2.65 -17.45 -7.92
CA SER E 208 -3.91 -16.82 -8.16
C SER E 208 -4.93 -17.87 -8.53
N GLU E 209 -6.21 -17.49 -8.53
CA GLU E 209 -7.26 -18.41 -8.91
C GLU E 209 -6.96 -19.02 -10.24
N ILE E 210 -6.69 -18.17 -11.21
CA ILE E 210 -6.44 -18.64 -12.56
C ILE E 210 -5.18 -19.51 -12.68
N ASP E 211 -4.13 -19.13 -11.96
CA ASP E 211 -2.91 -19.94 -11.93
C ASP E 211 -3.14 -21.26 -11.22
N GLN E 212 -3.95 -21.24 -10.18
CA GLN E 212 -4.38 -22.48 -9.56
C GLN E 212 -5.06 -23.43 -10.54
N LEU E 213 -5.98 -22.91 -11.34
CA LEU E 213 -6.64 -23.77 -12.32
C LEU E 213 -5.64 -24.35 -13.27
N PHE E 214 -4.75 -23.50 -13.73
CA PHE E 214 -3.75 -23.95 -14.68
C PHE E 214 -2.81 -24.97 -14.10
N ARG E 215 -2.51 -24.86 -12.81
CA ARG E 215 -1.62 -25.83 -12.20
C ARG E 215 -2.28 -27.17 -12.20
N ILE E 216 -3.54 -27.17 -11.77
CA ILE E 216 -4.37 -28.36 -11.77
C ILE E 216 -4.46 -28.99 -13.16
N PHE E 217 -4.78 -28.17 -14.16
CA PHE E 217 -4.88 -28.70 -15.52
C PHE E 217 -3.53 -29.29 -15.99
N ARG E 218 -2.39 -28.62 -15.71
CA ARG E 218 -1.05 -29.09 -16.24
C ARG E 218 -0.79 -30.51 -15.75
N ALA E 219 -1.30 -30.84 -14.55
CA ALA E 219 -1.17 -32.19 -13.97
C ALA E 219 -2.25 -33.21 -14.35
N LEU E 220 -3.50 -32.76 -14.48
CA LEU E 220 -4.68 -33.66 -14.64
C LEU E 220 -5.30 -33.65 -16.04
N GLY E 221 -4.84 -32.69 -16.85
CA GLY E 221 -5.36 -32.47 -18.16
C GLY E 221 -6.42 -31.40 -18.12
N THR E 222 -6.49 -30.63 -19.19
CA THR E 222 -7.52 -29.63 -19.32
C THR E 222 -8.87 -30.31 -19.50
N PRO E 223 -9.82 -29.94 -18.65
CA PRO E 223 -11.10 -30.57 -18.77
C PRO E 223 -11.93 -30.04 -19.94
N ASN E 224 -12.77 -30.95 -20.42
CA ASN E 224 -13.81 -30.73 -21.41
C ASN E 224 -15.04 -31.51 -20.95
N ASN E 225 -16.06 -31.55 -21.79
CA ASN E 225 -17.26 -32.28 -21.47
C ASN E 225 -17.14 -33.81 -21.49
N GLU E 226 -16.23 -34.39 -22.28
CA GLU E 226 -15.91 -35.83 -22.21
C GLU E 226 -15.57 -36.28 -20.80
N VAL E 227 -14.66 -35.56 -20.15
CA VAL E 227 -14.14 -35.97 -18.83
C VAL E 227 -14.94 -35.38 -17.66
N TRP E 228 -15.62 -34.26 -17.90
CA TRP E 228 -16.42 -33.58 -16.88
C TRP E 228 -17.70 -33.07 -17.53
N PRO E 229 -18.78 -33.83 -17.40
CA PRO E 229 -19.96 -33.37 -18.09
C PRO E 229 -20.52 -32.03 -17.60
N GLU E 230 -21.00 -31.27 -18.58
CA GLU E 230 -21.45 -29.88 -18.45
C GLU E 230 -20.39 -28.85 -18.04
N VAL E 231 -19.11 -29.23 -18.03
CA VAL E 231 -18.07 -28.30 -17.57
C VAL E 231 -17.99 -27.03 -18.40
N GLU E 232 -18.17 -27.14 -19.71
CA GLU E 232 -17.96 -26.03 -20.63
C GLU E 232 -19.05 -24.97 -20.47
N SER E 233 -20.07 -25.27 -19.65
CA SER E 233 -21.18 -24.38 -19.30
C SER E 233 -20.94 -23.52 -18.08
N LEU E 234 -19.89 -23.81 -17.35
CA LEU E 234 -19.58 -23.01 -16.18
C LEU E 234 -19.21 -21.59 -16.57
N GLN E 235 -19.49 -20.66 -15.67
CA GLN E 235 -19.40 -19.23 -15.96
C GLN E 235 -18.00 -18.77 -16.35
N ASP E 236 -16.99 -19.38 -15.70
CA ASP E 236 -15.59 -19.07 -15.93
C ASP E 236 -14.85 -20.16 -16.71
N TYR E 237 -15.56 -21.08 -17.35
CA TYR E 237 -14.90 -21.98 -18.27
C TYR E 237 -14.58 -21.14 -19.46
N LYS E 238 -13.51 -21.50 -20.18
CA LYS E 238 -13.23 -20.92 -21.49
C LYS E 238 -12.57 -21.92 -22.39
N ASN E 239 -12.91 -21.80 -23.67
CA ASN E 239 -12.36 -22.70 -24.67
C ASN E 239 -10.96 -22.29 -25.04
N THR E 240 -10.48 -21.19 -24.47
CA THR E 240 -9.17 -20.66 -24.76
C THR E 240 -8.08 -21.18 -23.81
N PHE E 241 -8.50 -21.88 -22.74
CA PHE E 241 -7.57 -22.49 -21.81
C PHE E 241 -6.46 -23.26 -22.51
N PRO E 242 -5.26 -23.35 -21.90
CA PRO E 242 -4.24 -24.22 -22.49
C PRO E 242 -4.69 -25.66 -22.43
N LYS E 243 -4.26 -26.46 -23.41
CA LYS E 243 -4.70 -27.82 -23.66
C LYS E 243 -3.60 -28.83 -23.32
N TRP E 244 -3.62 -29.24 -22.05
CA TRP E 244 -2.77 -30.30 -21.52
C TRP E 244 -3.55 -31.63 -21.50
N LYS E 245 -2.88 -32.69 -21.94
CA LYS E 245 -3.40 -34.05 -21.79
C LYS E 245 -3.25 -34.47 -20.34
N PRO E 246 -3.95 -35.53 -19.92
CA PRO E 246 -3.60 -36.11 -18.62
C PRO E 246 -2.29 -36.87 -18.80
N GLY E 247 -1.25 -36.67 -17.98
CA GLY E 247 -1.35 -36.24 -16.59
C GLY E 247 -1.63 -37.52 -15.80
N SER E 248 -0.69 -38.42 -15.52
CA SER E 248 0.72 -38.15 -15.21
C SER E 248 0.75 -37.50 -13.84
N LEU E 249 0.36 -38.31 -12.85
CA LEU E 249 0.22 -37.88 -11.46
C LEU E 249 1.28 -38.44 -10.51
N ALA E 250 1.65 -39.71 -10.65
CA ALA E 250 2.83 -40.26 -9.97
C ALA E 250 4.07 -39.39 -10.23
N SER E 251 4.14 -38.88 -11.47
CA SER E 251 5.05 -37.84 -11.89
C SER E 251 5.17 -36.77 -10.82
N HIS E 252 4.01 -36.25 -10.40
CA HIS E 252 3.93 -35.12 -9.45
C HIS E 252 4.06 -35.46 -7.96
N VAL E 253 4.34 -36.72 -7.61
CA VAL E 253 4.31 -37.11 -6.21
C VAL E 253 4.99 -38.44 -5.94
N LYS E 254 5.89 -38.44 -4.96
CA LYS E 254 6.59 -39.65 -4.51
C LYS E 254 6.22 -40.05 -3.09
N ASN E 255 6.55 -41.29 -2.76
CA ASN E 255 6.23 -41.96 -1.47
C ASN E 255 4.79 -42.45 -1.31
N LEU E 256 4.23 -42.98 -2.38
CA LEU E 256 2.96 -43.70 -2.30
C LEU E 256 2.98 -44.94 -3.16
N ASP E 257 2.62 -46.09 -2.58
CA ASP E 257 2.36 -47.31 -3.39
C ASP E 257 1.21 -47.06 -4.40
N GLU E 258 1.00 -47.99 -5.34
CA GLU E 258 -0.06 -47.77 -6.36
C GLU E 258 -1.42 -47.53 -5.78
N ASN E 259 -1.66 -48.06 -4.59
CA ASN E 259 -2.90 -47.82 -3.86
C ASN E 259 -3.07 -46.37 -3.53
N GLY E 260 -2.03 -45.78 -2.93
CA GLY E 260 -2.02 -44.36 -2.59
C GLY E 260 -2.33 -43.53 -3.81
N LEU E 261 -1.64 -43.82 -4.89
CA LEU E 261 -1.79 -43.02 -6.11
C LEU E 261 -3.18 -43.09 -6.70
N ASP E 262 -3.73 -44.28 -6.59
CA ASP E 262 -5.06 -44.61 -7.08
C ASP E 262 -6.11 -43.91 -6.24
N LEU E 263 -6.05 -44.07 -4.92
CA LEU E 263 -6.94 -43.37 -3.99
C LEU E 263 -6.94 -41.88 -4.25
N LEU E 264 -5.73 -41.35 -4.30
CA LEU E 264 -5.49 -39.98 -4.61
C LEU E 264 -6.15 -39.59 -5.92
N SER E 265 -5.92 -40.39 -6.96
CA SER E 265 -6.46 -40.05 -8.30
C SER E 265 -7.97 -39.90 -8.20
N LYS E 266 -8.57 -40.73 -7.35
CA LYS E 266 -10.03 -40.74 -7.20
C LYS E 266 -10.55 -39.59 -6.39
N MET E 267 -9.72 -39.11 -5.47
CA MET E 267 -10.04 -37.86 -4.78
C MET E 267 -9.92 -36.61 -5.64
N LEU E 268 -9.22 -36.68 -6.77
CA LEU E 268 -9.06 -35.56 -7.64
C LEU E 268 -9.71 -35.72 -9.00
N ILE E 269 -10.79 -36.48 -9.04
CA ILE E 269 -11.61 -36.53 -10.23
C ILE E 269 -12.28 -35.16 -10.37
N TYR E 270 -12.31 -34.65 -11.60
CA TYR E 270 -12.94 -33.37 -11.90
C TYR E 270 -14.43 -33.35 -11.58
N ASP E 271 -15.19 -34.17 -12.30
CA ASP E 271 -16.62 -34.32 -12.11
C ASP E 271 -16.90 -34.66 -10.64
N PRO E 272 -17.50 -33.72 -9.90
CA PRO E 272 -17.86 -33.96 -8.48
C PRO E 272 -18.85 -35.13 -8.20
N ALA E 273 -19.80 -35.31 -9.11
CA ALA E 273 -20.72 -36.47 -9.02
C ALA E 273 -19.92 -37.77 -9.04
N LYS E 274 -18.79 -37.75 -9.74
CA LYS E 274 -17.97 -38.94 -9.99
C LYS E 274 -16.82 -39.09 -9.03
N ARG E 275 -16.58 -38.06 -8.25
CA ARG E 275 -15.46 -38.09 -7.37
C ARG E 275 -15.86 -39.00 -6.23
N ILE E 276 -14.86 -39.67 -5.69
CA ILE E 276 -15.01 -40.49 -4.54
C ILE E 276 -15.66 -39.77 -3.38
N SER E 277 -16.35 -40.53 -2.57
CA SER E 277 -16.96 -40.06 -1.35
C SER E 277 -16.01 -40.34 -0.18
N GLY E 278 -16.27 -39.71 0.95
CA GLY E 278 -15.55 -40.01 2.18
C GLY E 278 -15.61 -41.47 2.57
N LYS E 279 -16.82 -42.05 2.51
CA LYS E 279 -17.05 -43.46 2.93
C LYS E 279 -16.27 -44.42 2.08
N MET E 280 -16.36 -44.28 0.77
CA MET E 280 -15.67 -45.21 -0.21
C MET E 280 -14.19 -45.16 0.01
N ALA E 281 -13.68 -43.93 0.19
CA ALA E 281 -12.28 -43.72 0.43
C ALA E 281 -11.81 -44.54 1.65
N LEU E 282 -12.63 -44.62 2.69
CA LEU E 282 -12.26 -45.47 3.84
C LEU E 282 -12.14 -46.97 3.52
N ASN E 283 -12.66 -47.43 2.39
CA ASN E 283 -12.54 -48.84 1.97
C ASN E 283 -11.45 -49.11 0.96
N HIS E 284 -10.66 -48.11 0.57
CA HIS E 284 -9.63 -48.31 -0.42
C HIS E 284 -8.51 -49.23 0.08
N PRO E 285 -8.01 -50.10 -0.80
CA PRO E 285 -6.92 -51.05 -0.43
C PRO E 285 -5.73 -50.45 0.37
N TYR E 286 -5.40 -49.22 0.02
CA TYR E 286 -4.47 -48.36 0.75
C TYR E 286 -4.54 -48.57 2.26
N PHE E 287 -5.73 -48.53 2.82
CA PHE E 287 -5.88 -48.74 4.24
C PHE E 287 -6.03 -50.22 4.50
N ASN E 288 -4.90 -50.91 4.59
CA ASN E 288 -4.90 -52.26 5.14
C ASN E 288 -3.86 -52.44 6.25
N ASP E 289 -3.35 -51.34 6.81
CA ASP E 289 -2.24 -51.39 7.78
C ASP E 289 -2.07 -50.06 8.56
N GLN F 5 4.41 -2.69 -8.02
CA GLN F 5 5.01 -3.12 -9.33
C GLN F 5 4.50 -4.45 -9.87
N ILE F 6 4.67 -4.63 -11.17
CA ILE F 6 4.03 -5.71 -11.93
C ILE F 6 4.73 -7.05 -11.76
N TYR F 7 3.97 -8.13 -11.47
CA TYR F 7 4.55 -9.50 -11.39
C TYR F 7 4.36 -10.26 -12.72
N TYR F 8 5.36 -11.01 -13.13
CA TYR F 8 5.34 -11.75 -14.40
C TYR F 8 5.51 -13.19 -14.05
N SER F 9 4.62 -14.06 -14.55
CA SER F 9 4.68 -15.49 -14.19
C SER F 9 5.79 -16.13 -14.98
N ASP F 10 6.21 -17.31 -14.51
CA ASP F 10 6.99 -18.19 -15.38
C ASP F 10 6.16 -18.54 -16.59
N LYS F 11 6.81 -19.12 -17.58
CA LYS F 11 6.14 -19.48 -18.81
C LYS F 11 5.71 -20.90 -18.74
N TYR F 12 4.73 -21.23 -19.56
CA TYR F 12 4.16 -22.60 -19.62
C TYR F 12 3.63 -22.81 -21.04
N ASP F 13 3.42 -24.08 -21.41
CA ASP F 13 3.03 -24.41 -22.78
C ASP F 13 2.30 -25.74 -23.07
N ASP F 14 1.48 -25.65 -24.11
CA ASP F 14 0.85 -26.77 -24.82
C ASP F 14 1.84 -27.41 -25.74
N GLU F 15 1.32 -28.28 -26.59
CA GLU F 15 1.93 -28.52 -27.88
C GLU F 15 1.69 -27.35 -28.88
N GLU F 16 0.55 -26.64 -28.79
CA GLU F 16 0.22 -25.51 -29.72
C GLU F 16 0.79 -24.09 -29.42
N PHE F 17 0.51 -23.53 -28.25
CA PHE F 17 1.06 -22.21 -27.87
C PHE F 17 2.05 -22.25 -26.72
N GLU F 18 2.68 -21.11 -26.47
CA GLU F 18 3.29 -20.86 -25.18
C GLU F 18 2.51 -19.75 -24.55
N TYR F 19 2.66 -19.70 -23.23
CA TYR F 19 1.83 -18.85 -22.40
C TYR F 19 2.63 -18.21 -21.27
N ARG F 20 2.12 -17.07 -20.83
CA ARG F 20 2.37 -16.59 -19.47
C ARG F 20 1.26 -15.65 -19.03
N HIS F 21 1.24 -15.36 -17.73
CA HIS F 21 0.37 -14.30 -17.21
C HIS F 21 1.13 -13.25 -16.40
N VAL F 22 0.52 -12.07 -16.33
CA VAL F 22 1.08 -10.94 -15.70
C VAL F 22 0.08 -10.34 -14.75
N MET F 23 0.52 -10.14 -13.51
CA MET F 23 -0.34 -9.58 -12.48
C MET F 23 -0.05 -8.08 -12.31
N LEU F 24 -1.05 -7.26 -12.63
CA LEU F 24 -1.01 -5.83 -12.40
C LEU F 24 -1.38 -5.43 -10.96
N PRO F 25 -0.84 -4.29 -10.46
CA PRO F 25 -1.36 -3.63 -9.25
C PRO F 25 -2.81 -3.20 -9.41
N LYS F 26 -3.56 -3.29 -8.31
CA LYS F 26 -5.03 -3.47 -8.36
C LYS F 26 -5.78 -2.34 -9.06
N ASP F 27 -5.77 -1.18 -8.37
N ASP F 27 -6.18 -1.27 -8.40
CA ASP F 27 -5.68 0.22 -8.87
CA ASP F 27 -7.04 -0.31 -9.21
C ASP F 27 -5.82 0.57 -10.33
C ASP F 27 -6.18 0.42 -10.43
N ILE F 28 -5.22 -0.29 -11.11
CA ILE F 28 -4.97 -0.08 -12.55
C ILE F 28 -6.03 -0.86 -13.32
N ALA F 29 -6.35 -2.05 -12.82
CA ALA F 29 -7.45 -2.87 -13.35
C ALA F 29 -8.83 -2.20 -13.47
N LYS F 30 -9.06 -1.10 -12.75
CA LYS F 30 -10.20 -0.19 -13.08
C LYS F 30 -10.26 0.12 -14.58
N LEU F 31 -9.08 0.18 -15.18
CA LEU F 31 -8.87 0.74 -16.49
C LEU F 31 -8.45 -0.30 -17.51
N VAL F 32 -8.58 -1.58 -17.18
CA VAL F 32 -8.41 -2.66 -18.15
C VAL F 32 -9.75 -2.84 -18.80
N PRO F 33 -9.82 -2.74 -20.13
CA PRO F 33 -11.10 -2.89 -20.80
C PRO F 33 -11.73 -4.22 -20.43
N LYS F 34 -12.99 -4.18 -20.06
CA LYS F 34 -13.72 -5.37 -19.61
C LYS F 34 -14.39 -6.14 -20.75
N THR F 35 -14.87 -5.43 -21.76
CA THR F 35 -15.57 -6.04 -22.88
C THR F 35 -14.72 -6.23 -24.16
N HIS F 36 -13.40 -6.08 -24.08
CA HIS F 36 -12.52 -6.50 -25.19
C HIS F 36 -11.06 -6.71 -24.77
N LEU F 37 -10.35 -7.50 -25.58
CA LEU F 37 -8.94 -7.79 -25.36
C LEU F 37 -8.11 -6.72 -26.01
N MET F 38 -6.85 -6.64 -25.59
CA MET F 38 -6.02 -5.46 -25.80
C MET F 38 -5.05 -5.73 -26.92
N SER F 39 -4.85 -4.72 -27.76
CA SER F 39 -3.73 -4.70 -28.70
C SER F 39 -2.40 -4.62 -27.95
N GLU F 40 -1.33 -4.85 -28.71
CA GLU F 40 0.02 -4.74 -28.18
C GLU F 40 0.26 -3.33 -27.62
N SER F 41 -0.02 -2.32 -28.43
CA SER F 41 0.00 -0.94 -27.94
C SER F 41 -0.77 -0.79 -26.61
N GLU F 42 -1.99 -1.29 -26.58
CA GLU F 42 -2.87 -1.11 -25.42
C GLU F 42 -2.24 -1.62 -24.12
N TRP F 43 -1.69 -2.82 -24.12
CA TRP F 43 -1.08 -3.36 -22.90
C TRP F 43 0.30 -2.77 -22.60
N ARG F 44 1.09 -2.47 -23.64
CA ARG F 44 2.35 -1.76 -23.37
C ARG F 44 2.11 -0.49 -22.60
N ASN F 45 1.07 0.26 -22.98
CA ASN F 45 0.66 1.47 -22.25
C ASN F 45 0.37 1.32 -20.78
N LEU F 46 -0.08 0.15 -20.36
CA LEU F 46 -0.21 -0.15 -18.93
C LEU F 46 1.14 -0.40 -18.23
N GLY F 47 2.21 -0.53 -19.03
CA GLY F 47 3.55 -0.74 -18.53
C GLY F 47 3.98 -2.18 -18.56
N VAL F 48 3.46 -2.96 -19.50
CA VAL F 48 3.80 -4.36 -19.55
C VAL F 48 4.96 -4.48 -20.49
N GLN F 49 5.97 -5.23 -20.06
CA GLN F 49 7.24 -5.35 -20.76
C GLN F 49 7.54 -6.80 -21.09
N GLN F 50 7.69 -7.06 -22.39
CA GLN F 50 7.68 -8.36 -22.96
C GLN F 50 8.13 -8.27 -24.42
N SER F 51 8.58 -9.36 -25.00
CA SER F 51 8.84 -9.39 -26.47
C SER F 51 7.57 -9.29 -27.36
N GLN F 52 7.80 -9.16 -28.66
CA GLN F 52 6.71 -9.05 -29.63
C GLN F 52 5.84 -10.27 -29.72
N GLY F 53 4.64 -10.06 -30.25
CA GLY F 53 3.74 -11.14 -30.64
C GLY F 53 3.10 -11.95 -29.54
N TRP F 54 3.25 -11.53 -28.28
CA TRP F 54 2.41 -12.08 -27.19
C TRP F 54 1.05 -11.48 -27.40
N VAL F 55 0.02 -12.30 -27.28
CA VAL F 55 -1.36 -11.88 -27.52
C VAL F 55 -2.19 -11.99 -26.27
N HIS F 56 -2.84 -10.90 -25.90
CA HIS F 56 -3.83 -10.91 -24.84
C HIS F 56 -4.98 -11.76 -25.38
N TYR F 57 -5.20 -12.91 -24.76
CA TYR F 57 -6.08 -13.94 -25.33
C TYR F 57 -7.33 -14.31 -24.53
N MET F 58 -7.41 -13.97 -23.25
CA MET F 58 -8.61 -14.19 -22.47
C MET F 58 -8.60 -13.40 -21.20
N ILE F 59 -9.75 -13.36 -20.55
CA ILE F 59 -9.95 -12.69 -19.26
C ILE F 59 -10.54 -13.66 -18.28
N HIS F 60 -9.95 -13.75 -17.08
CA HIS F 60 -10.61 -14.39 -15.96
C HIS F 60 -11.40 -13.32 -15.23
N GLU F 61 -12.72 -13.29 -15.41
CA GLU F 61 -13.51 -12.14 -14.90
C GLU F 61 -13.32 -11.80 -13.42
N PRO F 62 -13.19 -12.82 -12.53
CA PRO F 62 -13.01 -12.47 -11.13
C PRO F 62 -11.61 -12.00 -10.77
N GLU F 63 -10.66 -12.08 -11.70
CA GLU F 63 -9.31 -11.57 -11.50
C GLU F 63 -8.93 -10.76 -12.71
N PRO F 64 -9.56 -9.58 -12.84
CA PRO F 64 -9.39 -8.77 -14.04
C PRO F 64 -8.02 -8.07 -14.18
N HIS F 65 -7.31 -7.97 -13.07
CA HIS F 65 -5.94 -7.51 -13.05
C HIS F 65 -4.90 -8.50 -13.53
N ILE F 66 -5.29 -9.70 -13.94
CA ILE F 66 -4.33 -10.70 -14.37
C ILE F 66 -4.42 -10.82 -15.88
N LEU F 67 -3.39 -10.36 -16.56
CA LEU F 67 -3.42 -10.37 -18.00
C LEU F 67 -2.86 -11.70 -18.47
N LEU F 68 -3.58 -12.33 -19.41
CA LEU F 68 -3.22 -13.66 -19.88
C LEU F 68 -2.76 -13.59 -21.31
N PHE F 69 -1.59 -14.19 -21.51
CA PHE F 69 -0.86 -14.01 -22.73
C PHE F 69 -0.43 -15.33 -23.27
N ARG F 70 -0.32 -15.34 -24.59
CA ARG F 70 -0.20 -16.55 -25.34
C ARG F 70 0.45 -16.18 -26.64
N ARG F 71 1.35 -17.05 -27.11
CA ARG F 71 2.01 -16.86 -28.39
C ARG F 71 2.27 -18.21 -29.06
N PRO F 72 1.98 -18.33 -30.38
CA PRO F 72 2.17 -19.60 -31.08
C PRO F 72 3.60 -20.09 -31.11
N LEU F 73 3.76 -21.39 -31.29
CA LEU F 73 5.07 -22.00 -31.44
C LEU F 73 5.33 -22.20 -32.92
N PRO F 74 6.52 -22.73 -33.26
CA PRO F 74 6.81 -23.38 -34.54
C PRO F 74 5.64 -24.15 -35.20
N MET G 1 14.29 20.50 -29.18
CA MET G 1 13.24 19.91 -30.10
C MET G 1 13.10 20.59 -31.46
N GLU G 2 13.90 21.62 -31.74
CA GLU G 2 14.03 22.15 -33.08
C GLU G 2 14.45 21.07 -34.07
N ASP G 3 15.55 20.40 -33.77
CA ASP G 3 16.12 19.39 -34.67
C ASP G 3 15.39 18.05 -34.71
N TYR G 4 14.38 17.84 -33.82
CA TYR G 4 13.72 16.54 -33.60
C TYR G 4 12.19 16.60 -33.55
N THR G 5 11.53 15.71 -34.27
CA THR G 5 10.10 15.48 -34.08
C THR G 5 9.89 14.35 -33.08
N LYS G 6 9.07 14.53 -32.03
CA LYS G 6 8.57 13.44 -31.19
C LYS G 6 7.73 12.66 -32.16
N ILE G 7 7.97 11.36 -32.25
CA ILE G 7 7.07 10.41 -32.95
C ILE G 7 6.13 9.77 -31.90
N GLU G 8 6.72 9.11 -30.91
CA GLU G 8 5.95 8.52 -29.85
C GLU G 8 6.85 8.53 -28.60
N LYS G 9 5.61 7.69 -27.09
CA LYS G 9 6.26 7.46 -25.82
C LYS G 9 6.69 6.01 -25.97
N ILE G 10 7.76 5.62 -25.28
CA ILE G 10 8.24 4.23 -25.28
C ILE G 10 8.88 3.81 -23.95
N GLY G 11 8.39 4.31 -22.82
CA GLY G 11 8.74 3.72 -21.55
C GLY G 11 9.29 4.70 -20.55
N GLU G 12 9.86 4.16 -19.46
CA GLU G 12 10.53 4.94 -18.37
C GLU G 12 11.86 4.29 -17.80
N GLY G 13 12.93 4.31 -18.62
CA GLY G 13 14.21 3.66 -18.32
C GLY G 13 14.99 4.31 -17.18
N THR G 14 14.57 3.99 -15.93
CA THR G 14 15.18 4.43 -14.60
C THR G 14 15.48 5.93 -14.39
N TYR G 15 15.99 6.58 -15.43
CA TYR G 15 16.21 8.01 -15.47
C TYR G 15 14.95 8.75 -15.90
N GLY G 16 14.68 8.81 -17.21
CA GLY G 16 13.61 9.69 -17.67
C GLY G 16 12.30 9.01 -18.03
N VAL G 17 11.52 9.77 -18.80
CA VAL G 17 10.52 9.26 -19.74
C VAL G 17 11.22 9.10 -21.13
N VAL G 18 11.13 7.95 -21.78
CA VAL G 18 11.80 7.75 -23.04
C VAL G 18 10.83 7.90 -24.22
N TYR G 19 11.23 8.67 -25.23
CA TYR G 19 10.42 8.95 -26.44
C TYR G 19 11.14 8.50 -27.71
N LYS G 20 10.37 8.21 -28.75
CA LYS G 20 10.94 7.98 -30.07
C LYS G 20 10.91 9.30 -30.81
N GLY G 21 11.93 9.58 -31.60
CA GLY G 21 11.96 10.76 -32.43
C GLY G 21 12.78 10.65 -33.70
N ARG G 22 12.72 11.68 -34.54
CA ARG G 22 13.54 11.76 -35.75
C ARG G 22 14.28 13.09 -35.90
N HIS G 23 15.57 12.99 -36.28
CA HIS G 23 16.46 14.16 -36.61
C HIS G 23 16.04 14.75 -37.97
N LYS G 24 15.60 16.01 -37.98
CA LYS G 24 15.05 16.65 -39.21
C LYS G 24 16.10 16.90 -40.28
N THR G 25 17.37 17.01 -39.89
CA THR G 25 18.51 17.11 -40.83
C THR G 25 18.84 15.70 -41.36
N THR G 26 19.33 14.82 -40.48
CA THR G 26 19.90 13.53 -40.89
C THR G 26 18.88 12.40 -41.01
N GLY G 27 17.60 12.65 -40.72
CA GLY G 27 16.54 11.62 -40.78
C GLY G 27 16.70 10.44 -39.81
N GLN G 28 17.82 10.46 -39.07
CA GLN G 28 18.13 9.49 -38.04
C GLN G 28 16.96 9.32 -37.04
N VAL G 29 16.69 8.05 -36.74
CA VAL G 29 15.64 7.68 -35.80
C VAL G 29 16.33 7.65 -34.43
N VAL G 30 15.67 8.23 -33.42
CA VAL G 30 16.26 8.35 -32.09
C VAL G 30 15.35 8.01 -30.92
N ALA G 31 16.06 7.70 -29.86
CA ALA G 31 15.52 7.54 -28.56
C ALA G 31 15.83 8.81 -27.79
N MET G 32 14.83 9.42 -27.22
CA MET G 32 14.99 10.68 -26.47
C MET G 32 14.60 10.50 -25.02
N LYS G 33 15.55 10.61 -24.10
CA LYS G 33 15.26 10.61 -22.67
C LYS G 33 14.97 12.01 -22.19
N LYS G 34 13.82 12.27 -21.61
CA LYS G 34 13.47 13.61 -21.15
C LYS G 34 13.70 13.58 -19.65
N ILE G 35 14.53 14.47 -19.14
CA ILE G 35 14.94 14.48 -17.72
C ILE G 35 14.77 15.86 -17.12
N ARG G 36 14.04 15.93 -16.02
CA ARG G 36 13.70 17.17 -15.32
C ARG G 36 14.77 17.34 -14.28
N LEU G 37 15.50 18.45 -14.35
CA LEU G 37 16.58 18.68 -13.41
C LEU G 37 16.24 19.48 -12.17
N GLU G 38 16.80 18.98 -11.07
CA GLU G 38 16.65 19.52 -9.73
C GLU G 38 17.27 20.93 -9.79
N SER G 39 16.51 21.90 -9.33
CA SER G 39 17.01 23.23 -9.03
C SER G 39 18.31 23.17 -8.26
N GLU G 40 19.24 24.05 -8.53
CA GLU G 40 20.56 23.99 -7.90
C GLU G 40 20.86 25.26 -7.15
N GLU G 41 21.85 25.18 -6.28
CA GLU G 41 22.22 26.29 -5.43
C GLU G 41 23.03 27.32 -6.25
N GLU G 42 23.06 28.53 -5.74
CA GLU G 42 23.74 29.70 -6.28
C GLU G 42 25.08 29.47 -6.96
N GLY G 43 26.12 29.24 -6.17
CA GLY G 43 27.46 29.00 -6.68
C GLY G 43 27.52 27.61 -7.28
N VAL G 44 27.20 26.62 -6.45
CA VAL G 44 27.31 25.21 -6.81
C VAL G 44 26.98 24.93 -8.29
N PRO G 45 28.01 24.73 -9.11
CA PRO G 45 27.75 24.36 -10.50
C PRO G 45 27.51 22.87 -10.59
N SER G 46 26.66 22.49 -11.52
CA SER G 46 26.20 21.11 -11.61
C SER G 46 27.25 20.20 -12.26
N THR G 47 27.78 19.30 -11.43
CA THR G 47 28.64 18.20 -11.90
C THR G 47 27.91 17.21 -12.79
N ALA G 48 26.61 17.03 -12.57
CA ALA G 48 25.76 16.16 -13.40
C ALA G 48 25.90 16.50 -14.90
N ILE G 49 25.77 17.76 -15.26
CA ILE G 49 25.94 18.14 -16.65
C ILE G 49 27.39 17.96 -17.08
N ARG G 50 28.35 18.40 -16.25
CA ARG G 50 29.80 18.24 -16.56
C ARG G 50 30.06 16.83 -17.08
N GLU G 51 29.60 15.86 -16.32
CA GLU G 51 29.69 14.44 -16.71
C GLU G 51 29.06 14.14 -18.06
N ILE G 52 27.83 14.59 -18.27
CA ILE G 52 27.11 14.33 -19.50
C ILE G 52 27.81 14.91 -20.72
N SER G 53 28.25 16.16 -20.60
CA SER G 53 29.14 16.79 -21.58
C SER G 53 30.18 15.78 -22.06
N LEU G 54 30.93 15.24 -21.12
CA LEU G 54 32.02 14.33 -21.42
C LEU G 54 31.61 13.03 -22.08
N LEU G 55 30.45 12.51 -21.70
CA LEU G 55 29.93 11.26 -22.27
C LEU G 55 29.45 11.42 -23.71
N LYS G 56 29.12 12.64 -24.07
CA LYS G 56 28.77 12.95 -25.44
C LYS G 56 29.90 12.60 -26.39
N GLU G 57 31.15 12.75 -25.93
CA GLU G 57 32.33 12.50 -26.78
C GLU G 57 32.36 11.08 -27.30
N LEU G 58 31.96 10.14 -26.45
CA LEU G 58 32.36 8.76 -26.65
C LEU G 58 31.66 8.10 -27.83
N ARG G 59 32.44 7.67 -28.81
CA ARG G 59 31.94 6.88 -29.92
C ARG G 59 32.66 5.57 -29.95
N HIS G 60 31.93 4.53 -30.31
CA HIS G 60 32.47 3.19 -30.44
C HIS G 60 31.29 2.39 -30.99
N PRO G 61 31.56 1.38 -31.81
CA PRO G 61 30.45 0.69 -32.49
C PRO G 61 29.59 -0.14 -31.58
N ASN G 62 30.21 -0.80 -30.61
CA ASN G 62 29.51 -1.46 -29.48
C ASN G 62 29.09 -0.62 -28.27
N ILE G 63 28.87 0.68 -28.44
CA ILE G 63 28.16 1.46 -27.43
C ILE G 63 27.15 2.35 -28.11
N VAL G 64 26.10 2.65 -27.38
CA VAL G 64 25.03 3.47 -27.91
C VAL G 64 25.49 4.92 -27.85
N SER G 65 25.76 5.45 -29.01
CA SER G 65 26.26 6.77 -29.05
C SER G 65 25.16 7.75 -28.63
N LEU G 66 25.56 8.53 -27.63
CA LEU G 66 24.86 9.69 -27.14
C LEU G 66 25.13 10.86 -28.09
N GLN G 67 24.23 11.01 -29.06
CA GLN G 67 24.34 12.02 -30.12
C GLN G 67 24.29 13.49 -29.72
N ASP G 68 23.39 13.86 -28.81
CA ASP G 68 23.16 15.28 -28.52
C ASP G 68 22.63 15.44 -27.12
N VAL G 69 22.69 16.66 -26.61
CA VAL G 69 22.17 17.00 -25.28
C VAL G 69 21.58 18.39 -25.39
N LEU G 70 20.41 18.60 -24.79
CA LEU G 70 19.69 19.85 -25.01
C LEU G 70 19.07 20.34 -23.75
N MET G 71 18.73 21.61 -23.73
CA MET G 71 18.23 22.26 -22.55
C MET G 71 17.00 23.07 -22.90
N GLN G 72 15.88 22.69 -22.30
CA GLN G 72 14.63 23.45 -22.36
C GLN G 72 14.51 24.11 -20.99
N ASP G 73 13.29 24.42 -20.55
CA ASP G 73 13.10 25.11 -19.26
C ASP G 73 13.43 24.14 -18.15
N SER G 74 14.67 24.24 -17.64
CA SER G 74 15.20 23.35 -16.59
C SER G 74 15.04 21.82 -16.85
N ARG G 75 14.82 21.43 -18.11
CA ARG G 75 14.84 20.02 -18.47
C ARG G 75 15.76 19.69 -19.63
N LEU G 76 16.16 18.43 -19.64
CA LEU G 76 17.34 17.96 -20.28
C LEU G 76 16.98 16.81 -21.17
N TYR G 77 17.37 16.91 -22.43
CA TYR G 77 17.01 15.90 -23.38
C TYR G 77 18.21 15.14 -23.78
N LEU G 78 18.23 13.84 -23.55
CA LEU G 78 19.34 13.03 -24.01
C LEU G 78 18.99 12.35 -25.29
N ILE G 79 19.70 12.63 -26.36
CA ILE G 79 19.37 12.06 -27.64
C ILE G 79 20.29 10.93 -27.96
N PHE G 80 19.71 9.74 -28.11
CA PHE G 80 20.44 8.54 -28.51
C PHE G 80 19.92 7.99 -29.84
N GLU G 81 20.73 7.15 -30.53
CA GLU G 81 20.26 6.42 -31.73
C GLU G 81 19.18 5.42 -31.32
N PHE G 82 18.21 5.17 -32.18
CA PHE G 82 17.08 4.34 -31.71
C PHE G 82 17.25 2.92 -31.26
N LEU G 83 17.10 1.93 -32.10
CA LEU G 83 17.14 0.56 -31.60
C LEU G 83 15.89 0.04 -30.85
N SER G 84 14.66 -1.24 -32.44
CA SER G 84 13.65 -1.52 -31.42
C SER G 84 13.98 -2.68 -30.51
N MET G 85 15.22 -3.19 -30.40
CA MET G 85 15.43 -4.44 -29.72
C MET G 85 16.44 -4.29 -28.61
N ASP G 86 16.22 -5.04 -27.54
CA ASP G 86 17.24 -5.23 -26.52
C ASP G 86 17.31 -6.69 -26.16
N LEU G 87 18.31 -7.02 -25.39
CA LEU G 87 18.62 -8.40 -25.17
C LEU G 87 17.66 -9.13 -24.24
N LYS G 88 17.14 -8.42 -23.24
CA LYS G 88 16.09 -8.96 -22.42
C LYS G 88 14.91 -9.43 -23.27
N LYS G 89 14.44 -8.51 -24.09
CA LYS G 89 13.37 -8.73 -25.03
C LYS G 89 13.75 -9.90 -25.90
N TYR G 90 14.94 -9.89 -26.48
CA TYR G 90 15.40 -10.97 -27.34
C TYR G 90 15.27 -12.33 -26.64
N LEU G 91 15.89 -12.43 -25.47
CA LEU G 91 15.90 -13.70 -24.74
C LEU G 91 14.48 -14.22 -24.49
N ASP G 92 13.57 -13.31 -24.14
CA ASP G 92 12.18 -13.66 -23.92
C ASP G 92 11.52 -14.28 -25.14
N SER G 93 11.89 -13.79 -26.32
CA SER G 93 11.32 -14.25 -27.60
C SER G 93 11.76 -15.65 -28.03
N ILE G 94 12.69 -16.27 -27.30
CA ILE G 94 13.18 -17.61 -27.67
C ILE G 94 12.17 -18.65 -27.25
N PRO G 95 11.75 -19.51 -28.21
CA PRO G 95 10.75 -20.52 -27.85
C PRO G 95 11.31 -21.55 -26.88
N PRO G 96 10.43 -22.15 -26.08
CA PRO G 96 10.92 -23.06 -25.05
C PRO G 96 11.47 -24.36 -25.66
N GLY G 97 12.57 -24.87 -25.10
CA GLY G 97 13.26 -26.04 -25.64
C GLY G 97 14.44 -25.68 -26.52
N GLN G 98 14.39 -24.52 -27.19
CA GLN G 98 15.53 -23.97 -27.95
C GLN G 98 16.45 -23.10 -27.11
N TYR G 99 17.67 -22.92 -27.61
CA TYR G 99 18.66 -22.09 -26.94
C TYR G 99 19.30 -21.21 -27.95
N MET G 100 19.99 -20.20 -27.44
CA MET G 100 20.70 -19.25 -28.27
C MET G 100 21.89 -19.97 -28.86
N ASP G 101 22.03 -19.86 -30.18
CA ASP G 101 23.08 -20.57 -30.90
C ASP G 101 24.45 -20.20 -30.31
N SER G 102 25.20 -21.19 -29.84
CA SER G 102 26.37 -20.93 -28.97
C SER G 102 27.46 -20.05 -29.57
N SER G 103 27.50 -19.99 -30.89
CA SER G 103 28.41 -19.11 -31.60
C SER G 103 27.88 -17.69 -31.62
N LEU G 104 26.55 -17.53 -31.54
CA LEU G 104 25.96 -16.18 -31.35
C LEU G 104 26.17 -15.59 -29.94
N VAL G 105 26.10 -16.47 -28.94
CA VAL G 105 26.49 -16.16 -27.58
C VAL G 105 27.89 -15.55 -27.57
N LYS G 106 28.82 -16.33 -28.13
CA LYS G 106 30.22 -15.97 -28.22
C LYS G 106 30.42 -14.65 -28.94
N SER G 107 29.80 -14.50 -30.11
CA SER G 107 29.72 -13.22 -30.79
C SER G 107 29.30 -12.11 -29.83
N TYR G 108 28.13 -12.29 -29.22
CA TYR G 108 27.55 -11.24 -28.38
C TYR G 108 28.43 -10.86 -27.21
N LEU G 109 28.97 -11.85 -26.52
CA LEU G 109 29.86 -11.57 -25.40
C LEU G 109 31.08 -10.71 -25.78
N TYR G 110 31.71 -11.06 -26.90
CA TYR G 110 32.89 -10.35 -27.40
C TYR G 110 32.57 -8.89 -27.66
N GLN G 111 31.43 -8.69 -28.30
CA GLN G 111 30.98 -7.35 -28.61
C GLN G 111 30.74 -6.54 -27.34
N ILE G 112 30.09 -7.17 -26.36
CA ILE G 112 29.84 -6.58 -25.04
C ILE G 112 31.16 -6.24 -24.33
N LEU G 113 32.09 -7.20 -24.34
CA LEU G 113 33.45 -6.93 -23.82
C LEU G 113 34.15 -5.77 -24.49
N GLN G 114 34.03 -5.70 -25.80
CA GLN G 114 34.67 -4.59 -26.51
C GLN G 114 34.16 -3.23 -26.08
N GLY G 115 32.84 -3.12 -25.92
CA GLY G 115 32.22 -1.86 -25.54
C GLY G 115 32.67 -1.45 -24.16
N ILE G 116 32.85 -2.44 -23.27
CA ILE G 116 33.18 -2.13 -21.88
C ILE G 116 34.65 -1.76 -21.73
N VAL G 117 35.48 -2.53 -22.42
CA VAL G 117 36.89 -2.24 -22.51
C VAL G 117 37.08 -0.81 -23.02
N PHE G 118 36.33 -0.39 -24.03
CA PHE G 118 36.39 1.00 -24.50
C PHE G 118 36.03 1.99 -23.40
N CYS G 119 34.93 1.70 -22.70
CA CYS G 119 34.46 2.57 -21.64
C CYS G 119 35.48 2.69 -20.55
N HIS G 120 36.22 1.62 -20.32
CA HIS G 120 36.97 1.48 -19.09
C HIS G 120 38.32 2.17 -18.90
N SER G 121 39.37 1.93 -19.66
CA SER G 121 39.78 2.60 -20.95
C SER G 121 39.61 4.10 -20.96
N ARG G 122 38.37 4.59 -20.97
CA ARG G 122 38.11 6.01 -20.87
C ARG G 122 37.73 6.52 -19.46
N ARG G 123 38.08 5.75 -18.43
CA ARG G 123 37.79 6.04 -17.01
C ARG G 123 36.30 5.91 -16.63
N VAL G 124 35.49 5.28 -17.47
CA VAL G 124 34.02 5.34 -17.35
C VAL G 124 33.46 3.99 -17.04
N LEU G 125 32.54 3.90 -16.07
CA LEU G 125 31.85 2.64 -15.76
C LEU G 125 30.42 2.64 -16.22
N HIS G 126 29.85 1.43 -16.20
CA HIS G 126 28.40 1.28 -16.20
C HIS G 126 27.80 1.27 -14.81
N ARG G 127 28.09 0.22 -14.05
CA ARG G 127 27.55 -0.05 -12.69
C ARG G 127 26.25 -0.80 -12.67
N ASP G 128 25.26 -0.25 -13.39
CA ASP G 128 23.93 -0.86 -13.43
C ASP G 128 23.75 -1.72 -14.69
N LEU G 129 24.74 -2.54 -14.99
CA LEU G 129 24.72 -3.27 -16.25
C LEU G 129 23.78 -4.44 -16.19
N LYS G 130 23.09 -4.69 -17.30
CA LYS G 130 22.05 -5.76 -17.36
C LYS G 130 21.38 -5.89 -18.75
N PRO G 131 20.68 -7.01 -19.03
CA PRO G 131 20.26 -7.26 -20.41
C PRO G 131 19.40 -6.22 -21.08
N GLN G 132 18.49 -5.58 -20.36
N GLN G 132 18.49 -5.60 -20.34
CA GLN G 132 17.73 -4.48 -20.98
CA GLN G 132 17.70 -4.50 -20.92
C GLN G 132 18.59 -3.25 -21.35
C GLN G 132 18.54 -3.19 -21.22
N ASN G 133 19.83 -3.20 -20.88
CA ASN G 133 20.80 -2.17 -21.31
C ASN G 133 21.59 -2.50 -22.57
N LEU G 134 21.57 -3.76 -22.98
CA LEU G 134 22.29 -4.22 -24.16
C LEU G 134 21.36 -4.25 -25.36
N LEU G 135 21.41 -3.18 -26.15
CA LEU G 135 20.55 -3.02 -27.32
C LEU G 135 21.11 -3.74 -28.53
N ILE G 136 20.26 -4.00 -29.54
CA ILE G 136 20.66 -4.66 -30.79
C ILE G 136 20.02 -4.00 -32.00
N ASP G 137 20.78 -3.87 -33.07
CA ASP G 137 20.21 -3.51 -34.38
C ASP G 137 19.89 -4.75 -35.26
N ASP G 138 19.10 -4.51 -36.31
CA ASP G 138 18.87 -5.44 -37.44
C ASP G 138 20.16 -6.04 -38.05
N LYS G 139 21.24 -5.26 -38.03
CA LYS G 139 22.60 -5.71 -38.48
C LYS G 139 23.28 -6.73 -37.55
N GLY G 140 22.63 -7.10 -36.43
CA GLY G 140 23.19 -8.07 -35.50
C GLY G 140 24.35 -7.53 -34.66
N THR G 141 24.39 -6.21 -34.48
CA THR G 141 25.37 -5.58 -33.63
C THR G 141 24.70 -5.31 -32.28
N ILE G 142 25.47 -5.46 -31.20
CA ILE G 142 25.01 -5.26 -29.83
C ILE G 142 25.76 -4.07 -29.20
N LYS G 143 25.07 -3.26 -28.40
CA LYS G 143 25.60 -1.99 -27.93
C LYS G 143 25.19 -1.67 -26.50
N LEU G 144 26.13 -1.21 -25.69
CA LEU G 144 25.83 -0.82 -24.32
C LEU G 144 25.10 0.49 -24.31
N ALA G 145 24.03 0.56 -23.51
CA ALA G 145 23.31 1.81 -23.29
C ALA G 145 23.43 2.20 -21.84
N ASP G 146 23.29 3.50 -21.58
CA ASP G 146 23.34 4.08 -20.24
C ASP G 146 24.69 3.99 -19.46
N PHE G 147 25.78 3.75 -20.17
CA PHE G 147 27.13 3.84 -19.60
C PHE G 147 27.36 5.23 -18.99
N GLY G 148 28.02 5.25 -17.82
CA GLY G 148 28.26 6.42 -16.99
C GLY G 148 27.11 7.30 -16.51
N LEU G 149 25.87 6.90 -16.72
CA LEU G 149 24.77 7.77 -16.32
C LEU G 149 24.59 7.75 -14.84
N ALA G 150 24.80 6.57 -14.24
CA ALA G 150 24.75 6.38 -12.76
C ALA G 150 25.62 7.33 -12.01
N ARG G 151 26.89 7.39 -12.44
CA ARG G 151 27.83 8.38 -11.93
C ARG G 151 27.28 9.79 -11.96
N ALA G 152 26.82 10.24 -13.13
CA ALA G 152 26.32 11.61 -13.26
C ALA G 152 25.11 11.96 -12.36
N PHE G 153 24.50 10.97 -11.73
CA PHE G 153 23.34 11.15 -10.85
C PHE G 153 23.44 10.38 -9.48
N GLY G 154 22.97 9.14 -9.37
CA GLY G 154 22.91 8.47 -8.08
C GLY G 154 22.13 7.15 -8.06
N VAL G 159 9.60 2.26 -7.34
CA VAL G 159 10.70 2.75 -6.49
C VAL G 159 11.70 1.61 -6.18
N TYR G 160 11.26 0.63 -5.37
CA TYR G 160 12.16 -0.35 -4.71
C TYR G 160 12.33 -1.74 -5.38
N THR G 161 11.38 -2.19 -6.21
CA THR G 161 11.61 -3.37 -7.09
C THR G 161 12.15 -2.95 -8.48
N HIS G 162 11.93 -1.69 -8.84
CA HIS G 162 12.75 -0.96 -9.83
C HIS G 162 14.24 -1.35 -9.59
N GLU G 163 14.64 -1.35 -8.32
CA GLU G 163 15.93 -1.91 -7.87
C GLU G 163 15.92 -3.46 -7.94
N VAL G 164 15.15 -4.12 -7.05
CA VAL G 164 15.11 -5.62 -6.90
C VAL G 164 14.94 -6.36 -8.23
N VAL G 165 14.86 -6.19 -10.93
CA VAL G 165 15.89 -6.81 -11.77
C VAL G 165 17.28 -6.50 -11.27
N THR G 166 17.54 -5.23 -10.99
CA THR G 166 18.94 -4.76 -11.02
C THR G 166 19.80 -5.65 -10.13
N LEU G 167 19.15 -6.19 -9.07
CA LEU G 167 19.79 -7.08 -8.11
C LEU G 167 20.46 -8.36 -8.60
N TRP G 168 20.02 -8.91 -9.72
CA TRP G 168 20.63 -10.16 -10.17
C TRP G 168 22.03 -10.05 -10.78
N TYR G 169 22.41 -8.84 -11.19
CA TYR G 169 23.61 -8.64 -11.98
C TYR G 169 24.65 -7.83 -11.19
N ARG G 170 24.47 -7.87 -9.88
CA ARG G 170 25.14 -6.97 -9.01
C ARG G 170 26.27 -7.70 -8.32
N SER G 171 27.43 -7.06 -8.21
CA SER G 171 28.63 -7.69 -7.68
C SER G 171 28.55 -7.85 -6.17
N PRO G 172 29.22 -8.86 -5.65
CA PRO G 172 29.21 -9.04 -4.21
C PRO G 172 29.98 -7.99 -3.43
N GLU G 173 30.99 -7.31 -4.05
CA GLU G 173 31.57 -6.08 -3.43
C GLU G 173 30.49 -5.12 -2.98
N VAL G 174 29.63 -4.78 -3.93
CA VAL G 174 28.61 -3.77 -3.71
C VAL G 174 27.58 -4.32 -2.68
N LEU G 175 27.16 -5.57 -2.85
CA LEU G 175 26.24 -6.18 -1.96
C LEU G 175 26.77 -6.20 -0.53
N LEU G 176 28.03 -6.55 -0.35
CA LEU G 176 28.59 -6.62 1.01
C LEU G 176 28.94 -5.27 1.67
N GLY G 177 28.60 -4.18 1.00
CA GLY G 177 28.75 -2.85 1.56
C GLY G 177 30.15 -2.28 1.43
N SER G 178 30.85 -2.73 0.41
CA SER G 178 32.21 -2.37 0.21
C SER G 178 32.34 -0.83 0.07
N ALA G 179 33.33 -0.27 0.76
CA ALA G 179 33.59 1.19 0.78
C ALA G 179 33.74 1.87 -0.61
N ARG G 180 34.51 1.23 -1.50
CA ARG G 180 34.67 1.69 -2.86
C ARG G 180 34.59 0.54 -3.85
N TYR G 181 34.20 0.83 -5.09
CA TYR G 181 34.10 -0.19 -6.16
C TYR G 181 34.75 0.36 -7.40
N SER G 182 35.03 -0.48 -8.38
CA SER G 182 35.66 0.01 -9.64
C SER G 182 35.27 -0.88 -10.80
N THR G 183 36.08 -0.89 -11.87
CA THR G 183 35.75 -1.65 -13.08
C THR G 183 35.36 -3.13 -12.85
N PRO G 184 35.86 -3.76 -11.79
CA PRO G 184 35.38 -5.15 -11.63
C PRO G 184 33.88 -5.35 -11.52
N VAL G 185 33.13 -4.34 -11.09
CA VAL G 185 31.69 -4.55 -11.01
C VAL G 185 31.10 -4.83 -12.38
N ASP G 186 31.58 -4.13 -13.40
CA ASP G 186 31.03 -4.33 -14.74
C ASP G 186 31.34 -5.73 -15.27
N ILE G 187 32.49 -6.29 -14.89
CA ILE G 187 32.92 -7.61 -15.34
C ILE G 187 32.08 -8.69 -14.65
N TRP G 188 31.77 -8.47 -13.39
CA TRP G 188 30.84 -9.33 -12.68
C TRP G 188 29.50 -9.38 -13.36
N SER G 189 28.91 -8.22 -13.57
CA SER G 189 27.65 -8.15 -14.27
C SER G 189 27.75 -8.90 -15.62
N ILE G 190 28.85 -8.67 -16.37
CA ILE G 190 28.97 -9.33 -17.68
C ILE G 190 29.06 -10.85 -17.57
N GLY G 191 29.67 -11.34 -16.49
CA GLY G 191 29.73 -12.78 -16.26
C GLY G 191 28.32 -13.36 -16.08
N THR G 192 27.51 -12.65 -15.28
CA THR G 192 26.14 -13.09 -14.93
C THR G 192 25.30 -13.06 -16.20
N ILE G 193 25.53 -12.04 -17.04
CA ILE G 193 24.84 -11.93 -18.31
C ILE G 193 25.29 -13.02 -19.28
N PHE G 194 26.58 -13.38 -19.24
CA PHE G 194 27.10 -14.45 -20.06
C PHE G 194 26.37 -15.79 -19.77
N ALA G 195 26.24 -16.11 -18.50
CA ALA G 195 25.54 -17.32 -18.11
C ALA G 195 24.07 -17.41 -18.62
N GLU G 196 23.42 -16.25 -18.64
CA GLU G 196 22.03 -16.11 -19.06
C GLU G 196 21.86 -16.26 -20.55
N LEU G 197 22.81 -15.72 -21.30
CA LEU G 197 22.83 -15.91 -22.74
C LEU G 197 22.82 -17.38 -23.11
N ALA G 198 23.51 -18.20 -22.31
CA ALA G 198 23.63 -19.61 -22.60
C ALA G 198 22.33 -20.29 -22.25
N THR G 199 21.93 -20.08 -21.00
CA THR G 199 20.84 -20.84 -20.38
C THR G 199 19.43 -20.29 -20.60
N LYS G 200 19.35 -19.02 -21.01
CA LYS G 200 18.09 -18.24 -20.99
C LYS G 200 17.65 -17.80 -19.58
N LYS G 201 18.16 -18.42 -18.52
CA LYS G 201 17.79 -18.08 -17.15
C LYS G 201 18.81 -17.15 -16.48
N PRO G 202 18.34 -16.21 -15.65
CA PRO G 202 19.24 -15.53 -14.75
C PRO G 202 20.01 -16.48 -13.87
N LEU G 203 21.26 -16.17 -13.59
CA LEU G 203 22.12 -17.11 -12.92
C LEU G 203 21.91 -17.09 -11.44
N PHE G 204 21.88 -15.89 -10.93
CA PHE G 204 21.68 -15.63 -9.53
C PHE G 204 20.37 -14.85 -9.37
N HIS G 205 19.27 -15.56 -9.12
CA HIS G 205 17.91 -15.04 -9.27
C HIS G 205 17.31 -14.65 -7.92
N GLY G 206 17.94 -13.73 -7.19
CA GLY G 206 17.59 -13.47 -5.81
C GLY G 206 16.41 -12.55 -5.64
N ASP G 207 15.74 -12.69 -4.51
CA ASP G 207 14.52 -11.93 -4.19
C ASP G 207 14.82 -10.66 -3.40
N SER G 208 16.05 -10.58 -2.89
CA SER G 208 16.48 -9.48 -2.04
C SER G 208 17.98 -9.44 -2.07
N GLU G 209 18.53 -8.37 -1.54
CA GLU G 209 19.96 -8.26 -1.44
C GLU G 209 20.54 -9.46 -0.76
N ILE G 210 19.99 -9.78 0.39
CA ILE G 210 20.54 -10.86 1.20
C ILE G 210 20.38 -12.22 0.53
N ASP G 211 19.24 -12.43 -0.11
CA ASP G 211 19.01 -13.64 -0.86
C ASP G 211 19.91 -13.70 -2.07
N GLN G 212 20.16 -12.57 -2.71
CA GLN G 212 21.16 -12.52 -3.77
C GLN G 212 22.53 -13.00 -3.33
N LEU G 213 22.98 -12.52 -2.17
CA LEU G 213 24.26 -12.97 -1.65
C LEU G 213 24.26 -14.47 -1.46
N PHE G 214 23.20 -14.96 -0.84
CA PHE G 214 23.12 -16.37 -0.54
C PHE G 214 23.09 -17.20 -1.81
N ARG G 215 22.46 -16.70 -2.86
CA ARG G 215 22.42 -17.46 -4.08
C ARG G 215 23.79 -17.61 -4.64
N ILE G 216 24.50 -16.50 -4.68
CA ILE G 216 25.89 -16.48 -5.12
C ILE G 216 26.73 -17.45 -4.30
N PHE G 217 26.64 -17.35 -2.98
CA PHE G 217 27.45 -18.22 -2.14
C PHE G 217 27.09 -19.71 -2.40
N ARG G 218 25.81 -20.06 -2.56
CA ARG G 218 25.42 -21.49 -2.74
C ARG G 218 26.13 -22.08 -3.93
N ALA G 219 26.38 -21.25 -4.95
CA ALA G 219 27.08 -21.66 -6.16
C ALA G 219 28.62 -21.56 -6.15
N LEU G 220 29.15 -20.53 -5.48
CA LEU G 220 30.59 -20.23 -5.52
C LEU G 220 31.35 -20.54 -4.22
N GLY G 221 30.57 -20.82 -3.18
CA GLY G 221 31.08 -21.05 -1.87
C GLY G 221 31.01 -19.78 -1.07
N THR G 222 30.83 -19.92 0.21
CA THR G 222 30.86 -18.77 1.10
C THR G 222 32.27 -18.20 1.25
N PRO G 223 32.43 -16.90 0.98
CA PRO G 223 33.74 -16.34 1.06
C PRO G 223 34.20 -16.12 2.50
N ASN G 224 35.52 -16.19 2.61
CA ASN G 224 36.34 -15.84 3.77
C ASN G 224 37.56 -15.08 3.28
N ASN G 225 38.47 -14.80 4.19
CA ASN G 225 39.68 -14.09 3.82
C ASN G 225 40.66 -14.88 2.96
N GLU G 226 40.71 -16.21 3.09
CA GLU G 226 41.55 -17.05 2.18
C GLU G 226 41.28 -16.74 0.73
N VAL G 227 40.00 -16.72 0.37
CA VAL G 227 39.60 -16.64 -1.03
C VAL G 227 39.40 -15.21 -1.46
N TRP G 228 39.12 -14.34 -0.50
CA TRP G 228 38.86 -12.94 -0.76
C TRP G 228 39.49 -12.11 0.35
N PRO G 229 40.71 -11.60 0.10
CA PRO G 229 41.35 -10.89 1.20
C PRO G 229 40.63 -9.62 1.63
N GLU G 230 40.66 -9.43 2.96
CA GLU G 230 39.92 -8.41 3.69
C GLU G 230 38.41 -8.50 3.68
N VAL G 231 37.85 -9.59 3.15
CA VAL G 231 36.38 -9.67 3.01
C VAL G 231 35.64 -9.56 4.35
N GLU G 232 36.19 -10.16 5.40
CA GLU G 232 35.51 -10.27 6.68
C GLU G 232 35.43 -8.94 7.41
N SER G 233 36.10 -7.93 6.84
CA SER G 233 36.08 -6.52 7.31
C SER G 233 34.99 -5.65 6.68
N LEU G 234 34.29 -6.17 5.70
CA LEU G 234 33.20 -5.42 5.07
C LEU G 234 32.03 -5.27 6.04
N GLN G 235 31.29 -4.18 5.86
CA GLN G 235 30.30 -3.72 6.85
C GLN G 235 29.17 -4.72 7.08
N ASP G 236 28.79 -5.37 5.99
CA ASP G 236 27.75 -6.36 5.99
C ASP G 236 28.28 -7.80 5.85
N TYR G 237 29.57 -8.04 6.06
CA TYR G 237 30.03 -9.43 6.16
C TYR G 237 29.56 -9.92 7.52
N LYS G 238 29.33 -11.22 7.63
CA LYS G 238 29.07 -11.84 8.94
C LYS G 238 29.56 -13.25 8.96
N ASN G 239 30.04 -13.64 10.13
CA ASN G 239 30.58 -14.97 10.32
C ASN G 239 29.48 -15.97 10.49
N THR G 240 28.24 -15.50 10.51
CA THR G 240 27.07 -16.35 10.72
C THR G 240 26.45 -16.84 9.41
N PHE G 241 26.93 -16.32 8.28
CA PHE G 241 26.48 -16.74 6.95
C PHE G 241 26.48 -18.26 6.83
N PRO G 242 25.56 -18.81 6.01
CA PRO G 242 25.67 -20.23 5.75
C PRO G 242 26.98 -20.54 5.03
N LYS G 243 27.50 -21.74 5.30
CA LYS G 243 28.83 -22.23 4.89
C LYS G 243 28.71 -23.29 3.80
N TRP G 244 28.70 -22.80 2.56
CA TRP G 244 28.73 -23.61 1.37
C TRP G 244 30.17 -23.69 0.86
N LYS G 245 30.57 -24.90 0.46
CA LYS G 245 31.80 -25.12 -0.26
C LYS G 245 31.65 -24.61 -1.69
N PRO G 246 32.74 -24.38 -2.41
CA PRO G 246 32.61 -24.24 -3.86
C PRO G 246 32.32 -25.63 -4.46
N GLY G 247 31.28 -25.84 -5.27
CA GLY G 247 30.70 -24.83 -6.16
C GLY G 247 31.60 -24.83 -7.38
N SER G 248 31.53 -25.80 -8.32
CA SER G 248 30.34 -26.50 -8.79
C SER G 248 29.50 -25.49 -9.56
N LEU G 249 30.07 -25.09 -10.70
CA LEU G 249 29.53 -24.04 -11.56
C LEU G 249 28.97 -24.56 -12.89
N ALA G 250 29.68 -25.49 -13.54
CA ALA G 250 29.10 -26.22 -14.69
C ALA G 250 27.74 -26.83 -14.33
N SER G 251 27.66 -27.28 -13.08
CA SER G 251 26.42 -27.64 -12.41
C SER G 251 25.30 -26.65 -12.74
N HIS G 252 25.59 -25.37 -12.49
CA HIS G 252 24.60 -24.28 -12.63
C HIS G 252 24.41 -23.74 -14.06
N VAL G 253 25.06 -24.33 -15.08
CA VAL G 253 24.95 -23.77 -16.43
C VAL G 253 25.36 -24.74 -17.53
N LYS G 254 24.51 -24.87 -18.55
CA LYS G 254 24.77 -25.69 -19.73
C LYS G 254 24.91 -24.84 -21.00
N ASN G 255 25.49 -25.48 -22.03
CA ASN G 255 25.80 -24.89 -23.35
C ASN G 255 27.04 -24.04 -23.39
N LEU G 256 28.07 -24.47 -22.66
CA LEU G 256 29.40 -23.85 -22.77
C LEU G 256 30.48 -24.91 -22.74
N ASP G 257 31.37 -24.88 -23.73
CA ASP G 257 32.58 -25.71 -23.67
C ASP G 257 33.40 -25.33 -22.44
N GLU G 258 34.42 -26.12 -22.14
CA GLU G 258 35.28 -25.83 -20.98
C GLU G 258 35.88 -24.43 -20.93
N ASN G 259 36.12 -23.87 -22.10
CA ASN G 259 36.56 -22.48 -22.25
C ASN G 259 35.57 -21.48 -21.72
N GLY G 260 34.33 -21.61 -22.17
CA GLY G 260 33.26 -20.78 -21.66
C GLY G 260 33.20 -20.83 -20.16
N LEU G 261 33.21 -22.04 -19.60
CA LEU G 261 33.04 -22.22 -18.15
C LEU G 261 34.19 -21.57 -17.36
N ASP G 262 35.37 -21.67 -17.96
CA ASP G 262 36.58 -21.14 -17.40
C ASP G 262 36.54 -19.62 -17.41
N LEU G 263 36.29 -19.06 -18.59
CA LEU G 263 36.17 -17.61 -18.73
C LEU G 263 35.20 -17.06 -17.70
N LEU G 264 34.02 -17.69 -17.68
CA LEU G 264 32.95 -17.38 -16.77
C LEU G 264 33.41 -17.43 -15.34
N SER G 265 34.10 -18.49 -14.97
CA SER G 265 34.60 -18.60 -13.62
C SER G 265 35.50 -17.42 -13.25
N LYS G 266 36.27 -16.96 -14.22
CA LYS G 266 37.19 -15.85 -14.00
C LYS G 266 36.52 -14.51 -13.93
N MET G 267 35.38 -14.37 -14.60
CA MET G 267 34.54 -13.19 -14.41
C MET G 267 33.88 -13.13 -13.05
N LEU G 268 33.76 -14.25 -12.35
CA LEU G 268 33.03 -14.31 -11.08
C LEU G 268 33.93 -14.61 -9.90
N ILE G 269 35.19 -14.22 -10.01
CA ILE G 269 36.09 -14.29 -8.89
C ILE G 269 35.63 -13.24 -7.89
N TYR G 270 35.62 -13.61 -6.62
CA TYR G 270 35.15 -12.76 -5.55
C TYR G 270 36.02 -11.53 -5.43
N ASP G 271 37.27 -11.74 -5.09
CA ASP G 271 38.29 -10.68 -4.96
C ASP G 271 38.36 -9.86 -6.25
N PRO G 272 38.00 -8.56 -6.18
CA PRO G 272 37.93 -7.71 -7.38
C PRO G 272 39.31 -7.41 -8.00
N ALA G 273 40.32 -7.30 -7.14
CA ALA G 273 41.72 -7.13 -7.60
C ALA G 273 42.14 -8.30 -8.44
N LYS G 274 41.56 -9.48 -8.16
CA LYS G 274 41.92 -10.74 -8.81
C LYS G 274 40.97 -11.15 -9.95
N ARG G 275 39.88 -10.43 -10.09
CA ARG G 275 38.92 -10.79 -11.11
C ARG G 275 39.52 -10.37 -12.42
N ILE G 276 39.21 -11.15 -13.45
CA ILE G 276 39.60 -10.84 -14.80
C ILE G 276 39.20 -9.42 -15.20
N SER G 277 40.00 -8.86 -16.10
CA SER G 277 39.75 -7.56 -16.66
C SER G 277 39.03 -7.75 -17.97
N GLY G 278 38.44 -6.68 -18.47
CA GLY G 278 37.86 -6.69 -19.80
C GLY G 278 38.82 -7.11 -20.89
N LYS G 279 40.05 -6.56 -20.86
CA LYS G 279 41.10 -6.82 -21.89
C LYS G 279 41.55 -8.26 -21.94
N MET G 280 41.88 -8.81 -20.78
CA MET G 280 42.25 -10.22 -20.68
C MET G 280 41.15 -11.15 -21.21
N ALA G 281 39.91 -10.88 -20.78
CA ALA G 281 38.77 -11.65 -21.21
C ALA G 281 38.70 -11.72 -22.73
N LEU G 282 38.98 -10.62 -23.43
CA LEU G 282 39.05 -10.69 -24.88
C LEU G 282 40.08 -11.66 -25.47
N ASN G 283 41.06 -12.11 -24.66
CA ASN G 283 42.09 -13.06 -25.13
C ASN G 283 41.85 -14.50 -24.72
N HIS G 284 40.74 -14.77 -24.04
CA HIS G 284 40.44 -16.15 -23.62
C HIS G 284 40.22 -17.12 -24.80
N PRO G 285 40.76 -18.36 -24.70
CA PRO G 285 40.60 -19.38 -25.77
C PRO G 285 39.17 -19.53 -26.38
N TYR G 286 38.16 -19.38 -25.51
CA TYR G 286 36.76 -19.23 -25.88
C TYR G 286 36.53 -18.46 -27.17
N PHE G 287 37.15 -17.30 -27.31
CA PHE G 287 37.05 -16.55 -28.55
C PHE G 287 38.12 -17.00 -29.51
N ASN G 288 37.83 -18.06 -30.25
CA ASN G 288 38.65 -18.38 -31.40
C ASN G 288 37.82 -18.57 -32.65
N ASP G 289 36.58 -18.08 -32.66
CA ASP G 289 35.70 -18.32 -33.78
C ASP G 289 34.58 -17.28 -33.82
N GLN H 5 1.15 -8.42 3.43
CA GLN H 5 1.37 -9.75 4.12
C GLN H 5 2.79 -10.32 4.00
N ILE H 6 3.11 -11.20 4.92
CA ILE H 6 4.46 -11.69 5.12
C ILE H 6 4.88 -12.76 4.10
N TYR H 7 6.06 -12.61 3.48
CA TYR H 7 6.59 -13.60 2.53
C TYR H 7 7.58 -14.51 3.26
N TYR H 8 7.52 -15.80 2.94
CA TYR H 8 8.38 -16.82 3.56
C TYR H 8 9.18 -17.48 2.44
N SER H 9 10.52 -17.55 2.59
CA SER H 9 11.38 -18.05 1.50
C SER H 9 11.26 -19.53 1.52
N ASP H 10 11.66 -20.14 0.41
CA ASP H 10 11.99 -21.55 0.45
C ASP H 10 13.11 -21.78 1.44
N LYS H 11 13.33 -23.03 1.77
CA LYS H 11 14.36 -23.37 2.73
C LYS H 11 15.63 -23.74 2.00
N TYR H 12 16.74 -23.64 2.73
CA TYR H 12 18.05 -23.97 2.19
C TYR H 12 18.90 -24.48 3.36
N ASP H 13 20.02 -25.13 3.04
CA ASP H 13 20.88 -25.69 4.09
C ASP H 13 22.38 -25.93 3.79
N ASP H 14 23.14 -25.88 4.88
CA ASP H 14 24.52 -26.34 5.00
C ASP H 14 24.55 -27.82 5.17
N GLU H 15 25.74 -28.32 5.50
CA GLU H 15 25.84 -29.56 6.25
C GLU H 15 25.45 -29.39 7.74
N GLU H 16 25.69 -28.21 8.33
CA GLU H 16 25.36 -27.94 9.75
C GLU H 16 23.91 -27.49 10.11
N PHE H 17 23.40 -26.40 9.53
CA PHE H 17 22.04 -25.94 9.80
C PHE H 17 21.12 -26.04 8.61
N GLU H 18 19.83 -25.83 8.87
CA GLU H 18 18.89 -25.44 7.82
C GLU H 18 18.45 -24.05 8.10
N TYR H 19 17.98 -23.43 7.03
CA TYR H 19 17.73 -22.00 7.04
C TYR H 19 16.46 -21.66 6.28
N ARG H 20 15.88 -20.55 6.67
CA ARG H 20 15.06 -19.77 5.75
C ARG H 20 15.05 -18.27 6.16
N HIS H 21 14.52 -17.43 5.27
CA HIS H 21 14.24 -16.04 5.64
C HIS H 21 12.79 -15.63 5.36
N VAL H 22 12.35 -14.61 6.07
CA VAL H 22 11.01 -14.13 6.05
C VAL H 22 11.01 -12.61 5.84
N MET H 23 10.26 -12.16 4.85
CA MET H 23 10.22 -10.76 4.54
C MET H 23 8.96 -10.17 5.15
N LEU H 24 9.15 -9.22 6.08
CA LEU H 24 8.05 -8.45 6.67
C LEU H 24 7.67 -7.26 5.83
N PRO H 25 6.41 -6.82 5.93
CA PRO H 25 5.99 -5.52 5.40
C PRO H 25 6.71 -4.38 6.08
N LYS H 26 6.96 -3.31 5.33
CA LYS H 26 8.06 -2.38 5.63
C LYS H 26 7.96 -1.68 7.00
N ASP H 27 6.96 -0.78 7.06
N ASP H 27 7.33 -0.52 7.20
CA ASP H 27 6.06 -0.46 8.20
CA ASP H 27 7.49 0.07 8.58
C ASP H 27 6.31 -0.95 9.60
C ASP H 27 6.81 -0.83 9.75
N ILE H 28 6.71 -2.19 9.63
CA ILE H 28 6.77 -3.04 10.85
C ILE H 28 8.21 -3.10 11.30
N ALA H 29 9.12 -3.19 10.34
CA ALA H 29 10.56 -3.08 10.60
C ALA H 29 11.05 -1.86 11.39
N LYS H 30 10.25 -0.78 11.45
CA LYS H 30 10.48 0.30 12.46
C LYS H 30 10.71 -0.31 13.86
N LEU H 31 10.05 -1.44 14.10
CA LEU H 31 9.86 -2.00 15.41
C LEU H 31 10.57 -3.32 15.57
N VAL H 32 11.46 -3.67 14.64
CA VAL H 32 12.33 -4.81 14.80
C VAL H 32 13.50 -4.29 15.56
N PRO H 33 13.83 -4.90 16.72
CA PRO H 33 15.00 -4.44 17.49
C PRO H 33 16.26 -4.46 16.64
N LYS H 34 16.99 -3.35 16.69
CA LYS H 34 18.17 -3.17 15.83
C LYS H 34 19.44 -3.68 16.49
N THR H 35 19.53 -3.54 17.80
CA THR H 35 20.73 -3.92 18.52
C THR H 35 20.65 -5.27 19.23
N HIS H 36 19.64 -6.10 18.93
CA HIS H 36 19.62 -7.50 19.39
C HIS H 36 18.70 -8.40 18.58
N LEU H 37 18.98 -9.69 18.64
CA LEU H 37 18.17 -10.72 17.98
C LEU H 37 17.02 -11.15 18.89
N MET H 38 15.99 -11.75 18.29
CA MET H 38 14.68 -11.87 18.89
C MET H 38 14.51 -13.27 19.39
N SER H 39 13.89 -13.39 20.57
CA SER H 39 13.39 -14.67 21.07
C SER H 39 12.25 -15.17 20.20
N GLU H 40 11.90 -16.42 20.42
CA GLU H 40 10.77 -17.02 19.73
C GLU H 40 9.50 -16.21 19.99
N SER H 41 9.20 -15.96 21.26
CA SER H 41 8.10 -15.08 21.61
C SER H 41 8.16 -13.77 20.82
N GLU H 42 9.34 -13.15 20.81
CA GLU H 42 9.50 -11.83 20.16
C GLU H 42 9.09 -11.80 18.67
N TRP H 43 9.55 -12.76 17.88
CA TRP H 43 9.17 -12.79 16.46
C TRP H 43 7.76 -13.32 16.21
N ARG H 44 7.30 -14.28 17.01
CA ARG H 44 5.90 -14.69 16.88
C ARG H 44 4.98 -13.47 16.99
N ASN H 45 5.27 -12.59 17.95
CA ASN H 45 4.51 -11.35 18.15
C ASN H 45 4.39 -10.46 16.95
N LEU H 46 5.37 -10.50 16.08
CA LEU H 46 5.29 -9.79 14.81
C LEU H 46 4.38 -10.47 13.80
N GLY H 47 3.96 -11.69 14.11
CA GLY H 47 3.07 -12.45 13.26
C GLY H 47 3.80 -13.42 12.37
N VAL H 48 4.95 -13.91 12.82
CA VAL H 48 5.68 -14.89 12.05
C VAL H 48 5.20 -16.27 12.48
N GLN H 49 4.89 -17.13 11.51
CA GLN H 49 4.27 -18.46 11.73
C GLN H 49 5.15 -19.54 11.10
N GLN H 50 5.63 -20.42 11.97
CA GLN H 50 6.72 -21.34 11.72
C GLN H 50 6.76 -22.40 12.85
N SER H 51 7.37 -23.57 12.61
CA SER H 51 7.57 -24.55 13.68
C SER H 51 8.59 -24.10 14.74
N GLN H 52 8.70 -24.91 15.79
CA GLN H 52 9.60 -24.59 16.92
C GLN H 52 11.08 -24.60 16.55
N GLY H 53 11.87 -23.94 17.38
CA GLY H 53 13.31 -24.01 17.32
C GLY H 53 14.01 -23.33 16.16
N TRP H 54 13.29 -22.57 15.32
CA TRP H 54 13.94 -21.68 14.37
C TRP H 54 14.49 -20.56 15.20
N VAL H 55 15.73 -20.17 14.91
CA VAL H 55 16.44 -19.13 15.67
C VAL H 55 16.75 -17.94 14.79
N HIS H 56 16.32 -16.77 15.26
CA HIS H 56 16.73 -15.52 14.63
C HIS H 56 18.23 -15.41 14.89
N TYR H 57 19.02 -15.51 13.82
CA TYR H 57 20.46 -15.68 13.96
C TYR H 57 21.32 -14.56 13.40
N MET H 58 20.79 -13.67 12.58
CA MET H 58 21.55 -12.48 12.11
C MET H 58 20.65 -11.42 11.51
N ILE H 59 21.24 -10.24 11.28
CA ILE H 59 20.56 -9.11 10.67
C ILE H 59 21.39 -8.67 9.49
N HIS H 60 20.74 -8.50 8.34
CA HIS H 60 21.34 -7.74 7.27
C HIS H 60 20.97 -6.25 7.45
N GLU H 61 21.91 -5.40 7.91
CA GLU H 61 21.53 -4.02 8.33
C GLU H 61 20.82 -3.17 7.27
N PRO H 62 21.19 -3.33 5.99
CA PRO H 62 20.43 -2.59 5.00
C PRO H 62 19.05 -3.14 4.63
N GLU H 63 18.68 -4.33 5.11
CA GLU H 63 17.34 -4.91 4.86
C GLU H 63 16.80 -5.44 6.18
N PRO H 64 16.49 -4.51 7.08
CA PRO H 64 16.14 -4.88 8.44
C PRO H 64 14.79 -5.57 8.58
N HIS H 65 13.97 -5.46 7.55
CA HIS H 65 12.69 -6.18 7.47
C HIS H 65 12.80 -7.63 7.08
N ILE H 66 14.00 -8.14 6.87
CA ILE H 66 14.16 -9.52 6.44
C ILE H 66 14.70 -10.34 7.59
N LEU H 67 13.87 -11.21 8.14
CA LEU H 67 14.26 -11.94 9.32
C LEU H 67 14.92 -13.21 8.86
N LEU H 68 16.08 -13.51 9.45
CA LEU H 68 16.89 -14.63 9.01
C LEU H 68 16.89 -15.69 10.09
N PHE H 69 16.59 -16.89 9.64
CA PHE H 69 16.33 -17.96 10.52
C PHE H 69 17.13 -19.15 10.16
N ARG H 70 17.40 -19.94 11.19
CA ARG H 70 18.34 -21.01 11.12
C ARG H 70 18.02 -21.97 12.20
N ARG H 71 18.15 -23.24 11.89
CA ARG H 71 17.88 -24.28 12.84
C ARG H 71 18.83 -25.45 12.59
N PRO H 72 19.46 -26.00 13.67
CA PRO H 72 20.33 -27.16 13.50
C PRO H 72 19.69 -28.39 12.89
N LEU H 73 20.50 -29.24 12.30
CA LEU H 73 20.07 -30.52 11.80
C LEU H 73 20.40 -31.61 12.82
N PRO H 74 20.02 -32.88 12.52
CA PRO H 74 20.60 -34.09 13.12
C PRO H 74 22.10 -34.02 13.44
#